data_4GVC
# 
_entry.id   4GVC 
# 
_audit_conform.dict_name       mmcif_pdbx.dic 
_audit_conform.dict_version    5.399 
_audit_conform.dict_location   http://mmcif.pdb.org/dictionaries/ascii/mmcif_pdbx.dic 
# 
loop_
_database_2.database_id 
_database_2.database_code 
_database_2.pdbx_database_accession 
_database_2.pdbx_DOI 
PDB   4GVC         pdb_00004gvc 10.2210/pdb4gvc/pdb 
RCSB  RCSB074678   ?            ?                   
WWPDB D_1000074678 ?            ?                   
# 
loop_
_pdbx_audit_revision_history.ordinal 
_pdbx_audit_revision_history.data_content_type 
_pdbx_audit_revision_history.major_revision 
_pdbx_audit_revision_history.minor_revision 
_pdbx_audit_revision_history.revision_date 
1 'Structure model' 1 0 2013-03-13 
2 'Structure model' 1 1 2015-05-27 
3 'Structure model' 1 2 2023-09-13 
4 'Structure model' 1 3 2023-12-06 
5 'Structure model' 1 4 2024-11-27 
# 
_pdbx_audit_revision_details.ordinal             1 
_pdbx_audit_revision_details.revision_ordinal    1 
_pdbx_audit_revision_details.data_content_type   'Structure model' 
_pdbx_audit_revision_details.provider            repository 
_pdbx_audit_revision_details.type                'Initial release' 
_pdbx_audit_revision_details.description         ? 
_pdbx_audit_revision_details.details             ? 
# 
loop_
_pdbx_audit_revision_group.ordinal 
_pdbx_audit_revision_group.revision_ordinal 
_pdbx_audit_revision_group.data_content_type 
_pdbx_audit_revision_group.group 
1 2 'Structure model' 'Database references'    
2 3 'Structure model' 'Data collection'        
3 3 'Structure model' 'Database references'    
4 3 'Structure model' 'Derived calculations'   
5 3 'Structure model' 'Refinement description' 
6 4 'Structure model' 'Data collection'        
7 5 'Structure model' 'Structure summary'      
# 
loop_
_pdbx_audit_revision_category.ordinal 
_pdbx_audit_revision_category.revision_ordinal 
_pdbx_audit_revision_category.data_content_type 
_pdbx_audit_revision_category.category 
1  3 'Structure model' chem_comp_atom                
2  3 'Structure model' chem_comp_bond                
3  3 'Structure model' database_2                    
4  3 'Structure model' pdbx_initial_refinement_model 
5  3 'Structure model' struct_conn                   
6  3 'Structure model' struct_ref_seq_dif            
7  3 'Structure model' struct_site                   
8  4 'Structure model' chem_comp_atom                
9  4 'Structure model' chem_comp_bond                
10 5 'Structure model' pdbx_entry_details            
11 5 'Structure model' pdbx_modification_feature     
# 
loop_
_pdbx_audit_revision_item.ordinal 
_pdbx_audit_revision_item.revision_ordinal 
_pdbx_audit_revision_item.data_content_type 
_pdbx_audit_revision_item.item 
1  3 'Structure model' '_database_2.pdbx_DOI'                         
2  3 'Structure model' '_database_2.pdbx_database_accession'          
3  3 'Structure model' '_struct_conn.pdbx_dist_value'                 
4  3 'Structure model' '_struct_conn.pdbx_leaving_atom_flag'          
5  3 'Structure model' '_struct_conn.ptnr1_auth_comp_id'              
6  3 'Structure model' '_struct_conn.ptnr1_auth_seq_id'               
7  3 'Structure model' '_struct_conn.ptnr1_label_atom_id'             
8  3 'Structure model' '_struct_conn.ptnr1_label_comp_id'             
9  3 'Structure model' '_struct_conn.ptnr1_label_seq_id'              
10 3 'Structure model' '_struct_conn.ptnr2_auth_comp_id'              
11 3 'Structure model' '_struct_conn.ptnr2_auth_seq_id'               
12 3 'Structure model' '_struct_conn.ptnr2_label_asym_id'             
13 3 'Structure model' '_struct_conn.ptnr2_label_atom_id'             
14 3 'Structure model' '_struct_conn.ptnr2_label_comp_id'             
15 3 'Structure model' '_struct_conn.ptnr2_label_seq_id'              
16 3 'Structure model' '_struct_ref_seq_dif.details'                  
17 3 'Structure model' '_struct_site.pdbx_auth_asym_id'               
18 3 'Structure model' '_struct_site.pdbx_auth_comp_id'               
19 3 'Structure model' '_struct_site.pdbx_auth_seq_id'                
20 4 'Structure model' '_chem_comp_atom.atom_id'                      
21 4 'Structure model' '_chem_comp_bond.atom_id_2'                    
22 5 'Structure model' '_pdbx_entry_details.has_protein_modification' 
# 
_pdbx_database_status.status_code                     REL 
_pdbx_database_status.entry_id                        4GVC 
_pdbx_database_status.recvd_initial_deposition_date   2012-08-30 
_pdbx_database_status.deposit_site                    RCSB 
_pdbx_database_status.process_site                    RCSB 
_pdbx_database_status.status_code_sf                  REL 
_pdbx_database_status.status_code_mr                  ? 
_pdbx_database_status.SG_entry                        ? 
_pdbx_database_status.status_code_cs                  ? 
_pdbx_database_status.methods_development_category    ? 
_pdbx_database_status.pdb_format_compatible           Y 
_pdbx_database_status.status_code_nmr_data            ? 
# 
loop_
_pdbx_database_related.db_name 
_pdbx_database_related.db_id 
_pdbx_database_related.details 
_pdbx_database_related.content_type 
PDB 3KZD 'The Tiam1 PDZ domain in apo state'                     unspecified 
PDB 3KZE 'The Tiam1 PDZ domain complexed with model peptide'     unspecified 
PDB 4GVD 'The Tiam1 PDZ domain complexed with Syndecan1 peptide' unspecified 
# 
loop_
_audit_author.name 
_audit_author.pdbx_ordinal 
'Liu, X.'        1 
'Shepherd, T.R.' 2 
'Murray, A.M.'   3 
'Xu, Z.'         4 
'Fuentes, E.J.'  5 
# 
_citation.id                        primary 
_citation.title                     
'The structure of the Tiam1 PDZ domain/ phospho-syndecan1 complex reveals a ligand conformation that modulates protein dynamics.' 
_citation.journal_abbrev            Structure 
_citation.journal_volume            21 
_citation.page_first                342 
_citation.page_last                 354 
_citation.year                      2013 
_citation.journal_id_ASTM           STRUE6 
_citation.country                   UK 
_citation.journal_id_ISSN           0969-2126 
_citation.journal_id_CSD            2005 
_citation.book_publisher            ? 
_citation.pdbx_database_id_PubMed   23395182 
_citation.pdbx_database_id_DOI      10.1016/j.str.2013.01.004 
# 
loop_
_citation_author.citation_id 
_citation_author.name 
_citation_author.ordinal 
_citation_author.identifier_ORCID 
primary 'Liu, X.'        1 ? 
primary 'Shepherd, T.R.' 2 ? 
primary 'Murray, A.M.'   3 ? 
primary 'Xu, Z.'         4 ? 
primary 'Fuentes, E.J.'  5 ? 
# 
loop_
_entity.id 
_entity.type 
_entity.src_method 
_entity.pdbx_description 
_entity.formula_weight 
_entity.pdbx_number_of_molecules 
_entity.pdbx_ec 
_entity.pdbx_mutation 
_entity.pdbx_fragment 
_entity.details 
1 polymer     man 'T-lymphoma invasion and metastasis-inducing protein 1'     10154.440 1  ? ? 'PDZ domain (UNP residues 841-930)' 
? 
2 polymer     syn Syndecan-1                                                  1096.060  1  ? ? 'UNP residues 303-310'              
? 
3 non-polymer syn 'CHLORIDE ION'                                              35.453    2  ? ? ?                                   
? 
4 non-polymer syn '5-(DIMETHYLAMINO)-1-NAPHTHALENESULFONIC ACID(DANSYL ACID)' 251.302   1  ? ? ?                                   
? 
5 non-polymer syn 'SODIUM ION'                                                22.990    1  ? ? ?                                   
? 
6 water       nat water                                                       18.015    96 ? ? ?                                   
? 
# 
loop_
_entity_name_com.entity_id 
_entity_name_com.name 
1 TIAM-1 
2 SYND1  
# 
loop_
_entity_poly.entity_id 
_entity_poly.type 
_entity_poly.nstd_linkage 
_entity_poly.nstd_monomer 
_entity_poly.pdbx_seq_one_letter_code 
_entity_poly.pdbx_seq_one_letter_code_can 
_entity_poly.pdbx_strand_id 
_entity_poly.pdbx_target_identifier 
1 'polypeptide(L)' no no  
;GAMGKVTHSIHIEKSDTAADTYGFSLSSVEEDGIRRLYVNSVKETGLASKKGLKAGDEILEINNRAADALNSSMLKDFLS
QPSLGLLVRTYPEL
;
;GAMGKVTHSIHIEKSDTAADTYGFSLSSVEEDGIRRLYVNSVKETGLASKKGLKAGDEILEINNRAADALNSSMLKDFLS
QPSLGLLVRTYPEL
;
A ? 
2 'polypeptide(L)' no yes 'TKQEEF(PTR)A'                                                                                    
TKQEEFYA                                                                                          B ? 
# 
loop_
_pdbx_entity_nonpoly.entity_id 
_pdbx_entity_nonpoly.name 
_pdbx_entity_nonpoly.comp_id 
3 'CHLORIDE ION'                                              CL  
4 '5-(DIMETHYLAMINO)-1-NAPHTHALENESULFONIC ACID(DANSYL ACID)' ANS 
5 'SODIUM ION'                                                NA  
6 water                                                       HOH 
# 
loop_
_entity_poly_seq.entity_id 
_entity_poly_seq.num 
_entity_poly_seq.mon_id 
_entity_poly_seq.hetero 
1 1  GLY n 
1 2  ALA n 
1 3  MET n 
1 4  GLY n 
1 5  LYS n 
1 6  VAL n 
1 7  THR n 
1 8  HIS n 
1 9  SER n 
1 10 ILE n 
1 11 HIS n 
1 12 ILE n 
1 13 GLU n 
1 14 LYS n 
1 15 SER n 
1 16 ASP n 
1 17 THR n 
1 18 ALA n 
1 19 ALA n 
1 20 ASP n 
1 21 THR n 
1 22 TYR n 
1 23 GLY n 
1 24 PHE n 
1 25 SER n 
1 26 LEU n 
1 27 SER n 
1 28 SER n 
1 29 VAL n 
1 30 GLU n 
1 31 GLU n 
1 32 ASP n 
1 33 GLY n 
1 34 ILE n 
1 35 ARG n 
1 36 ARG n 
1 37 LEU n 
1 38 TYR n 
1 39 VAL n 
1 40 ASN n 
1 41 SER n 
1 42 VAL n 
1 43 LYS n 
1 44 GLU n 
1 45 THR n 
1 46 GLY n 
1 47 LEU n 
1 48 ALA n 
1 49 SER n 
1 50 LYS n 
1 51 LYS n 
1 52 GLY n 
1 53 LEU n 
1 54 LYS n 
1 55 ALA n 
1 56 GLY n 
1 57 ASP n 
1 58 GLU n 
1 59 ILE n 
1 60 LEU n 
1 61 GLU n 
1 62 ILE n 
1 63 ASN n 
1 64 ASN n 
1 65 ARG n 
1 66 ALA n 
1 67 ALA n 
1 68 ASP n 
1 69 ALA n 
1 70 LEU n 
1 71 ASN n 
1 72 SER n 
1 73 SER n 
1 74 MET n 
1 75 LEU n 
1 76 LYS n 
1 77 ASP n 
1 78 PHE n 
1 79 LEU n 
1 80 SER n 
1 81 GLN n 
1 82 PRO n 
1 83 SER n 
1 84 LEU n 
1 85 GLY n 
1 86 LEU n 
1 87 LEU n 
1 88 VAL n 
1 89 ARG n 
1 90 THR n 
1 91 TYR n 
1 92 PRO n 
1 93 GLU n 
1 94 LEU n 
2 1  THR n 
2 2  LYS n 
2 3  GLN n 
2 4  GLU n 
2 5  GLU n 
2 6  PHE n 
2 7  PTR n 
2 8  ALA n 
# 
_entity_src_gen.entity_id                          1 
_entity_src_gen.pdbx_src_id                        1 
_entity_src_gen.pdbx_alt_source_flag               sample 
_entity_src_gen.pdbx_seq_type                      ? 
_entity_src_gen.pdbx_beg_seq_num                   ? 
_entity_src_gen.pdbx_end_seq_num                   ? 
_entity_src_gen.gene_src_common_name               human 
_entity_src_gen.gene_src_genus                     ? 
_entity_src_gen.pdbx_gene_src_gene                 TIAM1 
_entity_src_gen.gene_src_species                   ? 
_entity_src_gen.gene_src_strain                    human 
_entity_src_gen.gene_src_tissue                    ? 
_entity_src_gen.gene_src_tissue_fraction           ? 
_entity_src_gen.gene_src_details                   ? 
_entity_src_gen.pdbx_gene_src_fragment             ? 
_entity_src_gen.pdbx_gene_src_scientific_name      'Homo sapiens' 
_entity_src_gen.pdbx_gene_src_ncbi_taxonomy_id     9606 
_entity_src_gen.pdbx_gene_src_variant              ? 
_entity_src_gen.pdbx_gene_src_cell_line            ? 
_entity_src_gen.pdbx_gene_src_atcc                 ? 
_entity_src_gen.pdbx_gene_src_organ                ? 
_entity_src_gen.pdbx_gene_src_organelle            ? 
_entity_src_gen.pdbx_gene_src_cell                 ? 
_entity_src_gen.pdbx_gene_src_cellular_location    ? 
_entity_src_gen.host_org_common_name               ? 
_entity_src_gen.pdbx_host_org_scientific_name      'Escherichia coli' 
_entity_src_gen.pdbx_host_org_ncbi_taxonomy_id     469008 
_entity_src_gen.host_org_genus                     ? 
_entity_src_gen.pdbx_host_org_gene                 ? 
_entity_src_gen.pdbx_host_org_organ                ? 
_entity_src_gen.host_org_species                   ? 
_entity_src_gen.pdbx_host_org_tissue               ? 
_entity_src_gen.pdbx_host_org_tissue_fraction      ? 
_entity_src_gen.pdbx_host_org_strain               'BL21(DE3)' 
_entity_src_gen.pdbx_host_org_variant              ? 
_entity_src_gen.pdbx_host_org_cell_line            ? 
_entity_src_gen.pdbx_host_org_atcc                 ? 
_entity_src_gen.pdbx_host_org_culture_collection   ? 
_entity_src_gen.pdbx_host_org_cell                 ? 
_entity_src_gen.pdbx_host_org_organelle            ? 
_entity_src_gen.pdbx_host_org_cellular_location    ? 
_entity_src_gen.pdbx_host_org_vector_type          plasmid 
_entity_src_gen.pdbx_host_org_vector               ? 
_entity_src_gen.host_org_details                   ? 
_entity_src_gen.expression_system_id               ? 
_entity_src_gen.plasmid_name                       PET21A-6HIS-rTEV 
_entity_src_gen.plasmid_details                    ? 
_entity_src_gen.pdbx_description                   ? 
# 
_pdbx_entity_src_syn.entity_id              2 
_pdbx_entity_src_syn.pdbx_src_id            1 
_pdbx_entity_src_syn.pdbx_alt_source_flag   sample 
_pdbx_entity_src_syn.pdbx_beg_seq_num       ? 
_pdbx_entity_src_syn.pdbx_end_seq_num       ? 
_pdbx_entity_src_syn.organism_scientific    'Homo sapiens' 
_pdbx_entity_src_syn.organism_common_name   human 
_pdbx_entity_src_syn.ncbi_taxonomy_id       9606 
_pdbx_entity_src_syn.details                ? 
# 
loop_
_chem_comp.id 
_chem_comp.type 
_chem_comp.mon_nstd_flag 
_chem_comp.name 
_chem_comp.pdbx_synonyms 
_chem_comp.formula 
_chem_comp.formula_weight 
ALA 'L-peptide linking' y ALANINE                                                     ?                 'C3 H7 N O2'     89.093  
ANS non-polymer         . '5-(DIMETHYLAMINO)-1-NAPHTHALENESULFONIC ACID(DANSYL ACID)' 'DANSYL ACID'     'C12 H13 N O3 S' 251.302 
ARG 'L-peptide linking' y ARGININE                                                    ?                 'C6 H15 N4 O2 1' 175.209 
ASN 'L-peptide linking' y ASPARAGINE                                                  ?                 'C4 H8 N2 O3'    132.118 
ASP 'L-peptide linking' y 'ASPARTIC ACID'                                             ?                 'C4 H7 N O4'     133.103 
CL  non-polymer         . 'CHLORIDE ION'                                              ?                 'Cl -1'          35.453  
GLN 'L-peptide linking' y GLUTAMINE                                                   ?                 'C5 H10 N2 O3'   146.144 
GLU 'L-peptide linking' y 'GLUTAMIC ACID'                                             ?                 'C5 H9 N O4'     147.129 
GLY 'peptide linking'   y GLYCINE                                                     ?                 'C2 H5 N O2'     75.067  
HIS 'L-peptide linking' y HISTIDINE                                                   ?                 'C6 H10 N3 O2 1' 156.162 
HOH non-polymer         . WATER                                                       ?                 'H2 O'           18.015  
ILE 'L-peptide linking' y ISOLEUCINE                                                  ?                 'C6 H13 N O2'    131.173 
LEU 'L-peptide linking' y LEUCINE                                                     ?                 'C6 H13 N O2'    131.173 
LYS 'L-peptide linking' y LYSINE                                                      ?                 'C6 H15 N2 O2 1' 147.195 
MET 'L-peptide linking' y METHIONINE                                                  ?                 'C5 H11 N O2 S'  149.211 
NA  non-polymer         . 'SODIUM ION'                                                ?                 'Na 1'           22.990  
PHE 'L-peptide linking' y PHENYLALANINE                                               ?                 'C9 H11 N O2'    165.189 
PRO 'L-peptide linking' y PROLINE                                                     ?                 'C5 H9 N O2'     115.130 
PTR 'L-peptide linking' n O-PHOSPHOTYROSINE                                           PHOSPHONOTYROSINE 'C9 H12 N O6 P'  261.168 
SER 'L-peptide linking' y SERINE                                                      ?                 'C3 H7 N O3'     105.093 
THR 'L-peptide linking' y THREONINE                                                   ?                 'C4 H9 N O3'     119.119 
TYR 'L-peptide linking' y TYROSINE                                                    ?                 'C9 H11 N O3'    181.189 
VAL 'L-peptide linking' y VALINE                                                      ?                 'C5 H11 N O2'    117.146 
# 
loop_
_pdbx_poly_seq_scheme.asym_id 
_pdbx_poly_seq_scheme.entity_id 
_pdbx_poly_seq_scheme.seq_id 
_pdbx_poly_seq_scheme.mon_id 
_pdbx_poly_seq_scheme.ndb_seq_num 
_pdbx_poly_seq_scheme.pdb_seq_num 
_pdbx_poly_seq_scheme.auth_seq_num 
_pdbx_poly_seq_scheme.pdb_mon_id 
_pdbx_poly_seq_scheme.auth_mon_id 
_pdbx_poly_seq_scheme.pdb_strand_id 
_pdbx_poly_seq_scheme.pdb_ins_code 
_pdbx_poly_seq_scheme.hetero 
A 1 1  GLY 1  837 837 GLY GLY A . n 
A 1 2  ALA 2  838 838 ALA ALA A . n 
A 1 3  MET 3  839 839 MET MET A . n 
A 1 4  GLY 4  840 840 GLY GLY A . n 
A 1 5  LYS 5  841 841 LYS LYS A . n 
A 1 6  VAL 6  842 842 VAL VAL A . n 
A 1 7  THR 7  843 843 THR THR A . n 
A 1 8  HIS 8  844 844 HIS HIS A . n 
A 1 9  SER 9  845 845 SER SER A . n 
A 1 10 ILE 10 846 846 ILE ILE A . n 
A 1 11 HIS 11 847 847 HIS HIS A . n 
A 1 12 ILE 12 848 848 ILE ILE A . n 
A 1 13 GLU 13 849 849 GLU GLU A . n 
A 1 14 LYS 14 850 850 LYS LYS A . n 
A 1 15 SER 15 851 851 SER SER A . n 
A 1 16 ASP 16 852 852 ASP ASP A . n 
A 1 17 THR 17 853 853 THR THR A . n 
A 1 18 ALA 18 854 854 ALA ALA A . n 
A 1 19 ALA 19 855 855 ALA ALA A . n 
A 1 20 ASP 20 856 856 ASP ASP A . n 
A 1 21 THR 21 857 857 THR THR A . n 
A 1 22 TYR 22 858 858 TYR TYR A . n 
A 1 23 GLY 23 859 859 GLY GLY A . n 
A 1 24 PHE 24 860 860 PHE PHE A . n 
A 1 25 SER 25 861 861 SER SER A . n 
A 1 26 LEU 26 862 862 LEU LEU A . n 
A 1 27 SER 27 863 863 SER SER A . n 
A 1 28 SER 28 864 864 SER SER A . n 
A 1 29 VAL 29 865 865 VAL VAL A . n 
A 1 30 GLU 30 866 866 GLU GLU A . n 
A 1 31 GLU 31 867 867 GLU GLU A . n 
A 1 32 ASP 32 868 868 ASP ASP A . n 
A 1 33 GLY 33 869 869 GLY GLY A . n 
A 1 34 ILE 34 870 870 ILE ILE A . n 
A 1 35 ARG 35 871 871 ARG ARG A . n 
A 1 36 ARG 36 872 872 ARG ARG A . n 
A 1 37 LEU 37 873 873 LEU LEU A . n 
A 1 38 TYR 38 874 874 TYR TYR A . n 
A 1 39 VAL 39 875 875 VAL VAL A . n 
A 1 40 ASN 40 876 876 ASN ASN A . n 
A 1 41 SER 41 877 877 SER SER A . n 
A 1 42 VAL 42 878 878 VAL VAL A . n 
A 1 43 LYS 43 879 879 LYS LYS A . n 
A 1 44 GLU 44 880 880 GLU GLU A . n 
A 1 45 THR 45 881 881 THR THR A . n 
A 1 46 GLY 46 882 882 GLY GLY A . n 
A 1 47 LEU 47 883 883 LEU LEU A . n 
A 1 48 ALA 48 884 884 ALA ALA A . n 
A 1 49 SER 49 885 885 SER SER A . n 
A 1 50 LYS 50 886 886 LYS LYS A . n 
A 1 51 LYS 51 887 887 LYS LYS A . n 
A 1 52 GLY 52 888 888 GLY GLY A . n 
A 1 53 LEU 53 889 889 LEU LEU A . n 
A 1 54 LYS 54 890 890 LYS LYS A . n 
A 1 55 ALA 55 891 891 ALA ALA A . n 
A 1 56 GLY 56 892 892 GLY GLY A . n 
A 1 57 ASP 57 893 893 ASP ASP A . n 
A 1 58 GLU 58 894 894 GLU GLU A . n 
A 1 59 ILE 59 895 895 ILE ILE A . n 
A 1 60 LEU 60 896 896 LEU LEU A . n 
A 1 61 GLU 61 897 897 GLU GLU A . n 
A 1 62 ILE 62 898 898 ILE ILE A . n 
A 1 63 ASN 63 899 899 ASN ASN A . n 
A 1 64 ASN 64 900 900 ASN ASN A . n 
A 1 65 ARG 65 901 901 ARG ARG A . n 
A 1 66 ALA 66 902 902 ALA ALA A . n 
A 1 67 ALA 67 903 903 ALA ALA A . n 
A 1 68 ASP 68 904 904 ASP ASP A . n 
A 1 69 ALA 69 905 905 ALA ALA A . n 
A 1 70 LEU 70 906 906 LEU LEU A . n 
A 1 71 ASN 71 907 907 ASN ASN A . n 
A 1 72 SER 72 908 908 SER SER A . n 
A 1 73 SER 73 909 909 SER SER A . n 
A 1 74 MET 74 910 910 MET MET A . n 
A 1 75 LEU 75 911 911 LEU LEU A . n 
A 1 76 LYS 76 912 912 LYS LYS A . n 
A 1 77 ASP 77 913 913 ASP ASP A . n 
A 1 78 PHE 78 914 914 PHE PHE A . n 
A 1 79 LEU 79 915 915 LEU LEU A . n 
A 1 80 SER 80 916 916 SER SER A . n 
A 1 81 GLN 81 917 917 GLN GLN A . n 
A 1 82 PRO 82 918 918 PRO PRO A . n 
A 1 83 SER 83 919 919 SER SER A . n 
A 1 84 LEU 84 920 920 LEU LEU A . n 
A 1 85 GLY 85 921 921 GLY GLY A . n 
A 1 86 LEU 86 922 922 LEU LEU A . n 
A 1 87 LEU 87 923 923 LEU LEU A . n 
A 1 88 VAL 88 924 924 VAL VAL A . n 
A 1 89 ARG 89 925 925 ARG ARG A . n 
A 1 90 THR 90 926 926 THR THR A . n 
A 1 91 TYR 91 927 927 TYR TYR A . n 
A 1 92 PRO 92 928 928 PRO PRO A . n 
A 1 93 GLU 93 929 929 GLU GLU A . n 
A 1 94 LEU 94 930 930 LEU LEU A . n 
B 2 1  THR 1  1   1   THR THR B . n 
B 2 2  LYS 2  2   2   LYS LYS B . n 
B 2 3  GLN 3  3   3   GLN GLN B . n 
B 2 4  GLU 4  4   4   GLU GLU B . n 
B 2 5  GLU 5  5   5   GLU GLU B . n 
B 2 6  PHE 6  6   6   PHE PHE B . n 
B 2 7  PTR 7  7   7   PTR PTR B . n 
B 2 8  ALA 8  8   8   ALA ALA B . n 
# 
loop_
_pdbx_nonpoly_scheme.asym_id 
_pdbx_nonpoly_scheme.entity_id 
_pdbx_nonpoly_scheme.mon_id 
_pdbx_nonpoly_scheme.ndb_seq_num 
_pdbx_nonpoly_scheme.pdb_seq_num 
_pdbx_nonpoly_scheme.auth_seq_num 
_pdbx_nonpoly_scheme.pdb_mon_id 
_pdbx_nonpoly_scheme.auth_mon_id 
_pdbx_nonpoly_scheme.pdb_strand_id 
_pdbx_nonpoly_scheme.pdb_ins_code 
C 3 CL  1  1001 1   CL  CL  A . 
D 4 ANS 1  101  100 ANS ANS B . 
E 3 CL  1  102  1   CL  CL  B . 
F 5 NA  1  103  1   NA  NA  B . 
G 6 HOH 1  1101 1   HOH HOH A . 
G 6 HOH 2  1102 2   HOH HOH A . 
G 6 HOH 3  1103 3   HOH HOH A . 
G 6 HOH 4  1104 4   HOH HOH A . 
G 6 HOH 5  1105 5   HOH HOH A . 
G 6 HOH 6  1106 7   HOH HOH A . 
G 6 HOH 7  1107 9   HOH HOH A . 
G 6 HOH 8  1108 10  HOH HOH A . 
G 6 HOH 9  1109 11  HOH HOH A . 
G 6 HOH 10 1110 12  HOH HOH A . 
G 6 HOH 11 1111 13  HOH HOH A . 
G 6 HOH 12 1112 14  HOH HOH A . 
G 6 HOH 13 1113 15  HOH HOH A . 
G 6 HOH 14 1114 16  HOH HOH A . 
G 6 HOH 15 1115 17  HOH HOH A . 
G 6 HOH 16 1116 18  HOH HOH A . 
G 6 HOH 17 1117 19  HOH HOH A . 
G 6 HOH 18 1118 20  HOH HOH A . 
G 6 HOH 19 1119 21  HOH HOH A . 
G 6 HOH 20 1120 22  HOH HOH A . 
G 6 HOH 21 1121 23  HOH HOH A . 
G 6 HOH 22 1122 24  HOH HOH A . 
G 6 HOH 23 1123 25  HOH HOH A . 
G 6 HOH 24 1124 26  HOH HOH A . 
G 6 HOH 25 1125 27  HOH HOH A . 
G 6 HOH 26 1126 28  HOH HOH A . 
G 6 HOH 27 1127 29  HOH HOH A . 
G 6 HOH 28 1128 30  HOH HOH A . 
G 6 HOH 29 1129 31  HOH HOH A . 
G 6 HOH 30 1130 32  HOH HOH A . 
G 6 HOH 31 1131 33  HOH HOH A . 
G 6 HOH 32 1132 34  HOH HOH A . 
G 6 HOH 33 1133 35  HOH HOH A . 
G 6 HOH 34 1134 36  HOH HOH A . 
G 6 HOH 35 1135 37  HOH HOH A . 
G 6 HOH 36 1136 40  HOH HOH A . 
G 6 HOH 37 1137 41  HOH HOH A . 
G 6 HOH 38 1138 42  HOH HOH A . 
G 6 HOH 39 1139 43  HOH HOH A . 
G 6 HOH 40 1140 44  HOH HOH A . 
G 6 HOH 41 1141 45  HOH HOH A . 
G 6 HOH 42 1142 46  HOH HOH A . 
G 6 HOH 43 1143 47  HOH HOH A . 
G 6 HOH 44 1144 48  HOH HOH A . 
G 6 HOH 45 1145 49  HOH HOH A . 
G 6 HOH 46 1146 50  HOH HOH A . 
G 6 HOH 47 1147 51  HOH HOH A . 
G 6 HOH 48 1148 53  HOH HOH A . 
G 6 HOH 49 1149 54  HOH HOH A . 
G 6 HOH 50 1150 55  HOH HOH A . 
G 6 HOH 51 1151 57  HOH HOH A . 
G 6 HOH 52 1152 59  HOH HOH A . 
G 6 HOH 53 1153 60  HOH HOH A . 
G 6 HOH 54 1154 61  HOH HOH A . 
G 6 HOH 55 1155 62  HOH HOH A . 
G 6 HOH 56 1156 63  HOH HOH A . 
G 6 HOH 57 1157 64  HOH HOH A . 
G 6 HOH 58 1158 65  HOH HOH A . 
G 6 HOH 59 1159 67  HOH HOH A . 
G 6 HOH 60 1160 68  HOH HOH A . 
G 6 HOH 61 1161 70  HOH HOH A . 
G 6 HOH 62 1162 72  HOH HOH A . 
G 6 HOH 63 1163 73  HOH HOH A . 
G 6 HOH 64 1164 74  HOH HOH A . 
G 6 HOH 65 1165 75  HOH HOH A . 
G 6 HOH 66 1166 76  HOH HOH A . 
G 6 HOH 67 1167 77  HOH HOH A . 
G 6 HOH 68 1168 79  HOH HOH A . 
G 6 HOH 69 1169 80  HOH HOH A . 
G 6 HOH 70 1170 82  HOH HOH A . 
G 6 HOH 71 1171 83  HOH HOH A . 
G 6 HOH 72 1172 84  HOH HOH A . 
G 6 HOH 73 1173 88  HOH HOH A . 
G 6 HOH 74 1174 93  HOH HOH A . 
G 6 HOH 75 1175 97  HOH HOH A . 
G 6 HOH 76 1176 98  HOH HOH A . 
G 6 HOH 77 1177 105 HOH HOH A . 
G 6 HOH 78 1178 106 HOH HOH A . 
G 6 HOH 79 1179 113 HOH HOH A . 
G 6 HOH 80 1180 114 HOH HOH A . 
G 6 HOH 81 1181 115 HOH HOH A . 
G 6 HOH 82 1182 116 HOH HOH A . 
G 6 HOH 83 1183 117 HOH HOH A . 
G 6 HOH 84 1184 118 HOH HOH A . 
G 6 HOH 85 1185 119 HOH HOH A . 
G 6 HOH 86 1186 120 HOH HOH A . 
G 6 HOH 87 1187 122 HOH HOH A . 
G 6 HOH 88 1188 123 HOH HOH A . 
G 6 HOH 89 1189 124 HOH HOH A . 
H 6 HOH 1  201  8   HOH HOH B . 
H 6 HOH 2  202  39  HOH HOH B . 
H 6 HOH 3  203  52  HOH HOH B . 
H 6 HOH 4  204  56  HOH HOH B . 
H 6 HOH 5  205  85  HOH HOH B . 
H 6 HOH 6  206  102 HOH HOH B . 
H 6 HOH 7  207  103 HOH HOH B . 
# 
loop_
_software.name 
_software.classification 
_software.version 
_software.citation_id 
_software.pdbx_ordinal 
StructureStudio 'data collection' .        ? 1 
PHASER          phasing           .        ? 2 
REFMAC          refinement        5.5.0109 ? 3 
XDS             'data reduction'  .        ? 4 
SCALA           'data scaling'    .        ? 5 
# 
_cell.entry_id           4GVC 
_cell.length_a           26.717 
_cell.length_b           50.135 
_cell.length_c           57.712 
_cell.angle_alpha        90.00 
_cell.angle_beta         90.00 
_cell.angle_gamma        90.00 
_cell.Z_PDB              4 
_cell.pdbx_unique_axis   ? 
_cell.length_a_esd       ? 
_cell.length_b_esd       ? 
_cell.length_c_esd       ? 
_cell.angle_alpha_esd    ? 
_cell.angle_beta_esd     ? 
_cell.angle_gamma_esd    ? 
# 
_symmetry.entry_id                         4GVC 
_symmetry.space_group_name_H-M             'P 21 21 21' 
_symmetry.pdbx_full_space_group_name_H-M   ? 
_symmetry.cell_setting                     ? 
_symmetry.Int_Tables_number                19 
_symmetry.space_group_name_Hall            ? 
# 
_exptl.entry_id          4GVC 
_exptl.method            'X-RAY DIFFRACTION' 
_exptl.crystals_number   1 
# 
_exptl_crystal.id                    1 
_exptl_crystal.density_meas          ? 
_exptl_crystal.density_Matthews      1.72 
_exptl_crystal.density_percent_sol   28.39 
_exptl_crystal.description           ? 
_exptl_crystal.F_000                 ? 
_exptl_crystal.preparation           ? 
# 
_exptl_crystal_grow.crystal_id      1 
_exptl_crystal_grow.method          'VAPOR DIFFUSION, HANGING DROP' 
_exptl_crystal_grow.temp            291 
_exptl_crystal_grow.temp_details    ? 
_exptl_crystal_grow.pH              6.8 
_exptl_crystal_grow.pdbx_details    
'0.1 M sodium acetate, 25% PEG4000, 8% isopropanol, pH 6.8, VAPOR DIFFUSION, HANGING DROP, temperature 291K' 
_exptl_crystal_grow.pdbx_pH_range   ? 
# 
_diffrn.id                     1 
_diffrn.ambient_temp           100.0 
_diffrn.ambient_temp_details   ? 
_diffrn.crystal_id             1 
# 
_diffrn_detector.diffrn_id              1 
_diffrn_detector.detector               CCD 
_diffrn_detector.type                   NOIR-1 
_diffrn_detector.pdbx_collection_date   2010-04-30 
_diffrn_detector.details                ? 
# 
_diffrn_radiation.diffrn_id                        1 
_diffrn_radiation.wavelength_id                    1 
_diffrn_radiation.pdbx_monochromatic_or_laue_m_l   M 
_diffrn_radiation.monochromator                    'double crystal Si(111)' 
_diffrn_radiation.pdbx_diffrn_protocol             'SINGLE WAVELENGTH' 
_diffrn_radiation.pdbx_scattering_type             x-ray 
# 
_diffrn_radiation_wavelength.id           1 
_diffrn_radiation_wavelength.wavelength   1.000 
_diffrn_radiation_wavelength.wt           1.0 
# 
_diffrn_source.diffrn_id                   1 
_diffrn_source.source                      SYNCHROTRON 
_diffrn_source.type                        'ALS BEAMLINE 4.2.2' 
_diffrn_source.pdbx_synchrotron_site       ALS 
_diffrn_source.pdbx_synchrotron_beamline   4.2.2 
_diffrn_source.pdbx_wavelength             ? 
_diffrn_source.pdbx_wavelength_list        1.000 
# 
_reflns.entry_id                     4GVC 
_reflns.observed_criterion_sigma_I   -3 
_reflns.observed_criterion_sigma_F   0.0 
_reflns.d_resolution_low             37.85 
_reflns.d_resolution_high            1.54 
_reflns.number_obs                   11440 
_reflns.number_all                   11979 
_reflns.percent_possible_obs         95.5 
_reflns.pdbx_Rmerge_I_obs            0.03 
_reflns.pdbx_Rsym_value              ? 
_reflns.pdbx_netI_over_sigmaI        34.4 
_reflns.B_iso_Wilson_estimate        13.0 
_reflns.pdbx_redundancy              6.4 
_reflns.R_free_details               ? 
_reflns.limit_h_max                  ? 
_reflns.limit_h_min                  ? 
_reflns.limit_k_max                  ? 
_reflns.limit_k_min                  ? 
_reflns.limit_l_max                  ? 
_reflns.limit_l_min                  ? 
_reflns.observed_criterion_F_max     ? 
_reflns.observed_criterion_F_min     ? 
_reflns.pdbx_chi_squared             ? 
_reflns.pdbx_scaling_rejects         ? 
_reflns.pdbx_ordinal                 1 
_reflns.pdbx_diffrn_id               1 
# 
_reflns_shell.d_res_high             1.54 
_reflns_shell.d_res_low              1.62 
_reflns_shell.percent_possible_all   74.6 
_reflns_shell.Rmerge_I_obs           0.121 
_reflns_shell.pdbx_Rsym_value        ? 
_reflns_shell.meanI_over_sigI_obs    9.3 
_reflns_shell.pdbx_redundancy        3.8 
_reflns_shell.percent_possible_obs   ? 
_reflns_shell.number_unique_all      1685 
_reflns_shell.number_measured_all    ? 
_reflns_shell.number_measured_obs    ? 
_reflns_shell.number_unique_obs      ? 
_reflns_shell.pdbx_chi_squared       ? 
_reflns_shell.pdbx_ordinal           1 
_reflns_shell.pdbx_diffrn_id         1 
# 
_refine.entry_id                                 4GVC 
_refine.ls_number_reflns_obs                     10862 
_refine.ls_number_reflns_all                     10862 
_refine.pdbx_ls_sigma_I                          ? 
_refine.pdbx_ls_sigma_F                          0.0 
_refine.pdbx_data_cutoff_high_absF               ? 
_refine.pdbx_data_cutoff_low_absF                ? 
_refine.pdbx_data_cutoff_high_rms_absF           ? 
_refine.ls_d_res_low                             37.85 
_refine.ls_d_res_high                            1.54 
_refine.ls_percent_reflns_obs                    95.04 
_refine.ls_R_factor_obs                          0.16717 
_refine.ls_R_factor_all                          0.16717 
_refine.ls_R_factor_R_work                       0.16551 
_refine.ls_R_factor_R_free                       0.19964 
_refine.ls_R_factor_R_free_error                 ? 
_refine.ls_R_factor_R_free_error_details         ? 
_refine.ls_percent_reflns_R_free                 4.8 
_refine.ls_number_reflns_R_free                  546 
_refine.ls_number_parameters                     ? 
_refine.ls_number_restraints                     ? 
_refine.occupancy_min                            ? 
_refine.occupancy_max                            ? 
_refine.correlation_coeff_Fo_to_Fc               0.959 
_refine.correlation_coeff_Fo_to_Fc_free          0.944 
_refine.B_iso_mean                               13.551 
_refine.aniso_B[1][1]                            0.11 
_refine.aniso_B[2][2]                            -0.08 
_refine.aniso_B[3][3]                            -0.03 
_refine.aniso_B[1][2]                            0.00 
_refine.aniso_B[1][3]                            0.00 
_refine.aniso_B[2][3]                            0.00 
_refine.solvent_model_details                    MASK 
_refine.solvent_model_param_ksol                 ? 
_refine.solvent_model_param_bsol                 ? 
_refine.pdbx_solvent_vdw_probe_radii             1.40 
_refine.pdbx_solvent_ion_probe_radii             0.80 
_refine.pdbx_solvent_shrinkage_radii             0.80 
_refine.pdbx_ls_cross_valid_method               THROUGHOUT 
_refine.details                                  
;HYDROGENS HAVE BEEN ADDED IN THE RIDING POSITIONS
U VALUES      : REFINED INDIVIDUALLY
;
_refine.pdbx_starting_model                      'PDB ENTRY 3KZD' 
_refine.pdbx_method_to_determine_struct          'MOLECULAR REPLACEMENT' 
_refine.pdbx_isotropic_thermal_model             ? 
_refine.pdbx_stereochemistry_target_values       'MAXIMUM LIKELIHOOD' 
_refine.pdbx_stereochem_target_val_spec_case     ? 
_refine.pdbx_R_Free_selection_details            RANDOM 
_refine.pdbx_overall_ESU_R                       0.138 
_refine.pdbx_overall_ESU_R_Free                  0.091 
_refine.overall_SU_ML                            0.055 
_refine.pdbx_overall_phase_error                 ? 
_refine.overall_SU_B                             2.964 
_refine.overall_SU_R_Cruickshank_DPI             ? 
_refine.ls_redundancy_reflns_obs                 ? 
_refine.B_iso_min                                ? 
_refine.B_iso_max                                ? 
_refine.overall_SU_R_free                        ? 
_refine.ls_wR_factor_R_free                      ? 
_refine.ls_wR_factor_R_work                      ? 
_refine.overall_FOM_free_R_set                   ? 
_refine.overall_FOM_work_R_set                   ? 
_refine.pdbx_diffrn_id                           1 
_refine.pdbx_refine_id                           'X-RAY DIFFRACTION' 
_refine.pdbx_TLS_residual_ADP_flag               ? 
_refine.pdbx_overall_SU_R_free_Cruickshank_DPI   ? 
_refine.pdbx_overall_SU_R_Blow_DPI               ? 
_refine.pdbx_overall_SU_R_free_Blow_DPI          ? 
# 
_refine_hist.pdbx_refine_id                   'X-RAY DIFFRACTION' 
_refine_hist.cycle_id                         LAST 
_refine_hist.pdbx_number_atoms_protein        787 
_refine_hist.pdbx_number_atoms_nucleic_acid   0 
_refine_hist.pdbx_number_atoms_ligand         19 
_refine_hist.number_atoms_solvent             96 
_refine_hist.number_atoms_total               902 
_refine_hist.d_res_high                       1.54 
_refine_hist.d_res_low                        37.85 
# 
loop_
_refine_ls_restr.type 
_refine_ls_restr.dev_ideal 
_refine_ls_restr.dev_ideal_target 
_refine_ls_restr.weight 
_refine_ls_restr.number 
_refine_ls_restr.pdbx_restraint_function 
_refine_ls_restr.pdbx_refine_id 
r_bond_refined_d             0.008  0.022  ? 810  ? 'X-RAY DIFFRACTION' 
r_bond_other_d               ?      ?      ? ?    ? 'X-RAY DIFFRACTION' 
r_angle_refined_deg          1.265  2.013  ? 1091 ? 'X-RAY DIFFRACTION' 
r_angle_other_deg            ?      ?      ? ?    ? 'X-RAY DIFFRACTION' 
r_dihedral_angle_1_deg       6.231  5.000  ? 100  ? 'X-RAY DIFFRACTION' 
r_dihedral_angle_2_deg       41.693 25.000 ? 34   ? 'X-RAY DIFFRACTION' 
r_dihedral_angle_3_deg       12.195 15.000 ? 145  ? 'X-RAY DIFFRACTION' 
r_dihedral_angle_4_deg       17.547 15.000 ? 4    ? 'X-RAY DIFFRACTION' 
r_chiral_restr               0.076  0.200  ? 122  ? 'X-RAY DIFFRACTION' 
r_gen_planes_refined         0.005  0.020  ? 593  ? 'X-RAY DIFFRACTION' 
r_gen_planes_other           ?      ?      ? ?    ? 'X-RAY DIFFRACTION' 
r_nbd_refined                ?      ?      ? ?    ? 'X-RAY DIFFRACTION' 
r_nbd_other                  ?      ?      ? ?    ? 'X-RAY DIFFRACTION' 
r_nbtor_refined              ?      ?      ? ?    ? 'X-RAY DIFFRACTION' 
r_nbtor_other                ?      ?      ? ?    ? 'X-RAY DIFFRACTION' 
r_xyhbond_nbd_refined        ?      ?      ? ?    ? 'X-RAY DIFFRACTION' 
r_xyhbond_nbd_other          ?      ?      ? ?    ? 'X-RAY DIFFRACTION' 
r_metal_ion_refined          ?      ?      ? ?    ? 'X-RAY DIFFRACTION' 
r_metal_ion_other            ?      ?      ? ?    ? 'X-RAY DIFFRACTION' 
r_symmetry_vdw_refined       ?      ?      ? ?    ? 'X-RAY DIFFRACTION' 
r_symmetry_vdw_other         ?      ?      ? ?    ? 'X-RAY DIFFRACTION' 
r_symmetry_hbond_refined     ?      ?      ? ?    ? 'X-RAY DIFFRACTION' 
r_symmetry_hbond_other       ?      ?      ? ?    ? 'X-RAY DIFFRACTION' 
r_symmetry_metal_ion_refined ?      ?      ? ?    ? 'X-RAY DIFFRACTION' 
r_symmetry_metal_ion_other   ?      ?      ? ?    ? 'X-RAY DIFFRACTION' 
r_mcbond_it                  0.920  1.500  ? 506  ? 'X-RAY DIFFRACTION' 
r_mcbond_other               ?      ?      ? ?    ? 'X-RAY DIFFRACTION' 
r_mcangle_it                 1.646  2.000  ? 802  ? 'X-RAY DIFFRACTION' 
r_scbond_it                  2.648  3.000  ? 304  ? 'X-RAY DIFFRACTION' 
r_scangle_it                 4.174  4.500  ? 289  ? 'X-RAY DIFFRACTION' 
r_rigid_bond_restr           1.111  3.000  ? 804  ? 'X-RAY DIFFRACTION' 
r_sphericity_free            ?      ?      ? ?    ? 'X-RAY DIFFRACTION' 
r_sphericity_bonded          ?      ?      ? ?    ? 'X-RAY DIFFRACTION' 
# 
_refine_ls_shell.pdbx_total_number_of_bins_used   20 
_refine_ls_shell.d_res_high                       1.54 
_refine_ls_shell.d_res_low                        1.581 
_refine_ls_shell.number_reflns_R_work             497 
_refine_ls_shell.R_factor_R_work                  0.163 
_refine_ls_shell.percent_reflns_obs               60.73 
_refine_ls_shell.R_factor_R_free                  0.246 
_refine_ls_shell.R_factor_R_free_error            ? 
_refine_ls_shell.percent_reflns_R_free            ? 
_refine_ls_shell.number_reflns_R_free             35 
_refine_ls_shell.number_reflns_all                ? 
_refine_ls_shell.R_factor_all                     ? 
_refine_ls_shell.number_reflns_obs                532 
_refine_ls_shell.redundancy_reflns_obs            ? 
_refine_ls_shell.pdbx_refine_id                   'X-RAY DIFFRACTION' 
# 
_struct.entry_id                  4GVC 
_struct.title                     
'Crystal Structure of T-cell Lymphoma Invasion and Metastasis-1 PDZ in complex with phosphorylated Syndecan1 Peptide' 
_struct.pdbx_model_details        ? 
_struct.pdbx_CASP_flag            ? 
_struct.pdbx_model_type_details   ? 
# 
_struct_keywords.entry_id        4GVC 
_struct_keywords.pdbx_keywords   'SIGNALING PROTEIN' 
_struct_keywords.text            
;phosphorylation, peptide conformational change, new binding pocket, scaffold signaling protein for cell adhesion and cell junction, syndecan1 P1 Tyr phosphorylation, sydencan1 N-terminal Thr dansylation, SIGNALING PROTEIN
;
# 
loop_
_struct_asym.id 
_struct_asym.pdbx_blank_PDB_chainid_flag 
_struct_asym.pdbx_modified 
_struct_asym.entity_id 
_struct_asym.details 
A N N 1 ? 
B N N 2 ? 
C N N 3 ? 
D N N 4 ? 
E N N 3 ? 
F N N 5 ? 
G N N 6 ? 
H N N 6 ? 
# 
loop_
_struct_ref.id 
_struct_ref.db_name 
_struct_ref.db_code 
_struct_ref.pdbx_db_accession 
_struct_ref.entity_id 
_struct_ref.pdbx_seq_one_letter_code 
_struct_ref.pdbx_align_begin 
_struct_ref.pdbx_db_isoform 
1 UNP TIAM1_HUMAN Q13009 1 
;KVTQSIHIEKSDTAADTYGFSLSSVEEDGIRRLYVNSVKETGLASKKGLKAGDEILEINNRAADALNSSMLKDFLSQPSL
GLLVRTYPEL
;
841 ? 
2 UNP SDC1_HUMAN  P18827 2 TKQEEFYA                                                                                      303 ? 
# 
loop_
_struct_ref_seq.align_id 
_struct_ref_seq.ref_id 
_struct_ref_seq.pdbx_PDB_id_code 
_struct_ref_seq.pdbx_strand_id 
_struct_ref_seq.seq_align_beg 
_struct_ref_seq.pdbx_seq_align_beg_ins_code 
_struct_ref_seq.seq_align_end 
_struct_ref_seq.pdbx_seq_align_end_ins_code 
_struct_ref_seq.pdbx_db_accession 
_struct_ref_seq.db_align_beg 
_struct_ref_seq.pdbx_db_align_beg_ins_code 
_struct_ref_seq.db_align_end 
_struct_ref_seq.pdbx_db_align_end_ins_code 
_struct_ref_seq.pdbx_auth_seq_align_beg 
_struct_ref_seq.pdbx_auth_seq_align_end 
1 1 4GVC A 5 ? 94 ? Q13009 841 ? 930 ? 841 930 
2 2 4GVC B 1 ? 8  ? P18827 303 ? 310 ? 1   8   
# 
loop_
_struct_ref_seq_dif.align_id 
_struct_ref_seq_dif.pdbx_pdb_id_code 
_struct_ref_seq_dif.mon_id 
_struct_ref_seq_dif.pdbx_pdb_strand_id 
_struct_ref_seq_dif.seq_num 
_struct_ref_seq_dif.pdbx_pdb_ins_code 
_struct_ref_seq_dif.pdbx_seq_db_name 
_struct_ref_seq_dif.pdbx_seq_db_accession_code 
_struct_ref_seq_dif.db_mon_id 
_struct_ref_seq_dif.pdbx_seq_db_seq_num 
_struct_ref_seq_dif.details 
_struct_ref_seq_dif.pdbx_auth_seq_num 
_struct_ref_seq_dif.pdbx_ordinal 
1 4GVC GLY A 1 ? UNP Q13009 ?   ?   'expression tag' 837 1 
1 4GVC ALA A 2 ? UNP Q13009 ?   ?   'expression tag' 838 2 
1 4GVC MET A 3 ? UNP Q13009 ?   ?   'expression tag' 839 3 
1 4GVC GLY A 4 ? UNP Q13009 ?   ?   'expression tag' 840 4 
1 4GVC HIS A 8 ? UNP Q13009 GLN 844 'SEE REMARK 999' 844 5 
# 
_pdbx_struct_assembly.id                   1 
_pdbx_struct_assembly.details              author_and_software_defined_assembly 
_pdbx_struct_assembly.method_details       PISA 
_pdbx_struct_assembly.oligomeric_details   dimeric 
_pdbx_struct_assembly.oligomeric_count     2 
# 
loop_
_pdbx_struct_assembly_prop.biol_id 
_pdbx_struct_assembly_prop.type 
_pdbx_struct_assembly_prop.value 
_pdbx_struct_assembly_prop.details 
1 'ABSA (A^2)' 1840 ? 
1 MORE         -32  ? 
1 'SSA (A^2)'  6530 ? 
# 
_pdbx_struct_assembly_gen.assembly_id       1 
_pdbx_struct_assembly_gen.oper_expression   1 
_pdbx_struct_assembly_gen.asym_id_list      A,B,C,D,E,F,G,H 
# 
_pdbx_struct_oper_list.id                   1 
_pdbx_struct_oper_list.type                 'identity operation' 
_pdbx_struct_oper_list.name                 1_555 
_pdbx_struct_oper_list.symmetry_operation   x,y,z 
_pdbx_struct_oper_list.matrix[1][1]         1.0000000000 
_pdbx_struct_oper_list.matrix[1][2]         0.0000000000 
_pdbx_struct_oper_list.matrix[1][3]         0.0000000000 
_pdbx_struct_oper_list.vector[1]            0.0000000000 
_pdbx_struct_oper_list.matrix[2][1]         0.0000000000 
_pdbx_struct_oper_list.matrix[2][2]         1.0000000000 
_pdbx_struct_oper_list.matrix[2][3]         0.0000000000 
_pdbx_struct_oper_list.vector[2]            0.0000000000 
_pdbx_struct_oper_list.matrix[3][1]         0.0000000000 
_pdbx_struct_oper_list.matrix[3][2]         0.0000000000 
_pdbx_struct_oper_list.matrix[3][3]         1.0000000000 
_pdbx_struct_oper_list.vector[3]            0.0000000000 
# 
_struct_biol.id        1 
_struct_biol.details   ? 
# 
loop_
_struct_conf.conf_type_id 
_struct_conf.id 
_struct_conf.pdbx_PDB_helix_id 
_struct_conf.beg_label_comp_id 
_struct_conf.beg_label_asym_id 
_struct_conf.beg_label_seq_id 
_struct_conf.pdbx_beg_PDB_ins_code 
_struct_conf.end_label_comp_id 
_struct_conf.end_label_asym_id 
_struct_conf.end_label_seq_id 
_struct_conf.pdbx_end_PDB_ins_code 
_struct_conf.beg_auth_comp_id 
_struct_conf.beg_auth_asym_id 
_struct_conf.beg_auth_seq_id 
_struct_conf.end_auth_comp_id 
_struct_conf.end_auth_asym_id 
_struct_conf.end_auth_seq_id 
_struct_conf.pdbx_PDB_helix_class 
_struct_conf.details 
_struct_conf.pdbx_PDB_helix_length 
HELX_P HELX_P1 1 GLY A 46 ? LYS A 51 ? GLY A 882 LYS A 887 1 ? 6  
HELX_P HELX_P2 2 ASP A 68 ? LEU A 70 ? ASP A 904 LEU A 906 5 ? 3  
HELX_P HELX_P3 3 ASN A 71 ? SER A 80 ? ASN A 907 SER A 916 1 ? 10 
# 
_struct_conf_type.id          HELX_P 
_struct_conf_type.criteria    ? 
_struct_conf_type.reference   ? 
# 
loop_
_struct_conn.id 
_struct_conn.conn_type_id 
_struct_conn.pdbx_leaving_atom_flag 
_struct_conn.pdbx_PDB_id 
_struct_conn.ptnr1_label_asym_id 
_struct_conn.ptnr1_label_comp_id 
_struct_conn.ptnr1_label_seq_id 
_struct_conn.ptnr1_label_atom_id 
_struct_conn.pdbx_ptnr1_label_alt_id 
_struct_conn.pdbx_ptnr1_PDB_ins_code 
_struct_conn.pdbx_ptnr1_standard_comp_id 
_struct_conn.ptnr1_symmetry 
_struct_conn.ptnr2_label_asym_id 
_struct_conn.ptnr2_label_comp_id 
_struct_conn.ptnr2_label_seq_id 
_struct_conn.ptnr2_label_atom_id 
_struct_conn.pdbx_ptnr2_label_alt_id 
_struct_conn.pdbx_ptnr2_PDB_ins_code 
_struct_conn.ptnr1_auth_asym_id 
_struct_conn.ptnr1_auth_comp_id 
_struct_conn.ptnr1_auth_seq_id 
_struct_conn.ptnr2_auth_asym_id 
_struct_conn.ptnr2_auth_comp_id 
_struct_conn.ptnr2_auth_seq_id 
_struct_conn.ptnr2_symmetry 
_struct_conn.pdbx_ptnr3_label_atom_id 
_struct_conn.pdbx_ptnr3_label_seq_id 
_struct_conn.pdbx_ptnr3_label_comp_id 
_struct_conn.pdbx_ptnr3_label_asym_id 
_struct_conn.pdbx_ptnr3_label_alt_id 
_struct_conn.pdbx_ptnr3_PDB_ins_code 
_struct_conn.details 
_struct_conn.pdbx_dist_value 
_struct_conn.pdbx_value_order 
_struct_conn.pdbx_role 
covale1 covale both ? B THR 1 N ? ? ? 1_555 D ANS . S ? ? B THR 1 B ANS 101 1_555 ? ? ? ? ? ? ? 1.769 ? ? 
covale2 covale both ? B PHE 6 C ? ? ? 1_555 B PTR 7 N ? ? B PHE 6 B PTR 7   1_555 ? ? ? ? ? ? ? 1.333 ? ? 
covale3 covale both ? B PTR 7 C ? ? ? 1_555 B ALA 8 N ? ? B PTR 7 B ALA 8   1_555 ? ? ? ? ? ? ? 1.325 ? ? 
# 
_struct_conn_type.id          covale 
_struct_conn_type.criteria    ? 
_struct_conn_type.reference   ? 
# 
loop_
_pdbx_modification_feature.ordinal 
_pdbx_modification_feature.label_comp_id 
_pdbx_modification_feature.label_asym_id 
_pdbx_modification_feature.label_seq_id 
_pdbx_modification_feature.label_alt_id 
_pdbx_modification_feature.modified_residue_label_comp_id 
_pdbx_modification_feature.modified_residue_label_asym_id 
_pdbx_modification_feature.modified_residue_label_seq_id 
_pdbx_modification_feature.modified_residue_label_alt_id 
_pdbx_modification_feature.auth_comp_id 
_pdbx_modification_feature.auth_asym_id 
_pdbx_modification_feature.auth_seq_id 
_pdbx_modification_feature.PDB_ins_code 
_pdbx_modification_feature.symmetry 
_pdbx_modification_feature.modified_residue_auth_comp_id 
_pdbx_modification_feature.modified_residue_auth_asym_id 
_pdbx_modification_feature.modified_residue_auth_seq_id 
_pdbx_modification_feature.modified_residue_PDB_ins_code 
_pdbx_modification_feature.modified_residue_symmetry 
_pdbx_modification_feature.comp_id_linking_atom 
_pdbx_modification_feature.modified_residue_id_linking_atom 
_pdbx_modification_feature.modified_residue_id 
_pdbx_modification_feature.ref_pcm_id 
_pdbx_modification_feature.ref_comp_id 
_pdbx_modification_feature.type 
_pdbx_modification_feature.category 
1 PTR B 7 ? .   . . . PTR B 7   ? 1_555 .   . . . .     . . TYR 1 PTR Phosphorylation 'Named protein modification'     
2 ANS D . ? THR B 1 ? ANS B 101 ? 1_555 THR B 1 ? 1_555 S N THR 1 ANS None            'Covalent chemical modification' 
# 
loop_
_struct_sheet.id 
_struct_sheet.type 
_struct_sheet.number_strands 
_struct_sheet.details 
A ? 4 ? 
B ? 6 ? 
# 
loop_
_struct_sheet_order.sheet_id 
_struct_sheet_order.range_id_1 
_struct_sheet_order.range_id_2 
_struct_sheet_order.offset 
_struct_sheet_order.sense 
A 1 2 ? anti-parallel 
A 2 3 ? anti-parallel 
A 3 4 ? anti-parallel 
B 1 2 ? anti-parallel 
B 2 3 ? anti-parallel 
B 3 4 ? anti-parallel 
B 4 5 ? anti-parallel 
B 5 6 ? anti-parallel 
# 
loop_
_struct_sheet_range.sheet_id 
_struct_sheet_range.id 
_struct_sheet_range.beg_label_comp_id 
_struct_sheet_range.beg_label_asym_id 
_struct_sheet_range.beg_label_seq_id 
_struct_sheet_range.pdbx_beg_PDB_ins_code 
_struct_sheet_range.end_label_comp_id 
_struct_sheet_range.end_label_asym_id 
_struct_sheet_range.end_label_seq_id 
_struct_sheet_range.pdbx_end_PDB_ins_code 
_struct_sheet_range.beg_auth_comp_id 
_struct_sheet_range.beg_auth_asym_id 
_struct_sheet_range.beg_auth_seq_id 
_struct_sheet_range.end_auth_comp_id 
_struct_sheet_range.end_auth_asym_id 
_struct_sheet_range.end_auth_seq_id 
A 1 THR A 7  ? GLU A 13 ? THR A 843 GLU A 849 
A 2 SER A 83 ? ARG A 89 ? SER A 919 ARG A 925 
A 3 GLU A 58 ? ILE A 62 ? GLU A 894 ILE A 898 
A 4 ARG A 65 ? ALA A 66 ? ARG A 901 ALA A 902 
B 1 THR A 7  ? GLU A 13 ? THR A 843 GLU A 849 
B 2 SER A 83 ? ARG A 89 ? SER A 919 ARG A 925 
B 3 GLU A 58 ? ILE A 62 ? GLU A 894 ILE A 898 
B 4 ILE A 34 ? VAL A 42 ? ILE A 870 VAL A 878 
B 5 PHE A 24 ? GLU A 31 ? PHE A 860 GLU A 867 
B 6 GLU B 4  ? PTR B 7  ? GLU B 4   PTR B 7   
# 
loop_
_pdbx_struct_sheet_hbond.sheet_id 
_pdbx_struct_sheet_hbond.range_id_1 
_pdbx_struct_sheet_hbond.range_id_2 
_pdbx_struct_sheet_hbond.range_1_label_atom_id 
_pdbx_struct_sheet_hbond.range_1_label_comp_id 
_pdbx_struct_sheet_hbond.range_1_label_asym_id 
_pdbx_struct_sheet_hbond.range_1_label_seq_id 
_pdbx_struct_sheet_hbond.range_1_PDB_ins_code 
_pdbx_struct_sheet_hbond.range_1_auth_atom_id 
_pdbx_struct_sheet_hbond.range_1_auth_comp_id 
_pdbx_struct_sheet_hbond.range_1_auth_asym_id 
_pdbx_struct_sheet_hbond.range_1_auth_seq_id 
_pdbx_struct_sheet_hbond.range_2_label_atom_id 
_pdbx_struct_sheet_hbond.range_2_label_comp_id 
_pdbx_struct_sheet_hbond.range_2_label_asym_id 
_pdbx_struct_sheet_hbond.range_2_label_seq_id 
_pdbx_struct_sheet_hbond.range_2_PDB_ins_code 
_pdbx_struct_sheet_hbond.range_2_auth_atom_id 
_pdbx_struct_sheet_hbond.range_2_auth_comp_id 
_pdbx_struct_sheet_hbond.range_2_auth_asym_id 
_pdbx_struct_sheet_hbond.range_2_auth_seq_id 
A 1 2 N ILE A 10 ? N ILE A 846 O LEU A 86 ? O LEU A 922 
A 2 3 O LEU A 87 ? O LEU A 923 N LEU A 60 ? N LEU A 896 
A 3 4 N ILE A 62 ? N ILE A 898 O ARG A 65 ? O ARG A 901 
B 1 2 N ILE A 10 ? N ILE A 846 O LEU A 86 ? O LEU A 922 
B 2 3 O LEU A 87 ? O LEU A 923 N LEU A 60 ? N LEU A 896 
B 3 4 O ILE A 59 ? O ILE A 895 N LEU A 37 ? N LEU A 873 
B 4 5 O ARG A 36 ? O ARG A 872 N VAL A 29 ? N VAL A 865 
B 5 6 N LEU A 26 ? N LEU A 862 O PHE B 6  ? O PHE B 6   
# 
loop_
_struct_site.id 
_struct_site.pdbx_evidence_code 
_struct_site.pdbx_auth_asym_id 
_struct_site.pdbx_auth_comp_id 
_struct_site.pdbx_auth_seq_id 
_struct_site.pdbx_auth_ins_code 
_struct_site.pdbx_num_residues 
_struct_site.details 
AC1 Software A CL  1001 ? 1 'BINDING SITE FOR RESIDUE CL A 1001' 
AC2 Software B ANS 101  ? 6 'BINDING SITE FOR RESIDUE ANS B 101' 
AC3 Software B CL  102  ? 2 'BINDING SITE FOR RESIDUE CL B 102'  
AC4 Software B NA  103  ? 2 'BINDING SITE FOR RESIDUE NA B 103'  
# 
loop_
_struct_site_gen.id 
_struct_site_gen.site_id 
_struct_site_gen.pdbx_num_res 
_struct_site_gen.label_comp_id 
_struct_site_gen.label_asym_id 
_struct_site_gen.label_seq_id 
_struct_site_gen.pdbx_auth_ins_code 
_struct_site_gen.auth_comp_id 
_struct_site_gen.auth_asym_id 
_struct_site_gen.auth_seq_id 
_struct_site_gen.label_atom_id 
_struct_site_gen.label_alt_id 
_struct_site_gen.symmetry 
_struct_site_gen.details 
1  AC1 1 SER A 41 ? SER A 877  . ? 1_555 ? 
2  AC2 6 VAL A 29 ? VAL A 865  . ? 1_555 ? 
3  AC2 6 ARG A 65 ? ARG A 901  . ? 1_655 ? 
4  AC2 6 ASN A 71 ? ASN A 907  . ? 1_655 ? 
5  AC2 6 SER A 73 ? SER A 909  . ? 1_655 ? 
6  AC2 6 MET A 74 ? MET A 910  . ? 1_655 ? 
7  AC2 6 THR B 1  ? THR B 1    . ? 1_555 ? 
8  AC3 2 LYS B 2  ? LYS B 2    . ? 1_555 ? 
9  AC3 2 NA  F .  ? NA  B 103  . ? 1_555 ? 
10 AC4 2 HOH G .  ? HOH A 1189 . ? 1_655 ? 
11 AC4 2 CL  E .  ? CL  B 102  . ? 1_555 ? 
# 
_pdbx_entry_details.entry_id                   4GVC 
_pdbx_entry_details.nonpolymer_details         ? 
_pdbx_entry_details.sequence_details           'Q844H IS A NATURAL VARIANT.' 
_pdbx_entry_details.compound_details           ? 
_pdbx_entry_details.source_details             ? 
_pdbx_entry_details.has_ligand_of_interest     ? 
_pdbx_entry_details.has_protein_modification   Y 
# 
loop_
_pdbx_validate_torsion.id 
_pdbx_validate_torsion.PDB_model_num 
_pdbx_validate_torsion.auth_comp_id 
_pdbx_validate_torsion.auth_asym_id 
_pdbx_validate_torsion.auth_seq_id 
_pdbx_validate_torsion.PDB_ins_code 
_pdbx_validate_torsion.label_alt_id 
_pdbx_validate_torsion.phi 
_pdbx_validate_torsion.psi 
1 1 ALA A 838 ? ? -141.21 -148.07 
2 1 GLU B 4   ? ? -178.35 -178.00 
# 
_pdbx_struct_mod_residue.id               1 
_pdbx_struct_mod_residue.label_asym_id    B 
_pdbx_struct_mod_residue.label_comp_id    PTR 
_pdbx_struct_mod_residue.label_seq_id     7 
_pdbx_struct_mod_residue.auth_asym_id     B 
_pdbx_struct_mod_residue.auth_comp_id     PTR 
_pdbx_struct_mod_residue.auth_seq_id      7 
_pdbx_struct_mod_residue.PDB_ins_code     ? 
_pdbx_struct_mod_residue.parent_comp_id   TYR 
_pdbx_struct_mod_residue.details          O-PHOSPHOTYROSINE 
# 
loop_
_chem_comp_atom.comp_id 
_chem_comp_atom.atom_id 
_chem_comp_atom.type_symbol 
_chem_comp_atom.pdbx_aromatic_flag 
_chem_comp_atom.pdbx_stereo_config 
_chem_comp_atom.pdbx_ordinal 
ALA N    N  N N 1   
ALA CA   C  N S 2   
ALA C    C  N N 3   
ALA O    O  N N 4   
ALA CB   C  N N 5   
ALA OXT  O  N N 6   
ALA H    H  N N 7   
ALA H2   H  N N 8   
ALA HA   H  N N 9   
ALA HB1  H  N N 10  
ALA HB2  H  N N 11  
ALA HB3  H  N N 12  
ALA HXT  H  N N 13  
ANS C1   C  Y N 14  
ANS C2   C  Y N 15  
ANS C3   C  Y N 16  
ANS C4   C  Y N 17  
ANS C4A  C  Y N 18  
ANS C5   C  Y N 19  
ANS C6   C  Y N 20  
ANS C7   C  Y N 21  
ANS C8   C  Y N 22  
ANS C8A  C  Y N 23  
ANS N    N  N N 24  
ANS CM1  C  N N 25  
ANS CM2  C  N N 26  
ANS S    S  N N 27  
ANS O1S  O  N N 28  
ANS O2S  O  N N 29  
ANS O3S  O  N N 30  
ANS H2   H  N N 31  
ANS H3   H  N N 32  
ANS H4   H  N N 33  
ANS H6   H  N N 34  
ANS H7   H  N N 35  
ANS H8   H  N N 36  
ANS HM11 H  N N 37  
ANS HM12 H  N N 38  
ANS HM13 H  N N 39  
ANS HM21 H  N N 40  
ANS HM22 H  N N 41  
ANS HM23 H  N N 42  
ANS HOS3 H  N N 43  
ARG N    N  N N 44  
ARG CA   C  N S 45  
ARG C    C  N N 46  
ARG O    O  N N 47  
ARG CB   C  N N 48  
ARG CG   C  N N 49  
ARG CD   C  N N 50  
ARG NE   N  N N 51  
ARG CZ   C  N N 52  
ARG NH1  N  N N 53  
ARG NH2  N  N N 54  
ARG OXT  O  N N 55  
ARG H    H  N N 56  
ARG H2   H  N N 57  
ARG HA   H  N N 58  
ARG HB2  H  N N 59  
ARG HB3  H  N N 60  
ARG HG2  H  N N 61  
ARG HG3  H  N N 62  
ARG HD2  H  N N 63  
ARG HD3  H  N N 64  
ARG HE   H  N N 65  
ARG HH11 H  N N 66  
ARG HH12 H  N N 67  
ARG HH21 H  N N 68  
ARG HH22 H  N N 69  
ARG HXT  H  N N 70  
ASN N    N  N N 71  
ASN CA   C  N S 72  
ASN C    C  N N 73  
ASN O    O  N N 74  
ASN CB   C  N N 75  
ASN CG   C  N N 76  
ASN OD1  O  N N 77  
ASN ND2  N  N N 78  
ASN OXT  O  N N 79  
ASN H    H  N N 80  
ASN H2   H  N N 81  
ASN HA   H  N N 82  
ASN HB2  H  N N 83  
ASN HB3  H  N N 84  
ASN HD21 H  N N 85  
ASN HD22 H  N N 86  
ASN HXT  H  N N 87  
ASP N    N  N N 88  
ASP CA   C  N S 89  
ASP C    C  N N 90  
ASP O    O  N N 91  
ASP CB   C  N N 92  
ASP CG   C  N N 93  
ASP OD1  O  N N 94  
ASP OD2  O  N N 95  
ASP OXT  O  N N 96  
ASP H    H  N N 97  
ASP H2   H  N N 98  
ASP HA   H  N N 99  
ASP HB2  H  N N 100 
ASP HB3  H  N N 101 
ASP HD2  H  N N 102 
ASP HXT  H  N N 103 
CL  CL   CL N N 104 
GLN N    N  N N 105 
GLN CA   C  N S 106 
GLN C    C  N N 107 
GLN O    O  N N 108 
GLN CB   C  N N 109 
GLN CG   C  N N 110 
GLN CD   C  N N 111 
GLN OE1  O  N N 112 
GLN NE2  N  N N 113 
GLN OXT  O  N N 114 
GLN H    H  N N 115 
GLN H2   H  N N 116 
GLN HA   H  N N 117 
GLN HB2  H  N N 118 
GLN HB3  H  N N 119 
GLN HG2  H  N N 120 
GLN HG3  H  N N 121 
GLN HE21 H  N N 122 
GLN HE22 H  N N 123 
GLN HXT  H  N N 124 
GLU N    N  N N 125 
GLU CA   C  N S 126 
GLU C    C  N N 127 
GLU O    O  N N 128 
GLU CB   C  N N 129 
GLU CG   C  N N 130 
GLU CD   C  N N 131 
GLU OE1  O  N N 132 
GLU OE2  O  N N 133 
GLU OXT  O  N N 134 
GLU H    H  N N 135 
GLU H2   H  N N 136 
GLU HA   H  N N 137 
GLU HB2  H  N N 138 
GLU HB3  H  N N 139 
GLU HG2  H  N N 140 
GLU HG3  H  N N 141 
GLU HE2  H  N N 142 
GLU HXT  H  N N 143 
GLY N    N  N N 144 
GLY CA   C  N N 145 
GLY C    C  N N 146 
GLY O    O  N N 147 
GLY OXT  O  N N 148 
GLY H    H  N N 149 
GLY H2   H  N N 150 
GLY HA2  H  N N 151 
GLY HA3  H  N N 152 
GLY HXT  H  N N 153 
HIS N    N  N N 154 
HIS CA   C  N S 155 
HIS C    C  N N 156 
HIS O    O  N N 157 
HIS CB   C  N N 158 
HIS CG   C  Y N 159 
HIS ND1  N  Y N 160 
HIS CD2  C  Y N 161 
HIS CE1  C  Y N 162 
HIS NE2  N  Y N 163 
HIS OXT  O  N N 164 
HIS H    H  N N 165 
HIS H2   H  N N 166 
HIS HA   H  N N 167 
HIS HB2  H  N N 168 
HIS HB3  H  N N 169 
HIS HD1  H  N N 170 
HIS HD2  H  N N 171 
HIS HE1  H  N N 172 
HIS HE2  H  N N 173 
HIS HXT  H  N N 174 
HOH O    O  N N 175 
HOH H1   H  N N 176 
HOH H2   H  N N 177 
ILE N    N  N N 178 
ILE CA   C  N S 179 
ILE C    C  N N 180 
ILE O    O  N N 181 
ILE CB   C  N S 182 
ILE CG1  C  N N 183 
ILE CG2  C  N N 184 
ILE CD1  C  N N 185 
ILE OXT  O  N N 186 
ILE H    H  N N 187 
ILE H2   H  N N 188 
ILE HA   H  N N 189 
ILE HB   H  N N 190 
ILE HG12 H  N N 191 
ILE HG13 H  N N 192 
ILE HG21 H  N N 193 
ILE HG22 H  N N 194 
ILE HG23 H  N N 195 
ILE HD11 H  N N 196 
ILE HD12 H  N N 197 
ILE HD13 H  N N 198 
ILE HXT  H  N N 199 
LEU N    N  N N 200 
LEU CA   C  N S 201 
LEU C    C  N N 202 
LEU O    O  N N 203 
LEU CB   C  N N 204 
LEU CG   C  N N 205 
LEU CD1  C  N N 206 
LEU CD2  C  N N 207 
LEU OXT  O  N N 208 
LEU H    H  N N 209 
LEU H2   H  N N 210 
LEU HA   H  N N 211 
LEU HB2  H  N N 212 
LEU HB3  H  N N 213 
LEU HG   H  N N 214 
LEU HD11 H  N N 215 
LEU HD12 H  N N 216 
LEU HD13 H  N N 217 
LEU HD21 H  N N 218 
LEU HD22 H  N N 219 
LEU HD23 H  N N 220 
LEU HXT  H  N N 221 
LYS N    N  N N 222 
LYS CA   C  N S 223 
LYS C    C  N N 224 
LYS O    O  N N 225 
LYS CB   C  N N 226 
LYS CG   C  N N 227 
LYS CD   C  N N 228 
LYS CE   C  N N 229 
LYS NZ   N  N N 230 
LYS OXT  O  N N 231 
LYS H    H  N N 232 
LYS H2   H  N N 233 
LYS HA   H  N N 234 
LYS HB2  H  N N 235 
LYS HB3  H  N N 236 
LYS HG2  H  N N 237 
LYS HG3  H  N N 238 
LYS HD2  H  N N 239 
LYS HD3  H  N N 240 
LYS HE2  H  N N 241 
LYS HE3  H  N N 242 
LYS HZ1  H  N N 243 
LYS HZ2  H  N N 244 
LYS HZ3  H  N N 245 
LYS HXT  H  N N 246 
MET N    N  N N 247 
MET CA   C  N S 248 
MET C    C  N N 249 
MET O    O  N N 250 
MET CB   C  N N 251 
MET CG   C  N N 252 
MET SD   S  N N 253 
MET CE   C  N N 254 
MET OXT  O  N N 255 
MET H    H  N N 256 
MET H2   H  N N 257 
MET HA   H  N N 258 
MET HB2  H  N N 259 
MET HB3  H  N N 260 
MET HG2  H  N N 261 
MET HG3  H  N N 262 
MET HE1  H  N N 263 
MET HE2  H  N N 264 
MET HE3  H  N N 265 
MET HXT  H  N N 266 
NA  NA   NA N N 267 
PHE N    N  N N 268 
PHE CA   C  N S 269 
PHE C    C  N N 270 
PHE O    O  N N 271 
PHE CB   C  N N 272 
PHE CG   C  Y N 273 
PHE CD1  C  Y N 274 
PHE CD2  C  Y N 275 
PHE CE1  C  Y N 276 
PHE CE2  C  Y N 277 
PHE CZ   C  Y N 278 
PHE OXT  O  N N 279 
PHE H    H  N N 280 
PHE H2   H  N N 281 
PHE HA   H  N N 282 
PHE HB2  H  N N 283 
PHE HB3  H  N N 284 
PHE HD1  H  N N 285 
PHE HD2  H  N N 286 
PHE HE1  H  N N 287 
PHE HE2  H  N N 288 
PHE HZ   H  N N 289 
PHE HXT  H  N N 290 
PRO N    N  N N 291 
PRO CA   C  N S 292 
PRO C    C  N N 293 
PRO O    O  N N 294 
PRO CB   C  N N 295 
PRO CG   C  N N 296 
PRO CD   C  N N 297 
PRO OXT  O  N N 298 
PRO H    H  N N 299 
PRO HA   H  N N 300 
PRO HB2  H  N N 301 
PRO HB3  H  N N 302 
PRO HG2  H  N N 303 
PRO HG3  H  N N 304 
PRO HD2  H  N N 305 
PRO HD3  H  N N 306 
PRO HXT  H  N N 307 
PTR N    N  N N 308 
PTR CA   C  N S 309 
PTR C    C  N N 310 
PTR O    O  N N 311 
PTR OXT  O  N N 312 
PTR CB   C  N N 313 
PTR CG   C  Y N 314 
PTR CD1  C  Y N 315 
PTR CD2  C  Y N 316 
PTR CE1  C  Y N 317 
PTR CE2  C  Y N 318 
PTR CZ   C  Y N 319 
PTR OH   O  N N 320 
PTR P    P  N N 321 
PTR O1P  O  N N 322 
PTR O2P  O  N N 323 
PTR O3P  O  N N 324 
PTR H    H  N N 325 
PTR H2   H  N N 326 
PTR HA   H  N N 327 
PTR HXT  H  N N 328 
PTR HB2  H  N N 329 
PTR HB3  H  N N 330 
PTR HD1  H  N N 331 
PTR HD2  H  N N 332 
PTR HE1  H  N N 333 
PTR HE2  H  N N 334 
PTR HO2P H  N N 335 
PTR HO3P H  N N 336 
SER N    N  N N 337 
SER CA   C  N S 338 
SER C    C  N N 339 
SER O    O  N N 340 
SER CB   C  N N 341 
SER OG   O  N N 342 
SER OXT  O  N N 343 
SER H    H  N N 344 
SER H2   H  N N 345 
SER HA   H  N N 346 
SER HB2  H  N N 347 
SER HB3  H  N N 348 
SER HG   H  N N 349 
SER HXT  H  N N 350 
THR N    N  N N 351 
THR CA   C  N S 352 
THR C    C  N N 353 
THR O    O  N N 354 
THR CB   C  N R 355 
THR OG1  O  N N 356 
THR CG2  C  N N 357 
THR OXT  O  N N 358 
THR H    H  N N 359 
THR H2   H  N N 360 
THR HA   H  N N 361 
THR HB   H  N N 362 
THR HG1  H  N N 363 
THR HG21 H  N N 364 
THR HG22 H  N N 365 
THR HG23 H  N N 366 
THR HXT  H  N N 367 
TYR N    N  N N 368 
TYR CA   C  N S 369 
TYR C    C  N N 370 
TYR O    O  N N 371 
TYR CB   C  N N 372 
TYR CG   C  Y N 373 
TYR CD1  C  Y N 374 
TYR CD2  C  Y N 375 
TYR CE1  C  Y N 376 
TYR CE2  C  Y N 377 
TYR CZ   C  Y N 378 
TYR OH   O  N N 379 
TYR OXT  O  N N 380 
TYR H    H  N N 381 
TYR H2   H  N N 382 
TYR HA   H  N N 383 
TYR HB2  H  N N 384 
TYR HB3  H  N N 385 
TYR HD1  H  N N 386 
TYR HD2  H  N N 387 
TYR HE1  H  N N 388 
TYR HE2  H  N N 389 
TYR HH   H  N N 390 
TYR HXT  H  N N 391 
VAL N    N  N N 392 
VAL CA   C  N S 393 
VAL C    C  N N 394 
VAL O    O  N N 395 
VAL CB   C  N N 396 
VAL CG1  C  N N 397 
VAL CG2  C  N N 398 
VAL OXT  O  N N 399 
VAL H    H  N N 400 
VAL H2   H  N N 401 
VAL HA   H  N N 402 
VAL HB   H  N N 403 
VAL HG11 H  N N 404 
VAL HG12 H  N N 405 
VAL HG13 H  N N 406 
VAL HG21 H  N N 407 
VAL HG22 H  N N 408 
VAL HG23 H  N N 409 
VAL HXT  H  N N 410 
# 
loop_
_chem_comp_bond.comp_id 
_chem_comp_bond.atom_id_1 
_chem_comp_bond.atom_id_2 
_chem_comp_bond.value_order 
_chem_comp_bond.pdbx_aromatic_flag 
_chem_comp_bond.pdbx_stereo_config 
_chem_comp_bond.pdbx_ordinal 
ALA N   CA   sing N N 1   
ALA N   H    sing N N 2   
ALA N   H2   sing N N 3   
ALA CA  C    sing N N 4   
ALA CA  CB   sing N N 5   
ALA CA  HA   sing N N 6   
ALA C   O    doub N N 7   
ALA C   OXT  sing N N 8   
ALA CB  HB1  sing N N 9   
ALA CB  HB2  sing N N 10  
ALA CB  HB3  sing N N 11  
ALA OXT HXT  sing N N 12  
ANS C1  C2   doub Y N 13  
ANS C1  C8A  sing Y N 14  
ANS C1  S    sing N N 15  
ANS C2  C3   sing Y N 16  
ANS C2  H2   sing N N 17  
ANS C3  C4   doub Y N 18  
ANS C3  H3   sing N N 19  
ANS C4  C4A  sing Y N 20  
ANS C4  H4   sing N N 21  
ANS C4A C5   doub Y N 22  
ANS C4A C8A  sing Y N 23  
ANS C5  C6   sing Y N 24  
ANS C5  N    sing N N 25  
ANS C6  C7   doub Y N 26  
ANS C6  H6   sing N N 27  
ANS C7  C8   sing Y N 28  
ANS C7  H7   sing N N 29  
ANS C8  C8A  doub Y N 30  
ANS C8  H8   sing N N 31  
ANS N   CM1  sing N N 32  
ANS N   CM2  sing N N 33  
ANS CM1 HM11 sing N N 34  
ANS CM1 HM12 sing N N 35  
ANS CM1 HM13 sing N N 36  
ANS CM2 HM21 sing N N 37  
ANS CM2 HM22 sing N N 38  
ANS CM2 HM23 sing N N 39  
ANS S   O1S  doub N N 40  
ANS S   O2S  doub N N 41  
ANS S   O3S  sing N N 42  
ANS O3S HOS3 sing N N 43  
ARG N   CA   sing N N 44  
ARG N   H    sing N N 45  
ARG N   H2   sing N N 46  
ARG CA  C    sing N N 47  
ARG CA  CB   sing N N 48  
ARG CA  HA   sing N N 49  
ARG C   O    doub N N 50  
ARG C   OXT  sing N N 51  
ARG CB  CG   sing N N 52  
ARG CB  HB2  sing N N 53  
ARG CB  HB3  sing N N 54  
ARG CG  CD   sing N N 55  
ARG CG  HG2  sing N N 56  
ARG CG  HG3  sing N N 57  
ARG CD  NE   sing N N 58  
ARG CD  HD2  sing N N 59  
ARG CD  HD3  sing N N 60  
ARG NE  CZ   sing N N 61  
ARG NE  HE   sing N N 62  
ARG CZ  NH1  sing N N 63  
ARG CZ  NH2  doub N N 64  
ARG NH1 HH11 sing N N 65  
ARG NH1 HH12 sing N N 66  
ARG NH2 HH21 sing N N 67  
ARG NH2 HH22 sing N N 68  
ARG OXT HXT  sing N N 69  
ASN N   CA   sing N N 70  
ASN N   H    sing N N 71  
ASN N   H2   sing N N 72  
ASN CA  C    sing N N 73  
ASN CA  CB   sing N N 74  
ASN CA  HA   sing N N 75  
ASN C   O    doub N N 76  
ASN C   OXT  sing N N 77  
ASN CB  CG   sing N N 78  
ASN CB  HB2  sing N N 79  
ASN CB  HB3  sing N N 80  
ASN CG  OD1  doub N N 81  
ASN CG  ND2  sing N N 82  
ASN ND2 HD21 sing N N 83  
ASN ND2 HD22 sing N N 84  
ASN OXT HXT  sing N N 85  
ASP N   CA   sing N N 86  
ASP N   H    sing N N 87  
ASP N   H2   sing N N 88  
ASP CA  C    sing N N 89  
ASP CA  CB   sing N N 90  
ASP CA  HA   sing N N 91  
ASP C   O    doub N N 92  
ASP C   OXT  sing N N 93  
ASP CB  CG   sing N N 94  
ASP CB  HB2  sing N N 95  
ASP CB  HB3  sing N N 96  
ASP CG  OD1  doub N N 97  
ASP CG  OD2  sing N N 98  
ASP OD2 HD2  sing N N 99  
ASP OXT HXT  sing N N 100 
GLN N   CA   sing N N 101 
GLN N   H    sing N N 102 
GLN N   H2   sing N N 103 
GLN CA  C    sing N N 104 
GLN CA  CB   sing N N 105 
GLN CA  HA   sing N N 106 
GLN C   O    doub N N 107 
GLN C   OXT  sing N N 108 
GLN CB  CG   sing N N 109 
GLN CB  HB2  sing N N 110 
GLN CB  HB3  sing N N 111 
GLN CG  CD   sing N N 112 
GLN CG  HG2  sing N N 113 
GLN CG  HG3  sing N N 114 
GLN CD  OE1  doub N N 115 
GLN CD  NE2  sing N N 116 
GLN NE2 HE21 sing N N 117 
GLN NE2 HE22 sing N N 118 
GLN OXT HXT  sing N N 119 
GLU N   CA   sing N N 120 
GLU N   H    sing N N 121 
GLU N   H2   sing N N 122 
GLU CA  C    sing N N 123 
GLU CA  CB   sing N N 124 
GLU CA  HA   sing N N 125 
GLU C   O    doub N N 126 
GLU C   OXT  sing N N 127 
GLU CB  CG   sing N N 128 
GLU CB  HB2  sing N N 129 
GLU CB  HB3  sing N N 130 
GLU CG  CD   sing N N 131 
GLU CG  HG2  sing N N 132 
GLU CG  HG3  sing N N 133 
GLU CD  OE1  doub N N 134 
GLU CD  OE2  sing N N 135 
GLU OE2 HE2  sing N N 136 
GLU OXT HXT  sing N N 137 
GLY N   CA   sing N N 138 
GLY N   H    sing N N 139 
GLY N   H2   sing N N 140 
GLY CA  C    sing N N 141 
GLY CA  HA2  sing N N 142 
GLY CA  HA3  sing N N 143 
GLY C   O    doub N N 144 
GLY C   OXT  sing N N 145 
GLY OXT HXT  sing N N 146 
HIS N   CA   sing N N 147 
HIS N   H    sing N N 148 
HIS N   H2   sing N N 149 
HIS CA  C    sing N N 150 
HIS CA  CB   sing N N 151 
HIS CA  HA   sing N N 152 
HIS C   O    doub N N 153 
HIS C   OXT  sing N N 154 
HIS CB  CG   sing N N 155 
HIS CB  HB2  sing N N 156 
HIS CB  HB3  sing N N 157 
HIS CG  ND1  sing Y N 158 
HIS CG  CD2  doub Y N 159 
HIS ND1 CE1  doub Y N 160 
HIS ND1 HD1  sing N N 161 
HIS CD2 NE2  sing Y N 162 
HIS CD2 HD2  sing N N 163 
HIS CE1 NE2  sing Y N 164 
HIS CE1 HE1  sing N N 165 
HIS NE2 HE2  sing N N 166 
HIS OXT HXT  sing N N 167 
HOH O   H1   sing N N 168 
HOH O   H2   sing N N 169 
ILE N   CA   sing N N 170 
ILE N   H    sing N N 171 
ILE N   H2   sing N N 172 
ILE CA  C    sing N N 173 
ILE CA  CB   sing N N 174 
ILE CA  HA   sing N N 175 
ILE C   O    doub N N 176 
ILE C   OXT  sing N N 177 
ILE CB  CG1  sing N N 178 
ILE CB  CG2  sing N N 179 
ILE CB  HB   sing N N 180 
ILE CG1 CD1  sing N N 181 
ILE CG1 HG12 sing N N 182 
ILE CG1 HG13 sing N N 183 
ILE CG2 HG21 sing N N 184 
ILE CG2 HG22 sing N N 185 
ILE CG2 HG23 sing N N 186 
ILE CD1 HD11 sing N N 187 
ILE CD1 HD12 sing N N 188 
ILE CD1 HD13 sing N N 189 
ILE OXT HXT  sing N N 190 
LEU N   CA   sing N N 191 
LEU N   H    sing N N 192 
LEU N   H2   sing N N 193 
LEU CA  C    sing N N 194 
LEU CA  CB   sing N N 195 
LEU CA  HA   sing N N 196 
LEU C   O    doub N N 197 
LEU C   OXT  sing N N 198 
LEU CB  CG   sing N N 199 
LEU CB  HB2  sing N N 200 
LEU CB  HB3  sing N N 201 
LEU CG  CD1  sing N N 202 
LEU CG  CD2  sing N N 203 
LEU CG  HG   sing N N 204 
LEU CD1 HD11 sing N N 205 
LEU CD1 HD12 sing N N 206 
LEU CD1 HD13 sing N N 207 
LEU CD2 HD21 sing N N 208 
LEU CD2 HD22 sing N N 209 
LEU CD2 HD23 sing N N 210 
LEU OXT HXT  sing N N 211 
LYS N   CA   sing N N 212 
LYS N   H    sing N N 213 
LYS N   H2   sing N N 214 
LYS CA  C    sing N N 215 
LYS CA  CB   sing N N 216 
LYS CA  HA   sing N N 217 
LYS C   O    doub N N 218 
LYS C   OXT  sing N N 219 
LYS CB  CG   sing N N 220 
LYS CB  HB2  sing N N 221 
LYS CB  HB3  sing N N 222 
LYS CG  CD   sing N N 223 
LYS CG  HG2  sing N N 224 
LYS CG  HG3  sing N N 225 
LYS CD  CE   sing N N 226 
LYS CD  HD2  sing N N 227 
LYS CD  HD3  sing N N 228 
LYS CE  NZ   sing N N 229 
LYS CE  HE2  sing N N 230 
LYS CE  HE3  sing N N 231 
LYS NZ  HZ1  sing N N 232 
LYS NZ  HZ2  sing N N 233 
LYS NZ  HZ3  sing N N 234 
LYS OXT HXT  sing N N 235 
MET N   CA   sing N N 236 
MET N   H    sing N N 237 
MET N   H2   sing N N 238 
MET CA  C    sing N N 239 
MET CA  CB   sing N N 240 
MET CA  HA   sing N N 241 
MET C   O    doub N N 242 
MET C   OXT  sing N N 243 
MET CB  CG   sing N N 244 
MET CB  HB2  sing N N 245 
MET CB  HB3  sing N N 246 
MET CG  SD   sing N N 247 
MET CG  HG2  sing N N 248 
MET CG  HG3  sing N N 249 
MET SD  CE   sing N N 250 
MET CE  HE1  sing N N 251 
MET CE  HE2  sing N N 252 
MET CE  HE3  sing N N 253 
MET OXT HXT  sing N N 254 
PHE N   CA   sing N N 255 
PHE N   H    sing N N 256 
PHE N   H2   sing N N 257 
PHE CA  C    sing N N 258 
PHE CA  CB   sing N N 259 
PHE CA  HA   sing N N 260 
PHE C   O    doub N N 261 
PHE C   OXT  sing N N 262 
PHE CB  CG   sing N N 263 
PHE CB  HB2  sing N N 264 
PHE CB  HB3  sing N N 265 
PHE CG  CD1  doub Y N 266 
PHE CG  CD2  sing Y N 267 
PHE CD1 CE1  sing Y N 268 
PHE CD1 HD1  sing N N 269 
PHE CD2 CE2  doub Y N 270 
PHE CD2 HD2  sing N N 271 
PHE CE1 CZ   doub Y N 272 
PHE CE1 HE1  sing N N 273 
PHE CE2 CZ   sing Y N 274 
PHE CE2 HE2  sing N N 275 
PHE CZ  HZ   sing N N 276 
PHE OXT HXT  sing N N 277 
PRO N   CA   sing N N 278 
PRO N   CD   sing N N 279 
PRO N   H    sing N N 280 
PRO CA  C    sing N N 281 
PRO CA  CB   sing N N 282 
PRO CA  HA   sing N N 283 
PRO C   O    doub N N 284 
PRO C   OXT  sing N N 285 
PRO CB  CG   sing N N 286 
PRO CB  HB2  sing N N 287 
PRO CB  HB3  sing N N 288 
PRO CG  CD   sing N N 289 
PRO CG  HG2  sing N N 290 
PRO CG  HG3  sing N N 291 
PRO CD  HD2  sing N N 292 
PRO CD  HD3  sing N N 293 
PRO OXT HXT  sing N N 294 
PTR N   CA   sing N N 295 
PTR N   H    sing N N 296 
PTR N   H2   sing N N 297 
PTR CA  C    sing N N 298 
PTR CA  CB   sing N N 299 
PTR CA  HA   sing N N 300 
PTR C   O    doub N N 301 
PTR C   OXT  sing N N 302 
PTR OXT HXT  sing N N 303 
PTR CB  CG   sing N N 304 
PTR CB  HB2  sing N N 305 
PTR CB  HB3  sing N N 306 
PTR CG  CD1  doub Y N 307 
PTR CG  CD2  sing Y N 308 
PTR CD1 CE1  sing Y N 309 
PTR CD1 HD1  sing N N 310 
PTR CD2 CE2  doub Y N 311 
PTR CD2 HD2  sing N N 312 
PTR CE1 CZ   doub Y N 313 
PTR CE1 HE1  sing N N 314 
PTR CE2 CZ   sing Y N 315 
PTR CE2 HE2  sing N N 316 
PTR CZ  OH   sing N N 317 
PTR OH  P    sing N N 318 
PTR P   O1P  doub N N 319 
PTR P   O2P  sing N N 320 
PTR P   O3P  sing N N 321 
PTR O2P HO2P sing N N 322 
PTR O3P HO3P sing N N 323 
SER N   CA   sing N N 324 
SER N   H    sing N N 325 
SER N   H2   sing N N 326 
SER CA  C    sing N N 327 
SER CA  CB   sing N N 328 
SER CA  HA   sing N N 329 
SER C   O    doub N N 330 
SER C   OXT  sing N N 331 
SER CB  OG   sing N N 332 
SER CB  HB2  sing N N 333 
SER CB  HB3  sing N N 334 
SER OG  HG   sing N N 335 
SER OXT HXT  sing N N 336 
THR N   CA   sing N N 337 
THR N   H    sing N N 338 
THR N   H2   sing N N 339 
THR CA  C    sing N N 340 
THR CA  CB   sing N N 341 
THR CA  HA   sing N N 342 
THR C   O    doub N N 343 
THR C   OXT  sing N N 344 
THR CB  OG1  sing N N 345 
THR CB  CG2  sing N N 346 
THR CB  HB   sing N N 347 
THR OG1 HG1  sing N N 348 
THR CG2 HG21 sing N N 349 
THR CG2 HG22 sing N N 350 
THR CG2 HG23 sing N N 351 
THR OXT HXT  sing N N 352 
TYR N   CA   sing N N 353 
TYR N   H    sing N N 354 
TYR N   H2   sing N N 355 
TYR CA  C    sing N N 356 
TYR CA  CB   sing N N 357 
TYR CA  HA   sing N N 358 
TYR C   O    doub N N 359 
TYR C   OXT  sing N N 360 
TYR CB  CG   sing N N 361 
TYR CB  HB2  sing N N 362 
TYR CB  HB3  sing N N 363 
TYR CG  CD1  doub Y N 364 
TYR CG  CD2  sing Y N 365 
TYR CD1 CE1  sing Y N 366 
TYR CD1 HD1  sing N N 367 
TYR CD2 CE2  doub Y N 368 
TYR CD2 HD2  sing N N 369 
TYR CE1 CZ   doub Y N 370 
TYR CE1 HE1  sing N N 371 
TYR CE2 CZ   sing Y N 372 
TYR CE2 HE2  sing N N 373 
TYR CZ  OH   sing N N 374 
TYR OH  HH   sing N N 375 
TYR OXT HXT  sing N N 376 
VAL N   CA   sing N N 377 
VAL N   H    sing N N 378 
VAL N   H2   sing N N 379 
VAL CA  C    sing N N 380 
VAL CA  CB   sing N N 381 
VAL CA  HA   sing N N 382 
VAL C   O    doub N N 383 
VAL C   OXT  sing N N 384 
VAL CB  CG1  sing N N 385 
VAL CB  CG2  sing N N 386 
VAL CB  HB   sing N N 387 
VAL CG1 HG11 sing N N 388 
VAL CG1 HG12 sing N N 389 
VAL CG1 HG13 sing N N 390 
VAL CG2 HG21 sing N N 391 
VAL CG2 HG22 sing N N 392 
VAL CG2 HG23 sing N N 393 
VAL OXT HXT  sing N N 394 
# 
_pdbx_initial_refinement_model.id               1 
_pdbx_initial_refinement_model.entity_id_list   ? 
_pdbx_initial_refinement_model.type             'experimental model' 
_pdbx_initial_refinement_model.source_name      PDB 
_pdbx_initial_refinement_model.accession_code   3KZD 
_pdbx_initial_refinement_model.details          'PDB ENTRY 3KZD' 
# 
_atom_sites.entry_id                    4GVC 
_atom_sites.fract_transf_matrix[1][1]   0.01374850 
_atom_sites.fract_transf_matrix[1][2]   0.02746419 
_atom_sites.fract_transf_matrix[1][3]   0.02139222 
_atom_sites.fract_transf_matrix[2][1]   -0.01800730 
_atom_sites.fract_transf_matrix[2][2]   0.00266315 
_atom_sites.fract_transf_matrix[2][3]   0.00815400 
_atom_sites.fract_transf_matrix[3][1]   0.00387529 
_atom_sites.fract_transf_matrix[3][2]   -0.01154241 
_atom_sites.fract_transf_matrix[3][3]   0.01232801 
_atom_sites.fract_transf_vector[1]      0.007953 
_atom_sites.fract_transf_vector[2]      -0.163391 
_atom_sites.fract_transf_vector[3]      0.244014 
# 
loop_
_atom_type.symbol 
C  
CL 
N  
NA 
O  
P  
S  
# 
loop_
_atom_site.group_PDB 
_atom_site.id 
_atom_site.type_symbol 
_atom_site.label_atom_id 
_atom_site.label_alt_id 
_atom_site.label_comp_id 
_atom_site.label_asym_id 
_atom_site.label_entity_id 
_atom_site.label_seq_id 
_atom_site.pdbx_PDB_ins_code 
_atom_site.Cartn_x 
_atom_site.Cartn_y 
_atom_site.Cartn_z 
_atom_site.occupancy 
_atom_site.B_iso_or_equiv 
_atom_site.pdbx_formal_charge 
_atom_site.auth_seq_id 
_atom_site.auth_comp_id 
_atom_site.auth_asym_id 
_atom_site.auth_atom_id 
_atom_site.pdbx_PDB_model_num 
ATOM   1   N  N   . GLY A 1 1  ? 22.020  9.556   1.206   1.00 12.07  ? 837  GLY A N   1 
ATOM   2   C  CA  . GLY A 1 1  ? 21.106  9.398   0.034   1.00 11.01  ? 837  GLY A CA  1 
ATOM   3   C  C   . GLY A 1 1  ? 20.841  10.759  -0.565  1.00 11.24  ? 837  GLY A C   1 
ATOM   4   O  O   . GLY A 1 1  ? 21.362  11.768  -0.083  1.00 11.56  ? 837  GLY A O   1 
ATOM   5   N  N   . ALA A 1 2  ? 20.054  10.792  -1.633  1.00 11.12  ? 838  ALA A N   1 
ATOM   6   C  CA  . ALA A 1 2  ? 19.746  12.047  -2.298  1.00 10.91  ? 838  ALA A CA  1 
ATOM   7   C  C   . ALA A 1 2  ? 18.289  12.040  -2.740  1.00 10.86  ? 838  ALA A C   1 
ATOM   8   O  O   . ALA A 1 2  ? 17.458  11.427  -2.062  1.00 11.14  ? 838  ALA A O   1 
ATOM   9   C  CB  . ALA A 1 2  ? 20.715  12.315  -3.459  1.00 11.21  ? 838  ALA A CB  1 
ATOM   10  N  N   . MET A 1 3  ? 17.975  12.707  -3.851  1.00 10.37  ? 839  MET A N   1 
ATOM   11  C  CA  . MET A 1 3  ? 16.575  12.928  -4.221  1.00 10.62  ? 839  MET A CA  1 
ATOM   12  C  C   . MET A 1 3  ? 16.006  11.911  -5.194  1.00 9.77   ? 839  MET A C   1 
ATOM   13  O  O   . MET A 1 3  ? 14.851  12.024  -5.613  1.00 9.59   ? 839  MET A O   1 
ATOM   14  C  CB  . MET A 1 3  ? 16.362  14.345  -4.763  1.00 11.77  ? 839  MET A CB  1 
ATOM   15  C  CG  . MET A 1 3  ? 16.509  15.431  -3.702  1.00 14.61  ? 839  MET A CG  1 
ATOM   16  S  SD  . MET A 1 3  ? 16.004  17.042  -4.318  1.00 19.73  ? 839  MET A SD  1 
ATOM   17  C  CE  . MET A 1 3  ? 17.146  17.288  -5.678  1.00 19.70  ? 839  MET A CE  1 
ATOM   18  N  N   . GLY A 1 4  ? 16.805  10.911  -5.551  1.00 9.24   ? 840  GLY A N   1 
ATOM   19  C  CA  . GLY A 1 4  ? 16.390  9.936   -6.550  1.00 8.96   ? 840  GLY A CA  1 
ATOM   20  C  C   . GLY A 1 4  ? 15.216  9.076   -6.133  1.00 8.46   ? 840  GLY A C   1 
ATOM   21  O  O   . GLY A 1 4  ? 15.082  8.696   -4.954  1.00 8.91   ? 840  GLY A O   1 
ATOM   22  N  N   . LYS A 1 5  ? 14.356  8.780   -7.106  1.00 8.28   ? 841  LYS A N   1 
ATOM   23  C  CA  . LYS A 1 5  ? 13.228  7.867   -6.922  1.00 8.25   ? 841  LYS A CA  1 
ATOM   24  C  C   . LYS A 1 5  ? 13.711  6.423   -6.781  1.00 8.12   ? 841  LYS A C   1 
ATOM   25  O  O   . LYS A 1 5  ? 14.455  5.918   -7.631  1.00 9.19   ? 841  LYS A O   1 
ATOM   26  C  CB  . LYS A 1 5  ? 12.288  7.985   -8.131  1.00 9.03   ? 841  LYS A CB  1 
ATOM   27  C  CG  . LYS A 1 5  ? 11.210  6.916   -8.272  1.00 10.11  ? 841  LYS A CG  1 
ATOM   28  C  CD  . LYS A 1 5  ? 10.391  7.215   -9.523  1.00 13.40  ? 841  LYS A CD  1 
ATOM   29  C  CE  . LYS A 1 5  ? 9.322   6.193   -9.767  1.00 15.22  ? 841  LYS A CE  1 
ATOM   30  N  NZ  . LYS A 1 5  ? 8.553   6.591   -10.975 1.00 17.30  ? 841  LYS A NZ  1 
ATOM   31  N  N   . VAL A 1 6  ? 13.291  5.776   -5.700  1.00 6.83   ? 842  VAL A N   1 
ATOM   32  C  CA  . VAL A 1 6  ? 13.555  4.357   -5.502  1.00 6.57   ? 842  VAL A CA  1 
ATOM   33  C  C   . VAL A 1 6  ? 12.218  3.663   -5.309  1.00 6.42   ? 842  VAL A C   1 
ATOM   34  O  O   . VAL A 1 6  ? 11.394  4.106   -4.498  1.00 7.49   ? 842  VAL A O   1 
ATOM   35  C  CB  . VAL A 1 6  ? 14.458  4.107   -4.269  1.00 6.50   ? 842  VAL A CB  1 
ATOM   36  C  CG1 . VAL A 1 6  ? 14.774  2.619   -4.131  1.00 8.42   ? 842  VAL A CG1 1 
ATOM   37  C  CG2 . VAL A 1 6  ? 15.761  4.908   -4.378  1.00 7.91   ? 842  VAL A CG2 1 
ATOM   38  N  N   . THR A 1 7  ? 11.981  2.594   -6.064  1.00 6.24   ? 843  THR A N   1 
ATOM   39  C  CA  . THR A 1 7  ? 10.762  1.812   -5.855  1.00 6.47   ? 843  THR A CA  1 
ATOM   40  C  C   . THR A 1 7  ? 11.077  0.448   -5.280  1.00 6.49   ? 843  THR A C   1 
ATOM   41  O  O   . THR A 1 7  ? 12.189  -0.052  -5.406  1.00 6.81   ? 843  THR A O   1 
ATOM   42  C  CB  . THR A 1 7  ? 9.879   1.687   -7.116  1.00 6.22   ? 843  THR A CB  1 
ATOM   43  O  OG1 . THR A 1 7  ? 10.489  0.798   -8.062  1.00 7.03   ? 843  THR A OG1 1 
ATOM   44  C  CG2 . THR A 1 7  ? 9.675   3.057   -7.753  1.00 7.22   ? 843  THR A CG2 1 
ATOM   45  N  N   . HIS A 1 8  ? 10.082  -0.125  -4.618  1.00 6.89   ? 844  HIS A N   1 
ATOM   46  C  CA  . HIS A 1 8  ? 10.237  -1.366  -3.890  1.00 7.62   ? 844  HIS A CA  1 
ATOM   47  C  C   . HIS A 1 8  ? 9.058   -2.246  -4.284  1.00 7.93   ? 844  HIS A C   1 
ATOM   48  O  O   . HIS A 1 8  ? 7.916   -1.835  -4.136  1.00 7.64   ? 844  HIS A O   1 
ATOM   49  C  CB  . HIS A 1 8  ? 10.236  -1.048  -2.384  1.00 8.26   ? 844  HIS A CB  1 
ATOM   50  C  CG  . HIS A 1 8  ? 10.452  -2.238  -1.495  1.00 9.52   ? 844  HIS A CG  1 
ATOM   51  N  ND1 . HIS A 1 8  ? 10.066  -2.248  -0.171  1.00 12.37  ? 844  HIS A ND1 1 
ATOM   52  C  CD2 . HIS A 1 8  ? 11.026  -3.446  -1.727  1.00 10.62  ? 844  HIS A CD2 1 
ATOM   53  C  CE1 . HIS A 1 8  ? 10.389  -3.407  0.374   1.00 12.78  ? 844  HIS A CE1 1 
ATOM   54  N  NE2 . HIS A 1 8  ? 10.976  -4.152  -0.547  1.00 12.56  ? 844  HIS A NE2 1 
ATOM   55  N  N   . SER A 1 9  ? 9.348   -3.417  -4.855  1.00 7.98   ? 845  SER A N   1 
ATOM   56  C  CA  . SER A 1 9  ? 8.310   -4.390  -5.214  1.00 9.43   ? 845  SER A CA  1 
ATOM   57  C  C   . SER A 1 9  ? 8.189   -5.419  -4.109  1.00 9.58   ? 845  SER A C   1 
ATOM   58  O  O   . SER A 1 9  ? 9.179   -6.054  -3.726  1.00 10.12  ? 845  SER A O   1 
ATOM   59  C  CB  . SER A 1 9  ? 8.650   -5.086  -6.535  1.00 9.79   ? 845  SER A CB  1 
ATOM   60  O  OG  . SER A 1 9  ? 8.695   -4.157  -7.601  1.00 12.33  ? 845  SER A OG  1 
ATOM   61  N  N   . ILE A 1 10 ? 6.967   -5.599  -3.620  1.00 10.62  ? 846  ILE A N   1 
ATOM   62  C  CA  . ILE A 1 10 ? 6.690   -6.426  -2.461  1.00 11.41  ? 846  ILE A CA  1 
ATOM   63  C  C   . ILE A 1 10 ? 5.625   -7.434  -2.842  1.00 11.55  ? 846  ILE A C   1 
ATOM   64  O  O   . ILE A 1 10 ? 4.624   -7.087  -3.466  1.00 12.16  ? 846  ILE A O   1 
ATOM   65  C  CB  . ILE A 1 10 ? 6.203   -5.554  -1.266  1.00 11.39  ? 846  ILE A CB  1 
ATOM   66  C  CG1 . ILE A 1 10 ? 7.302   -4.577  -0.823  1.00 12.20  ? 846  ILE A CG1 1 
ATOM   67  C  CG2 . ILE A 1 10 ? 5.804   -6.413  -0.100  1.00 13.07  ? 846  ILE A CG2 1 
ATOM   68  C  CD1 . ILE A 1 10 ? 6.808   -3.465  0.109   1.00 14.97  ? 846  ILE A CD1 1 
ATOM   69  N  N   . HIS A 1 11 ? 5.853   -8.692  -2.479  1.00 12.39  ? 847  HIS A N   1 
ATOM   70  C  CA  . HIS A 1 11 ? 4.837   -9.723  -2.600  1.00 13.37  ? 847  HIS A CA  1 
ATOM   71  C  C   . HIS A 1 11 ? 4.580   -10.299 -1.217  1.00 13.20  ? 847  HIS A C   1 
ATOM   72  O  O   . HIS A 1 11 ? 5.492   -10.844 -0.589  1.00 13.81  ? 847  HIS A O   1 
ATOM   73  C  CB  . HIS A 1 11 ? 5.288   -10.823 -3.566  1.00 14.43  ? 847  HIS A CB  1 
ATOM   74  C  CG  . HIS A 1 11 ? 4.362   -11.993 -3.612  1.00 16.61  ? 847  HIS A CG  1 
ATOM   75  N  ND1 . HIS A 1 11 ? 3.193   -11.989 -4.338  1.00 18.41  ? 847  HIS A ND1 1 
ATOM   76  C  CD2 . HIS A 1 11 ? 4.426   -13.202 -3.006  1.00 18.22  ? 847  HIS A CD2 1 
ATOM   77  C  CE1 . HIS A 1 11 ? 2.579   -13.148 -4.185  1.00 18.86  ? 847  HIS A CE1 1 
ATOM   78  N  NE2 . HIS A 1 11 ? 3.304   -13.900 -3.377  1.00 18.99  ? 847  HIS A NE2 1 
ATOM   79  N  N   . ILE A 1 12 ? 3.342   -10.165 -0.743  1.00 12.89  ? 848  ILE A N   1 
ATOM   80  C  CA  . ILE A 1 12 ? 2.954   -10.685 0.573   1.00 13.34  ? 848  ILE A CA  1 
ATOM   81  C  C   . ILE A 1 12 ? 1.962   -11.829 0.416   1.00 13.90  ? 848  ILE A C   1 
ATOM   82  O  O   . ILE A 1 12 ? 1.023   -11.749 -0.389  1.00 13.46  ? 848  ILE A O   1 
ATOM   83  C  CB  . ILE A 1 12 ? 2.342   -9.593  1.493   1.00 13.40  ? 848  ILE A CB  1 
ATOM   84  C  CG1 . ILE A 1 12 ? 3.140   -8.292  1.395   1.00 14.46  ? 848  ILE A CG1 1 
ATOM   85  C  CG2 . ILE A 1 12 ? 2.290   -10.092 2.949   1.00 13.29  ? 848  ILE A CG2 1 
ATOM   86  C  CD1 . ILE A 1 12 ? 2.401   -7.048  1.844   1.00 15.65  ? 848  ILE A CD1 1 
ATOM   87  N  N   . GLU A 1 13 ? 2.176   -12.885 1.193   1.00 14.75  ? 849  GLU A N   1 
ATOM   88  C  CA  . GLU A 1 13 ? 1.321   -14.056 1.162   1.00 15.92  ? 849  GLU A CA  1 
ATOM   89  C  C   . GLU A 1 13 ? 0.884   -14.402 2.582   1.00 15.36  ? 849  GLU A C   1 
ATOM   90  O  O   . GLU A 1 13 ? 1.655   -14.246 3.542   1.00 15.33  ? 849  GLU A O   1 
ATOM   91  C  CB  . GLU A 1 13 ? 2.062   -15.223 0.516   1.00 17.37  ? 849  GLU A CB  1 
ATOM   92  C  CG  . GLU A 1 13 ? 1.234   -15.971 -0.502  1.00 21.18  ? 849  GLU A CG  1 
ATOM   93  C  CD  . GLU A 1 13 ? 1.998   -16.248 -1.790  1.00 25.26  ? 849  GLU A CD  1 
ATOM   94  O  OE1 . GLU A 1 13 ? 3.232   -16.463 -1.739  1.00 28.11  ? 849  GLU A OE1 1 
ATOM   95  O  OE2 . GLU A 1 13 ? 1.363   -16.244 -2.867  1.00 28.37  ? 849  GLU A OE2 1 
ATOM   96  N  N   . LYS A 1 14 ? -0.360  -14.855 2.711   1.00 14.95  ? 850  LYS A N   1 
ATOM   97  C  CA  . LYS A 1 14 ? -0.935  -15.187 4.016   1.00 14.91  ? 850  LYS A CA  1 
ATOM   98  C  C   . LYS A 1 14 ? -2.040  -16.228 3.872   1.00 14.88  ? 850  LYS A C   1 
ATOM   99  O  O   . LYS A 1 14 ? -2.425  -16.585 2.759   1.00 14.73  ? 850  LYS A O   1 
ATOM   100 C  CB  . LYS A 1 14 ? -1.501  -13.937 4.695   1.00 14.98  ? 850  LYS A CB  1 
ATOM   101 C  CG  . LYS A 1 14 ? -2.739  -13.375 4.010   1.00 14.93  ? 850  LYS A CG  1 
ATOM   102 C  CD  . LYS A 1 14 ? -3.267  -12.175 4.740   1.00 16.04  ? 850  LYS A CD  1 
ATOM   103 C  CE  . LYS A 1 14 ? -4.573  -11.725 4.139   1.00 15.02  ? 850  LYS A CE  1 
ATOM   104 N  NZ  . LYS A 1 14 ? -5.697  -12.648 4.433   1.00 14.12  ? 850  LYS A NZ  1 
ATOM   105 N  N   . SER A 1 15 ? -2.550  -16.700 5.006   1.00 14.82  ? 851  SER A N   1 
ATOM   106 C  CA  . SER A 1 15 ? -3.682  -17.614 5.003   1.00 14.72  ? 851  SER A CA  1 
ATOM   107 C  C   . SER A 1 15 ? -4.939  -16.877 4.559   1.00 14.06  ? 851  SER A C   1 
ATOM   108 O  O   . SER A 1 15 ? -5.097  -15.678 4.795   1.00 13.86  ? 851  SER A O   1 
ATOM   109 C  CB  . SER A 1 15 ? -3.881  -18.237 6.382   1.00 15.21  ? 851  SER A CB  1 
ATOM   110 O  OG  . SER A 1 15 ? -2.715  -18.938 6.783   1.00 17.20  ? 851  SER A OG  1 
ATOM   111 N  N   . ASP A 1 16 ? -5.824  -17.600 3.886   1.00 13.46  ? 852  ASP A N   1 
ATOM   112 C  CA  . ASP A 1 16 ? -7.040  -17.018 3.372   1.00 13.09  ? 852  ASP A CA  1 
ATOM   113 C  C   . ASP A 1 16 ? -8.138  -17.169 4.422   1.00 13.24  ? 852  ASP A C   1 
ATOM   114 O  O   . ASP A 1 16 ? -8.959  -18.082 4.358   1.00 14.15  ? 852  ASP A O   1 
ATOM   115 C  CB  . ASP A 1 16 ? -7.420  -17.701 2.053   1.00 13.17  ? 852  ASP A CB  1 
ATOM   116 C  CG  . ASP A 1 16 ? -8.644  -17.093 1.404   1.00 13.23  ? 852  ASP A CG  1 
ATOM   117 O  OD1 . ASP A 1 16 ? -9.029  -15.956 1.760   1.00 12.81  ? 852  ASP A OD1 1 
ATOM   118 O  OD2 . ASP A 1 16 ? -9.227  -17.768 0.527   1.00 15.53  ? 852  ASP A OD2 1 
ATOM   119 N  N   . THR A 1 17 ? -8.116  -16.284 5.414   1.00 12.81  ? 853  THR A N   1 
ATOM   120 C  CA  . THR A 1 17 ? -9.163  -16.212 6.431   1.00 12.30  ? 853  THR A CA  1 
ATOM   121 C  C   . THR A 1 17 ? -9.426  -14.757 6.754   1.00 11.95  ? 853  THR A C   1 
ATOM   122 O  O   . THR A 1 17 ? -8.601  -13.886 6.459   1.00 11.38  ? 853  THR A O   1 
ATOM   123 C  CB  . THR A 1 17 ? -8.807  -16.919 7.773   1.00 12.52  ? 853  THR A CB  1 
ATOM   124 O  OG1 . THR A 1 17 ? -8.083  -16.018 8.619   1.00 13.09  ? 853  THR A OG1 1 
ATOM   125 C  CG2 . THR A 1 17 ? -8.029  -18.212 7.564   1.00 13.58  ? 853  THR A CG2 1 
ATOM   126 N  N   . ALA A 1 18 ? -10.567 -14.511 7.386   1.00 12.08  ? 854  ALA A N   1 
ATOM   127 C  CA  . ALA A 1 18 ? -10.944 -13.183 7.854   1.00 12.26  ? 854  ALA A CA  1 
ATOM   128 C  C   . ALA A 1 18 ? -10.222 -12.780 9.142   1.00 12.15  ? 854  ALA A C   1 
ATOM   129 O  O   . ALA A 1 18 ? -10.450 -11.692 9.683   1.00 13.07  ? 854  ALA A O   1 
ATOM   130 C  CB  . ALA A 1 18 ? -12.451 -13.118 8.042   1.00 12.17  ? 854  ALA A CB  1 
ATOM   131 N  N   . ALA A 1 19 ? -9.352  -13.658 9.633   1.00 11.81  ? 855  ALA A N   1 
ATOM   132 C  CA  . ALA A 1 19 ? -8.606  -13.408 10.866  1.00 11.12  ? 855  ALA A CA  1 
ATOM   133 C  C   . ALA A 1 19 ? -7.118  -13.181 10.640  1.00 10.93  ? 855  ALA A C   1 
ATOM   134 O  O   . ALA A 1 19 ? -6.403  -12.780 11.556  1.00 11.70  ? 855  ALA A O   1 
ATOM   135 C  CB  . ALA A 1 19 ? -8.824  -14.557 11.851  1.00 11.25  ? 855  ALA A CB  1 
ATOM   136 N  N   . ASP A 1 20 ? -6.659  -13.428 9.419   1.00 10.49  ? 856  ASP A N   1 
ATOM   137 C  CA  . ASP A 1 20 ? -5.252  -13.285 9.075   1.00 10.35  ? 856  ASP A CA  1 
ATOM   138 C  C   . ASP A 1 20 ? -5.115  -12.033 8.240   1.00 9.88   ? 856  ASP A C   1 
ATOM   139 O  O   . ASP A 1 20 ? -5.620  -11.973 7.118   1.00 10.89  ? 856  ASP A O   1 
ATOM   140 C  CB  . ASP A 1 20 ? -4.770  -14.517 8.307   1.00 10.85  ? 856  ASP A CB  1 
ATOM   141 C  CG  . ASP A 1 20 ? -4.616  -15.739 9.205   1.00 11.79  ? 856  ASP A CG  1 
ATOM   142 O  OD1 . ASP A 1 20 ? -3.554  -15.881 9.854   1.00 14.29  ? 856  ASP A OD1 1 
ATOM   143 O  OD2 . ASP A 1 20 ? -5.559  -16.557 9.269   1.00 13.44  ? 856  ASP A OD2 1 
ATOM   144 N  N   . THR A 1 21 ? -4.470  -11.015 8.804   1.00 9.07   ? 857  THR A N   1 
ATOM   145 C  CA  . THR A 1 21 ? -4.371  -9.718  8.128   1.00 8.54   ? 857  THR A CA  1 
ATOM   146 C  C   . THR A 1 21 ? -2.964  -9.436  7.632   1.00 7.91   ? 857  THR A C   1 
ATOM   147 O  O   . THR A 1 21 ? -2.003  -10.026 8.114   1.00 8.55   ? 857  THR A O   1 
ATOM   148 C  CB  . THR A 1 21 ? -4.816  -8.580  9.050   1.00 8.56   ? 857  THR A CB  1 
ATOM   149 O  OG1 . THR A 1 21 ? -4.071  -8.643  10.265  1.00 9.98   ? 857  THR A OG1 1 
ATOM   150 C  CG2 . THR A 1 21 ? -6.304  -8.697  9.358   1.00 9.39   ? 857  THR A CG2 1 
ATOM   151 N  N   . TYR A 1 22 ? -2.861  -8.544  6.648   1.00 7.31   ? 858  TYR A N   1 
ATOM   152 C  CA  . TYR A 1 22 ? -1.577  -7.985  6.217   1.00 6.89   ? 858  TYR A CA  1 
ATOM   153 C  C   . TYR A 1 22 ? -1.022  -7.002  7.239   1.00 7.01   ? 858  TYR A C   1 
ATOM   154 O  O   . TYR A 1 22 ? 0.193   -6.936  7.441   1.00 8.39   ? 858  TYR A O   1 
ATOM   155 C  CB  . TYR A 1 22 ? -1.744  -7.288  4.871   1.00 7.03   ? 858  TYR A CB  1 
ATOM   156 C  CG  . TYR A 1 22 ? -2.060  -8.243  3.741   1.00 6.90   ? 858  TYR A CG  1 
ATOM   157 C  CD1 . TYR A 1 22 ? -1.091  -9.117  3.276   1.00 7.96   ? 858  TYR A CD1 1 
ATOM   158 C  CD2 . TYR A 1 22 ? -3.315  -8.262  3.131   1.00 7.57   ? 858  TYR A CD2 1 
ATOM   159 C  CE1 . TYR A 1 22 ? -1.355  -10.002 2.226   1.00 7.97   ? 858  TYR A CE1 1 
ATOM   160 C  CE2 . TYR A 1 22 ? -3.598  -9.147  2.093   1.00 7.41   ? 858  TYR A CE2 1 
ATOM   161 C  CZ  . TYR A 1 22 ? -2.608  -10.012 1.648   1.00 7.72   ? 858  TYR A CZ  1 
ATOM   162 O  OH  . TYR A 1 22 ? -2.860  -10.883 0.627   1.00 8.60   ? 858  TYR A OH  1 
ATOM   163 N  N   . GLY A 1 23 ? -1.906  -6.215  7.845   1.00 6.62   ? 859  GLY A N   1 
ATOM   164 C  CA  . GLY A 1 23 ? -1.515  -5.263  8.873   1.00 6.07   ? 859  GLY A CA  1 
ATOM   165 C  C   . GLY A 1 23 ? -1.002  -3.962  8.280   1.00 6.15   ? 859  GLY A C   1 
ATOM   166 O  O   . GLY A 1 23 ? 0.085   -3.485  8.636   1.00 6.47   ? 859  GLY A O   1 
ATOM   167 N  N   . PHE A 1 24 ? -1.767  -3.384  7.359   1.00 5.96   ? 860  PHE A N   1 
ATOM   168 C  CA  . PHE A 1 24 ? -1.451  -2.040  6.912   1.00 6.01   ? 860  PHE A CA  1 
ATOM   169 C  C   . PHE A 1 24 ? -2.721  -1.359  6.428   1.00 5.71   ? 860  PHE A C   1 
ATOM   170 O  O   . PHE A 1 24 ? -3.723  -2.016  6.125   1.00 6.59   ? 860  PHE A O   1 
ATOM   171 C  CB  . PHE A 1 24 ? -0.358  -2.028  5.821   1.00 6.63   ? 860  PHE A CB  1 
ATOM   172 C  CG  . PHE A 1 24 ? -0.855  -2.406  4.453   1.00 6.27   ? 860  PHE A CG  1 
ATOM   173 C  CD1 . PHE A 1 24 ? -1.047  -3.748  4.115   1.00 7.18   ? 860  PHE A CD1 1 
ATOM   174 C  CD2 . PHE A 1 24 ? -1.144  -1.421  3.504   1.00 6.89   ? 860  PHE A CD2 1 
ATOM   175 C  CE1 . PHE A 1 24 ? -1.506  -4.113  2.851   1.00 8.64   ? 860  PHE A CE1 1 
ATOM   176 C  CE2 . PHE A 1 24 ? -1.607  -1.770  2.234   1.00 7.78   ? 860  PHE A CE2 1 
ATOM   177 C  CZ  . PHE A 1 24 ? -1.788  -3.128  1.910   1.00 8.55   ? 860  PHE A CZ  1 
ATOM   178 N  N   . SER A 1 25 ? -2.680  -0.036  6.376   1.00 5.96   ? 861  SER A N   1 
ATOM   179 C  CA  . SER A 1 25 ? -3.770  0.715   5.776   1.00 6.48   ? 861  SER A CA  1 
ATOM   180 C  C   . SER A 1 25 ? -3.207  1.630   4.700   1.00 6.30   ? 861  SER A C   1 
ATOM   181 O  O   . SER A 1 25 ? -2.011  1.970   4.710   1.00 6.53   ? 861  SER A O   1 
ATOM   182 C  CB  . SER A 1 25 ? -4.515  1.530   6.837   1.00 7.93   ? 861  SER A CB  1 
ATOM   183 O  OG  . SER A 1 25 ? -3.676  2.534   7.346   1.00 8.24   ? 861  SER A OG  1 
ATOM   184 N  N   . LEU A 1 26 ? -4.075  2.016   3.774   1.00 6.69   ? 862  LEU A N   1 
ATOM   185 C  CA  . LEU A 1 26 ? -3.715  2.932   2.707   1.00 7.28   ? 862  LEU A CA  1 
ATOM   186 C  C   . LEU A 1 26 ? -4.737  4.046   2.659   1.00 7.61   ? 862  LEU A C   1 
ATOM   187 O  O   . LEU A 1 26 ? -5.883  3.876   3.079   1.00 7.50   ? 862  LEU A O   1 
ATOM   188 C  CB  . LEU A 1 26 ? -3.630  2.213   1.355   1.00 7.96   ? 862  LEU A CB  1 
ATOM   189 C  CG  . LEU A 1 26 ? -4.847  1.541   0.715   1.00 10.06  ? 862  LEU A CG  1 
ATOM   190 C  CD1 . LEU A 1 26 ? -5.725  2.524   -0.059  1.00 12.83  ? 862  LEU A CD1 1 
ATOM   191 C  CD2 . LEU A 1 26 ? -4.315  0.470   -0.213  1.00 11.81  ? 862  LEU A CD2 1 
ATOM   192 N  N   . SER A 1 27 ? -4.309  5.192   2.158   1.00 8.50   ? 863  SER A N   1 
ATOM   193 C  CA  . SER A 1 27 ? -5.187  6.338   2.016   1.00 9.71   ? 863  SER A CA  1 
ATOM   194 C  C   . SER A 1 27 ? -5.107  6.865   0.586   1.00 9.77   ? 863  SER A C   1 
ATOM   195 O  O   . SER A 1 27 ? -4.082  6.715   -0.085  1.00 10.47  ? 863  SER A O   1 
ATOM   196 C  CB  . SER A 1 27 ? -4.759  7.424   3.001   1.00 10.49  ? 863  SER A CB  1 
ATOM   197 O  OG  . SER A 1 27 ? -3.411  7.810   2.755   1.00 13.77  ? 863  SER A OG  1 
ATOM   198 N  N   . SER A 1 28 ? -6.194  7.477   0.125   1.00 10.33  ? 864  SER A N   1 
ATOM   199 C  CA  . SER A 1 28 ? -6.230  8.185   -1.139  1.00 11.45  ? 864  SER A CA  1 
ATOM   200 C  C   . SER A 1 28 ? -6.235  9.667   -0.784  1.00 11.48  ? 864  SER A C   1 
ATOM   201 O  O   . SER A 1 28 ? -7.022  10.098  0.061   1.00 12.11  ? 864  SER A O   1 
ATOM   202 C  CB  . SER A 1 28 ? -7.504  7.805   -1.905  1.00 12.38  ? 864  SER A CB  1 
ATOM   203 O  OG  . SER A 1 28 ? -7.554  8.426   -3.169  1.00 14.44  ? 864  SER A OG  1 
ATOM   204 N  N   . VAL A 1 29 ? -5.343  10.426  -1.412  1.00 11.48  ? 865  VAL A N   1 
ATOM   205 C  CA  . VAL A 1 29 ? -5.191  11.853  -1.144  1.00 11.68  ? 865  VAL A CA  1 
ATOM   206 C  C   . VAL A 1 29 ? -5.129  12.636  -2.447  1.00 11.55  ? 865  VAL A C   1 
ATOM   207 O  O   . VAL A 1 29 ? -4.322  12.337  -3.321  1.00 11.22  ? 865  VAL A O   1 
ATOM   208 C  CB  . VAL A 1 29 ? -3.908  12.127  -0.327  1.00 12.15  ? 865  VAL A CB  1 
ATOM   209 C  CG1 . VAL A 1 29 ? -3.692  13.616  -0.132  1.00 13.07  ? 865  VAL A CG1 1 
ATOM   210 C  CG2 . VAL A 1 29 ? -3.959  11.432  1.031   1.00 13.21  ? 865  VAL A CG2 1 
ATOM   211 N  N   . GLU A 1 30 ? -5.971  13.656  -2.564  1.00 11.55  ? 866  GLU A N   1 
ATOM   212 C  CA  . GLU A 1 30 ? -5.909  14.547  -3.719  1.00 12.07  ? 866  GLU A CA  1 
ATOM   213 C  C   . GLU A 1 30 ? -5.240  15.854  -3.311  1.00 12.08  ? 866  GLU A C   1 
ATOM   214 O  O   . GLU A 1 30 ? -5.558  16.431  -2.267  1.00 12.14  ? 866  GLU A O   1 
ATOM   215 C  CB  . GLU A 1 30 ? -7.307  14.824  -4.269  1.00 12.77  ? 866  GLU A CB  1 
ATOM   216 C  CG  . GLU A 1 30 ? -7.325  15.896  -5.359  1.00 14.85  ? 866  GLU A CG  1 
ATOM   217 C  CD  . GLU A 1 30 ? -8.709  16.448  -5.656  1.00 18.19  ? 866  GLU A CD  1 
ATOM   218 O  OE1 . GLU A 1 30 ? -9.655  16.221  -4.867  1.00 20.01  ? 866  GLU A OE1 1 
ATOM   219 O  OE2 . GLU A 1 30 ? -8.846  17.116  -6.706  1.00 19.62  ? 866  GLU A OE2 1 
ATOM   220 N  N   . GLU A 1 31 ? -4.292  16.301  -4.125  1.00 12.44  ? 867  GLU A N   1 
ATOM   221 C  CA  . GLU A 1 31 ? -3.698  17.612  -3.928  1.00 13.27  ? 867  GLU A CA  1 
ATOM   222 C  C   . GLU A 1 31 ? -3.512  18.255  -5.280  1.00 12.83  ? 867  GLU A C   1 
ATOM   223 O  O   . GLU A 1 31 ? -2.846  17.691  -6.151  1.00 12.40  ? 867  GLU A O   1 
ATOM   224 C  CB  . GLU A 1 31 ? -2.359  17.524  -3.208  1.00 14.07  ? 867  GLU A CB  1 
ATOM   225 C  CG  . GLU A 1 31 ? -1.889  18.870  -2.656  1.00 18.26  ? 867  GLU A CG  1 
ATOM   226 C  CD  . GLU A 1 31 ? -0.558  18.781  -1.925  1.00 22.73  ? 867  GLU A CD  1 
ATOM   227 O  OE1 . GLU A 1 31 ? -0.281  17.740  -1.281  1.00 25.19  ? 867  GLU A OE1 1 
ATOM   228 O  OE2 . GLU A 1 31 ? 0.206   19.768  -1.986  1.00 26.31  ? 867  GLU A OE2 1 
ATOM   229 N  N   . ASP A 1 32 ? -4.114  19.429  -5.442  1.00 12.77  ? 868  ASP A N   1 
ATOM   230 C  CA  . ASP A 1 32 ? -4.031  20.196  -6.678  1.00 12.68  ? 868  ASP A CA  1 
ATOM   231 C  C   . ASP A 1 32 ? -4.372  19.369  -7.908  1.00 12.76  ? 868  ASP A C   1 
ATOM   232 O  O   . ASP A 1 32 ? -3.692  19.429  -8.928  1.00 14.01  ? 868  ASP A O   1 
ATOM   233 C  CB  . ASP A 1 32 ? -2.667  20.874  -6.788  1.00 13.01  ? 868  ASP A CB  1 
ATOM   234 C  CG  . ASP A 1 32 ? -2.418  21.823  -5.644  1.00 13.13  ? 868  ASP A CG  1 
ATOM   235 O  OD1 . ASP A 1 32 ? -3.345  22.608  -5.334  1.00 12.84  ? 868  ASP A OD1 1 
ATOM   236 O  OD2 . ASP A 1 32 ? -1.319  21.767  -5.053  1.00 15.21  ? 868  ASP A OD2 1 
ATOM   237 N  N   . GLY A 1 33 ? -5.436  18.581  -7.795  1.00 12.46  ? 869  GLY A N   1 
ATOM   238 C  CA  . GLY A 1 33 ? -5.944  17.840  -8.933  1.00 11.78  ? 869  GLY A CA  1 
ATOM   239 C  C   . GLY A 1 33 ? -5.191  16.570  -9.288  1.00 11.72  ? 869  GLY A C   1 
ATOM   240 O  O   . GLY A 1 33 ? -5.410  15.997  -10.358 1.00 12.52  ? 869  GLY A O   1 
ATOM   241 N  N   . ILE A 1 34 ? -4.301  16.127  -8.405  1.00 11.46  ? 870  ILE A N   1 
ATOM   242 C  CA  . ILE A 1 34 ? -3.591  14.858  -8.606  1.00 11.21  ? 870  ILE A CA  1 
ATOM   243 C  C   . ILE A 1 34 ? -3.864  13.964  -7.418  1.00 10.62  ? 870  ILE A C   1 
ATOM   244 O  O   . ILE A 1 34 ? -3.725  14.384  -6.271  1.00 11.10  ? 870  ILE A O   1 
ATOM   245 C  CB  . ILE A 1 34 ? -2.063  15.064  -8.796  1.00 11.40  ? 870  ILE A CB  1 
ATOM   246 C  CG1 . ILE A 1 34 ? -1.803  15.789  -10.125 1.00 12.98  ? 870  ILE A CG1 1 
ATOM   247 C  CG2 . ILE A 1 34 ? -1.309  13.721  -8.735  1.00 11.86  ? 870  ILE A CG2 1 
ATOM   248 C  CD1 . ILE A 1 34 ? -0.352  16.066  -10.436 1.00 15.75  ? 870  ILE A CD1 1 
ATOM   249 N  N   . ARG A 1 35 ? -4.276  12.732  -7.702  1.00 10.34  ? 871  ARG A N   1 
ATOM   250 C  CA  . ARG A 1 35 ? -4.580  11.757  -6.656  1.00 10.33  ? 871  ARG A CA  1 
ATOM   251 C  C   . ARG A 1 35 ? -3.407  10.801  -6.500  1.00 9.86   ? 871  ARG A C   1 
ATOM   252 O  O   . ARG A 1 35 ? -2.884  10.273  -7.485  1.00 10.85  ? 871  ARG A O   1 
ATOM   253 C  CB  . ARG A 1 35 ? -5.846  10.979  -7.031  1.00 11.47  ? 871  ARG A CB  1 
ATOM   254 C  CG  . ARG A 1 35 ? -6.322  9.921   -6.055  1.00 13.34  ? 871  ARG A CG  1 
ATOM   255 C  CD  . ARG A 1 35 ? -7.539  9.145   -6.606  1.00 17.89  ? 871  ARG A CD  1 
ATOM   256 N  NE  . ARG A 1 35 ? -7.778  7.909   -5.852  1.00 20.37  ? 871  ARG A NE  1 
ATOM   257 C  CZ  . ARG A 1 35 ? -7.832  6.680   -6.363  1.00 20.61  ? 871  ARG A CZ  1 
ATOM   258 N  NH1 . ARG A 1 35 ? -7.700  6.467   -7.669  1.00 19.86  ? 871  ARG A NH1 1 
ATOM   259 N  NH2 . ARG A 1 35 ? -8.050  5.653   -5.554  1.00 22.49  ? 871  ARG A NH2 1 
ATOM   260 N  N   . ARG A 1 36 ? -3.025  10.553  -5.254  1.00 8.88   ? 872  ARG A N   1 
ATOM   261 C  CA  . ARG A 1 36 ? -2.010  9.543   -4.919  1.00 8.59   ? 872  ARG A CA  1 
ATOM   262 C  C   . ARG A 1 36 ? -2.515  8.611   -3.836  1.00 8.21   ? 872  ARG A C   1 
ATOM   263 O  O   . ARG A 1 36 ? -3.359  8.997   -3.012  1.00 8.84   ? 872  ARG A O   1 
ATOM   264 C  CB  . ARG A 1 36 ? -0.739  10.214  -4.431  1.00 8.75   ? 872  ARG A CB  1 
ATOM   265 C  CG  . ARG A 1 36 ? -0.044  11.050  -5.497  1.00 9.80   ? 872  ARG A CG  1 
ATOM   266 C  CD  . ARG A 1 36 ? 1.073   11.837  -4.860  1.00 12.01  ? 872  ARG A CD  1 
ATOM   267 N  NE  . ARG A 1 36 ? 1.775   12.703  -5.809  1.00 13.04  ? 872  ARG A NE  1 
ATOM   268 C  CZ  . ARG A 1 36 ? 1.461   13.977  -6.043  1.00 14.83  ? 872  ARG A CZ  1 
ATOM   269 N  NH1 . ARG A 1 36 ? 0.448   14.554  -5.412  1.00 14.72  ? 872  ARG A NH1 1 
ATOM   270 N  NH2 . ARG A 1 36 ? 2.167   14.680  -6.915  1.00 15.41  ? 872  ARG A NH2 1 
ATOM   271 N  N   . LEU A 1 37 ? -2.012  7.380   -3.843  1.00 7.85   ? 873  LEU A N   1 
ATOM   272 C  CA  . LEU A 1 37 ? -2.303  6.439   -2.767  1.00 7.62   ? 873  LEU A CA  1 
ATOM   273 C  C   . LEU A 1 37 ? -1.074  6.323   -1.898  1.00 7.49   ? 873  LEU A C   1 
ATOM   274 O  O   . LEU A 1 37 ? 0.037   6.173   -2.414  1.00 7.98   ? 873  LEU A O   1 
ATOM   275 C  CB  . LEU A 1 37 ? -2.661  5.055   -3.304  1.00 8.08   ? 873  LEU A CB  1 
ATOM   276 C  CG  . LEU A 1 37 ? -3.919  4.857   -4.143  1.00 10.34  ? 873  LEU A CG  1 
ATOM   277 C  CD1 . LEU A 1 37 ? -4.131  3.360   -4.310  1.00 12.22  ? 873  LEU A CD1 1 
ATOM   278 C  CD2 . LEU A 1 37 ? -5.150  5.501   -3.549  1.00 12.76  ? 873  LEU A CD2 1 
ATOM   279 N  N   . TYR A 1 38 ? -1.275  6.411   -0.587  1.00 7.58   ? 874  TYR A N   1 
ATOM   280 C  CA  . TYR A 1 38 ? -0.167  6.327   0.360   1.00 7.55   ? 874  TYR A CA  1 
ATOM   281 C  C   . TYR A 1 38 ? -0.386  5.207   1.342   1.00 7.38   ? 874  TYR A C   1 
ATOM   282 O  O   . TYR A 1 38 ? -1.526  4.845   1.633   1.00 7.40   ? 874  TYR A O   1 
ATOM   283 C  CB  . TYR A 1 38 ? -0.058  7.610   1.167   1.00 8.38   ? 874  TYR A CB  1 
ATOM   284 C  CG  . TYR A 1 38 ? 0.441   8.794   0.403   1.00 9.62   ? 874  TYR A CG  1 
ATOM   285 C  CD1 . TYR A 1 38 ? 1.795   8.949   0.127   1.00 11.35  ? 874  TYR A CD1 1 
ATOM   286 C  CD2 . TYR A 1 38 ? -0.441  9.792   -0.013  1.00 12.07  ? 874  TYR A CD2 1 
ATOM   287 C  CE1 . TYR A 1 38 ? 2.264   10.065  -0.575  1.00 12.43  ? 874  TYR A CE1 1 
ATOM   288 C  CE2 . TYR A 1 38 ? 0.016   10.901  -0.701  1.00 13.48  ? 874  TYR A CE2 1 
ATOM   289 C  CZ  . TYR A 1 38 ? 1.361   11.031  -0.986  1.00 13.60  ? 874  TYR A CZ  1 
ATOM   290 O  OH  . TYR A 1 38 ? 1.790   12.157  -1.653  1.00 17.13  ? 874  TYR A OH  1 
ATOM   291 N  N   . VAL A 1 39 ? 0.710   4.665   1.863   1.00 6.88   ? 875  VAL A N   1 
ATOM   292 C  CA  . VAL A 1 39 ? 0.640   3.782   3.012   1.00 6.79   ? 875  VAL A CA  1 
ATOM   293 C  C   . VAL A 1 39 ? 0.367   4.662   4.227   1.00 6.90   ? 875  VAL A C   1 
ATOM   294 O  O   . VAL A 1 39 ? 1.194   5.497   4.614   1.00 7.70   ? 875  VAL A O   1 
ATOM   295 C  CB  . VAL A 1 39 ? 1.926   2.946   3.199   1.00 6.68   ? 875  VAL A CB  1 
ATOM   296 C  CG1 . VAL A 1 39 ? 1.784   2.031   4.394   1.00 7.03   ? 875  VAL A CG1 1 
ATOM   297 C  CG2 . VAL A 1 39 ? 2.211   2.133   1.950   1.00 7.71   ? 875  VAL A CG2 1 
ATOM   298 N  N   . ASN A 1 40 ? -0.828  4.504   4.782   1.00 6.77   ? 876  ASN A N   1 
ATOM   299 C  CA  . ASN A 1 40 ? -1.304  5.314   5.895   1.00 7.45   ? 876  ASN A CA  1 
ATOM   300 C  C   . ASN A 1 40 ? -0.792  4.854   7.268   1.00 7.49   ? 876  ASN A C   1 
ATOM   301 O  O   . ASN A 1 40 ? -0.545  5.677   8.159   1.00 8.47   ? 876  ASN A O   1 
ATOM   302 C  CB  . ASN A 1 40 ? -2.839  5.343   5.861   1.00 7.33   ? 876  ASN A CB  1 
ATOM   303 C  CG  . ASN A 1 40 ? -3.431  6.108   7.014   1.00 9.56   ? 876  ASN A CG  1 
ATOM   304 O  OD1 . ASN A 1 40 ? -3.241  7.314   7.127   1.00 10.77  ? 876  ASN A OD1 1 
ATOM   305 N  ND2 . ASN A 1 40 ? -4.145  5.404   7.887   1.00 10.65  ? 876  ASN A ND2 1 
ATOM   306 N  N   . SER A 1 41 ? -0.636  3.544   7.439   1.00 7.57   ? 877  SER A N   1 
ATOM   307 C  CA  . SER A 1 41 ? -0.072  2.976   8.661   1.00 7.76   ? 877  SER A CA  1 
ATOM   308 C  C   . SER A 1 41 ? 0.426   1.575   8.390   1.00 7.24   ? 877  SER A C   1 
ATOM   309 O  O   . SER A 1 41 ? -0.036  0.911   7.458   1.00 6.65   ? 877  SER A O   1 
ATOM   310 C  CB  . SER A 1 41 ? -1.105  2.960   9.790   1.00 8.45   ? 877  SER A CB  1 
ATOM   311 O  OG  . SER A 1 41 ? -2.193  2.116   9.487   1.00 10.50  ? 877  SER A OG  1 
ATOM   312 N  N   . VAL A 1 42 ? 1.359   1.122   9.214   1.00 7.18   ? 878  VAL A N   1 
ATOM   313 C  CA  . VAL A 1 42 ? 1.833   -0.251  9.143   1.00 7.79   ? 878  VAL A CA  1 
ATOM   314 C  C   . VAL A 1 42 ? 1.851   -0.808  10.559  1.00 8.30   ? 878  VAL A C   1 
ATOM   315 O  O   . VAL A 1 42 ? 2.476   -0.230  11.447  1.00 9.37   ? 878  VAL A O   1 
ATOM   316 C  CB  . VAL A 1 42 ? 3.234   -0.339  8.489   1.00 7.78   ? 878  VAL A CB  1 
ATOM   317 C  CG1 . VAL A 1 42 ? 3.704   -1.769  8.464   1.00 8.82   ? 878  VAL A CG1 1 
ATOM   318 C  CG2 . VAL A 1 42 ? 3.217   0.211   7.077   1.00 9.07   ? 878  VAL A CG2 1 
ATOM   319 N  N   . LYS A 1 43 ? 1.136   -1.910  10.779  1.00 9.42   ? 879  LYS A N   1 
ATOM   320 C  CA  . LYS A 1 43 ? 1.098   -2.537  12.098  1.00 10.48  ? 879  LYS A CA  1 
ATOM   321 C  C   . LYS A 1 43 ? 2.489   -3.061  12.453  1.00 11.34  ? 879  LYS A C   1 
ATOM   322 O  O   . LYS A 1 43 ? 3.100   -3.787  11.669  1.00 11.18  ? 879  LYS A O   1 
ATOM   323 C  CB  . LYS A 1 43 ? 0.058   -3.655  12.118  1.00 10.30  ? 879  LYS A CB  1 
ATOM   324 C  CG  . LYS A 1 43 ? -0.374  -4.086  13.493  1.00 12.62  ? 879  LYS A CG  1 
ATOM   325 C  CD  . LYS A 1 43 ? -1.561  -5.016  13.386  1.00 14.20  ? 879  LYS A CD  1 
ATOM   326 C  CE  . LYS A 1 43 ? -2.213  -5.177  14.732  1.00 16.28  ? 879  LYS A CE  1 
ATOM   327 N  NZ  . LYS A 1 43 ? -3.270  -6.198  14.687  1.00 18.03  ? 879  LYS A NZ  1 
ATOM   328 N  N   . GLU A 1 44 ? 2.980   -2.687  13.633  1.00 13.24  ? 880  GLU A N   1 
ATOM   329 C  CA  . GLU A 1 44 ? 4.374   -2.960  14.002  1.00 15.31  ? 880  GLU A CA  1 
ATOM   330 C  C   . GLU A 1 44 ? 4.748   -4.446  14.079  1.00 15.44  ? 880  GLU A C   1 
ATOM   331 O  O   . GLU A 1 44 ? 5.925   -4.804  13.932  1.00 16.92  ? 880  GLU A O   1 
ATOM   332 C  CB  . GLU A 1 44 ? 4.766   -2.215  15.292  1.00 16.34  ? 880  GLU A CB  1 
ATOM   333 C  CG  . GLU A 1 44 ? 3.957   -2.585  16.546  1.00 20.92  ? 880  GLU A CG  1 
ATOM   334 C  CD  . GLU A 1 44 ? 4.467   -1.904  17.822  1.00 25.36  ? 880  GLU A CD  1 
ATOM   335 O  OE1 . GLU A 1 44 ? 4.635   -0.661  17.841  1.00 27.79  ? 880  GLU A OE1 1 
ATOM   336 O  OE2 . GLU A 1 44 ? 4.691   -2.622  18.823  1.00 28.51  ? 880  GLU A OE2 1 
ATOM   337 N  N   . THR A 1 45 ? 3.741   -5.291  14.288  1.00 14.62  ? 881  THR A N   1 
ATOM   338 C  CA  . THR A 1 45 ? 3.922   -6.737  14.440  1.00 14.34  ? 881  THR A CA  1 
ATOM   339 C  C   . THR A 1 45 ? 3.411   -7.556  13.258  1.00 13.88  ? 881  THR A C   1 
ATOM   340 O  O   . THR A 1 45 ? 3.385   -8.788  13.320  1.00 14.07  ? 881  THR A O   1 
ATOM   341 C  CB  . THR A 1 45 ? 3.203   -7.236  15.706  1.00 14.60  ? 881  THR A CB  1 
ATOM   342 O  OG1 . THR A 1 45 ? 1.839   -6.787  15.699  1.00 15.37  ? 881  THR A OG1 1 
ATOM   343 C  CG2 . THR A 1 45 ? 3.912   -6.723  16.945  1.00 15.43  ? 881  THR A CG2 1 
ATOM   344 N  N   . GLY A 1 46 ? 3.004   -6.878  12.189  1.00 12.63  ? 882  GLY A N   1 
ATOM   345 C  CA  . GLY A 1 46 ? 2.305   -7.531  11.082  1.00 11.89  ? 882  GLY A CA  1 
ATOM   346 C  C   . GLY A 1 46 ? 3.189   -7.955  9.924   1.00 11.66  ? 882  GLY A C   1 
ATOM   347 O  O   . GLY A 1 46 ? 4.389   -7.647  9.891   1.00 11.29  ? 882  GLY A O   1 
ATOM   348 N  N   . LEU A 1 47 ? 2.585   -8.663  8.974   1.00 11.00  ? 883  LEU A N   1 
ATOM   349 C  CA  . LEU A 1 47 ? 3.290   -9.159  7.798   1.00 11.09  ? 883  LEU A CA  1 
ATOM   350 C  C   . LEU A 1 47 ? 3.826   -8.037  6.927   1.00 10.44  ? 883  LEU A C   1 
ATOM   351 O  O   . LEU A 1 47 ? 4.947   -8.121  6.418   1.00 11.33  ? 883  LEU A O   1 
ATOM   352 C  CB  . LEU A 1 47 ? 2.388   -10.063 6.950   1.00 12.29  ? 883  LEU A CB  1 
ATOM   353 C  CG  . LEU A 1 47 ? 2.152   -11.495 7.395   1.00 14.45  ? 883  LEU A CG  1 
ATOM   354 C  CD1 . LEU A 1 47 ? 1.055   -12.050 6.523   1.00 15.51  ? 883  LEU A CD1 1 
ATOM   355 C  CD2 . LEU A 1 47 ? 3.440   -12.339 7.280   1.00 17.19  ? 883  LEU A CD2 1 
ATOM   356 N  N   . ALA A 1 48 ? 3.033   -6.987  6.730   1.00 9.80   ? 884  ALA A N   1 
ATOM   357 C  CA  . ALA A 1 48 ? 3.487   -5.887  5.892   1.00 9.54   ? 884  ALA A CA  1 
ATOM   358 C  C   . ALA A 1 48 ? 4.771   -5.279  6.449   1.00 9.82   ? 884  ALA A C   1 
ATOM   359 O  O   . ALA A 1 48 ? 5.690   -4.963  5.701   1.00 9.73   ? 884  ALA A O   1 
ATOM   360 C  CB  . ALA A 1 48 ? 2.397   -4.838  5.742   1.00 9.44   ? 884  ALA A CB  1 
ATOM   361 N  N   . SER A 1 49 ? 4.829   -5.121  7.771   1.00 9.90   ? 885  SER A N   1 
ATOM   362 C  CA  . SER A 1 49 ? 6.038   -4.613  8.424   1.00 10.11  ? 885  SER A CA  1 
ATOM   363 C  C   . SER A 1 49 ? 7.232   -5.529  8.150   1.00 10.34  ? 885  SER A C   1 
ATOM   364 O  O   . SER A 1 49 ? 8.317   -5.057  7.780   1.00 10.04  ? 885  SER A O   1 
ATOM   365 C  CB  . SER A 1 49 ? 5.809   -4.438  9.925   1.00 10.51  ? 885  SER A CB  1 
ATOM   366 O  OG  . SER A 1 49 ? 6.985   -3.951  10.556  1.00 12.62  ? 885  SER A OG  1 
ATOM   367 N  N   . LYS A 1 50 ? 7.015   -6.839  8.295   1.00 11.27  ? 886  LYS A N   1 
ATOM   368 C  CA  . LYS A 1 50 ? 8.070   -7.837  8.090   1.00 12.69  ? 886  LYS A CA  1 
ATOM   369 C  C   . LYS A 1 50 ? 8.644   -7.732  6.687   1.00 12.53  ? 886  LYS A C   1 
ATOM   370 O  O   . LYS A 1 50 ? 9.845   -7.938  6.476   1.00 13.13  ? 886  LYS A O   1 
ATOM   371 C  CB  . LYS A 1 50 ? 7.529   -9.260  8.289   1.00 13.36  ? 886  LYS A CB  1 
ATOM   372 C  CG  . LYS A 1 50 ? 6.952   -9.582  9.658   1.00 17.61  ? 886  LYS A CG  1 
ATOM   373 C  CD  . LYS A 1 50 ? 6.780   -11.106 9.828   1.00 22.16  ? 886  LYS A CD  1 
ATOM   374 C  CE  . LYS A 1 50 ? 5.445   -11.492 10.492  1.00 24.00  ? 886  LYS A CE  1 
ATOM   375 N  NZ  . LYS A 1 50 ? 5.272   -10.980 11.885  1.00 28.77  ? 886  LYS A NZ  1 
ATOM   376 N  N   . LYS A 1 51 ? 7.765   -7.423  5.735   1.00 12.37  ? 887  LYS A N   1 
ATOM   377 C  CA  . LYS A 1 51 ? 8.105   -7.329  4.329   1.00 12.49  ? 887  LYS A CA  1 
ATOM   378 C  C   . LYS A 1 51 ? 8.667   -5.958  3.926   1.00 12.27  ? 887  LYS A C   1 
ATOM   379 O  O   . LYS A 1 51 ? 8.950   -5.709  2.751   1.00 13.02  ? 887  LYS A O   1 
ATOM   380 C  CB  . LYS A 1 51 ? 6.874   -7.687  3.493   1.00 13.16  ? 887  LYS A CB  1 
ATOM   381 C  CG  . LYS A 1 51 ? 6.507   -9.155  3.515   1.00 14.11  ? 887  LYS A CG  1 
ATOM   382 C  CD  . LYS A 1 51 ? 7.584   -10.004 2.854   1.00 17.53  ? 887  LYS A CD  1 
ATOM   383 C  CE  . LYS A 1 51 ? 6.982   -11.230 2.206   1.00 20.81  ? 887  LYS A CE  1 
ATOM   384 N  NZ  . LYS A 1 51 ? 7.929   -11.855 1.244   1.00 22.95  ? 887  LYS A NZ  1 
ATOM   385 N  N   . GLY A 1 52 ? 8.815   -5.064  4.897   1.00 11.40  ? 888  GLY A N   1 
ATOM   386 C  CA  . GLY A 1 52 ? 9.478   -3.783  4.657   1.00 10.29  ? 888  GLY A CA  1 
ATOM   387 C  C   . GLY A 1 52 ? 8.604   -2.658  4.137   1.00 9.98   ? 888  GLY A C   1 
ATOM   388 O  O   . GLY A 1 52 ? 9.123   -1.640  3.674   1.00 10.67  ? 888  GLY A O   1 
ATOM   389 N  N   . LEU A 1 53 ? 7.286   -2.826  4.218   1.00 9.03   ? 889  LEU A N   1 
ATOM   390 C  CA  . LEU A 1 53 ? 6.380   -1.732  3.906   1.00 9.02   ? 889  LEU A CA  1 
ATOM   391 C  C   . LEU A 1 53 ? 6.506   -0.648  4.975   1.00 9.08   ? 889  LEU A C   1 
ATOM   392 O  O   . LEU A 1 53 ? 6.584   -0.953  6.167   1.00 9.22   ? 889  LEU A O   1 
ATOM   393 C  CB  . LEU A 1 53 ? 4.934   -2.231  3.779   1.00 8.59   ? 889  LEU A CB  1 
ATOM   394 C  CG  . LEU A 1 53 ? 3.983   -1.239  3.098   1.00 8.33   ? 889  LEU A CG  1 
ATOM   395 C  CD1 . LEU A 1 53 ? 4.314   -1.054  1.617   1.00 9.89   ? 889  LEU A CD1 1 
ATOM   396 C  CD2 . LEU A 1 53 ? 2.579   -1.766  3.235   1.00 8.97   ? 889  LEU A CD2 1 
ATOM   397 N  N   . LYS A 1 54 ? 6.556   0.611   4.537   1.00 8.75   ? 890  LYS A N   1 
ATOM   398 C  CA  . LYS A 1 54 ? 6.761   1.748   5.440   1.00 8.92   ? 890  LYS A CA  1 
ATOM   399 C  C   . LYS A 1 54 ? 5.610   2.723   5.341   1.00 8.66   ? 890  LYS A C   1 
ATOM   400 O  O   . LYS A 1 54 ? 5.156   3.028   4.237   1.00 8.76   ? 890  LYS A O   1 
ATOM   401 C  CB  . LYS A 1 54 ? 8.048   2.505   5.093   1.00 9.25   ? 890  LYS A CB  1 
ATOM   402 C  CG  . LYS A 1 54 ? 9.314   1.667   5.118   1.00 11.96  ? 890  LYS A CG  1 
ATOM   403 C  CD  . LYS A 1 54 ? 9.618   1.151   6.512   1.00 15.34  ? 890  LYS A CD  1 
ATOM   404 C  CE  . LYS A 1 54 ? 10.876  0.288   6.518   1.00 18.28  ? 890  LYS A CE  1 
ATOM   405 N  NZ  . LYS A 1 54 ? 11.040  -0.530  7.761   1.00 20.35  ? 890  LYS A NZ  1 
ATOM   406 N  N   . ALA A 1 55 ? 5.159   3.233   6.486   1.00 8.73   ? 891  ALA A N   1 
ATOM   407 C  CA  . ALA A 1 55 ? 4.209   4.350   6.490   1.00 9.00   ? 891  ALA A CA  1 
ATOM   408 C  C   . ALA A 1 55 ? 4.815   5.511   5.706   1.00 9.21   ? 891  ALA A C   1 
ATOM   409 O  O   . ALA A 1 55 ? 5.994   5.843   5.897   1.00 10.06  ? 891  ALA A O   1 
ATOM   410 C  CB  . ALA A 1 55 ? 3.897   4.786   7.903   1.00 9.59   ? 891  ALA A CB  1 
ATOM   411 N  N   . GLY A 1 56 ? 4.017   6.111   4.822   1.00 8.67   ? 892  GLY A N   1 
ATOM   412 C  CA  . GLY A 1 56 ? 4.483   7.209   3.966   1.00 9.08   ? 892  GLY A CA  1 
ATOM   413 C  C   . GLY A 1 56 ? 4.979   6.786   2.597   1.00 8.99   ? 892  GLY A C   1 
ATOM   414 O  O   . GLY A 1 56 ? 5.145   7.640   1.723   1.00 10.36  ? 892  GLY A O   1 
ATOM   415 N  N   . ASP A 1 57 ? 5.220   5.480   2.408   1.00 8.63   ? 893  ASP A N   1 
ATOM   416 C  CA  . ASP A 1 57 ? 5.509   4.950   1.063   1.00 7.67   ? 893  ASP A CA  1 
ATOM   417 C  C   . ASP A 1 57 ? 4.344   5.361   0.160   1.00 7.42   ? 893  ASP A C   1 
ATOM   418 O  O   . ASP A 1 57 ? 3.193   5.369   0.592   1.00 7.57   ? 893  ASP A O   1 
ATOM   419 C  CB  . ASP A 1 57 ? 5.594   3.414   1.036   1.00 8.29   ? 893  ASP A CB  1 
ATOM   420 C  CG  . ASP A 1 57 ? 6.932   2.849   1.545   1.00 9.41   ? 893  ASP A CG  1 
ATOM   421 O  OD1 . ASP A 1 57 ? 7.905   3.605   1.765   1.00 10.69  ? 893  ASP A OD1 1 
ATOM   422 O  OD2 . ASP A 1 57 ? 6.995   1.606   1.723   1.00 10.40  ? 893  ASP A OD2 1 
ATOM   423 N  N   . GLU A 1 58 ? 4.639   5.688   -1.091  1.00 7.05   ? 894  GLU A N   1 
ATOM   424 C  CA  . GLU A 1 58 ? 3.576   5.959   -2.052  1.00 6.91   ? 894  GLU A CA  1 
ATOM   425 C  C   . GLU A 1 58 ? 3.272   4.707   -2.859  1.00 6.84   ? 894  GLU A C   1 
ATOM   426 O  O   . GLU A 1 58 ? 4.169   4.129   -3.453  1.00 7.11   ? 894  GLU A O   1 
ATOM   427 C  CB  . GLU A 1 58 ? 3.968   7.096   -2.988  1.00 7.15   ? 894  GLU A CB  1 
ATOM   428 C  CG  . GLU A 1 58 ? 2.825   7.445   -3.940  1.00 8.99   ? 894  GLU A CG  1 
ATOM   429 C  CD  . GLU A 1 58 ? 3.188   8.454   -5.000  1.00 11.85  ? 894  GLU A CD  1 
ATOM   430 O  OE1 . GLU A 1 58 ? 4.279   9.052   -4.907  1.00 15.03  ? 894  GLU A OE1 1 
ATOM   431 O  OE2 . GLU A 1 58 ? 2.363   8.657   -5.920  1.00 12.07  ? 894  GLU A OE2 1 
ATOM   432 N  N   . ILE A 1 59 ? 2.012   4.280   -2.889  1.00 6.50   ? 895  ILE A N   1 
ATOM   433 C  CA  . ILE A 1 59 ? 1.665   3.091   -3.667  1.00 7.09   ? 895  ILE A CA  1 
ATOM   434 C  C   . ILE A 1 59 ? 1.536   3.485   -5.137  1.00 7.25   ? 895  ILE A C   1 
ATOM   435 O  O   . ILE A 1 59 ? 0.709   4.330   -5.487  1.00 8.02   ? 895  ILE A O   1 
ATOM   436 C  CB  . ILE A 1 59 ? 0.371   2.425   -3.159  1.00 6.84   ? 895  ILE A CB  1 
ATOM   437 C  CG1 . ILE A 1 59 ? 0.546   1.977   -1.701  1.00 8.39   ? 895  ILE A CG1 1 
ATOM   438 C  CG2 . ILE A 1 59 ? -0.002  1.255   -4.068  1.00 8.37   ? 895  ILE A CG2 1 
ATOM   439 C  CD1 . ILE A 1 59 ? -0.743  1.588   -1.011  1.00 11.11  ? 895  ILE A CD1 1 
ATOM   440 N  N   . LEU A 1 60 ? 2.371   2.894   -5.989  1.00 7.71   ? 896  LEU A N   1 
ATOM   441 C  CA  . LEU A 1 60 ? 2.355   3.208   -7.418  1.00 8.05   ? 896  LEU A CA  1 
ATOM   442 C  C   . LEU A 1 60 ? 1.502   2.226   -8.202  1.00 8.43   ? 896  LEU A C   1 
ATOM   443 O  O   . LEU A 1 60 ? 0.858   2.605   -9.195  1.00 9.37   ? 896  LEU A O   1 
ATOM   444 C  CB  . LEU A 1 60 ? 3.775   3.236   -7.980  1.00 8.18   ? 896  LEU A CB  1 
ATOM   445 C  CG  . LEU A 1 60 ? 4.731   4.221   -7.311  1.00 8.34   ? 896  LEU A CG  1 
ATOM   446 C  CD1 . LEU A 1 60 ? 6.084   4.149   -7.993  1.00 11.11  ? 896  LEU A CD1 1 
ATOM   447 C  CD2 . LEU A 1 60 ? 4.170   5.632   -7.329  1.00 10.12  ? 896  LEU A CD2 1 
ATOM   448 N  N   . GLU A 1 61 ? 1.515   0.967   -7.764  1.00 8.75   ? 897  GLU A N   1 
ATOM   449 C  CA  . GLU A 1 61 ? 0.775   -0.101  -8.424  1.00 8.92   ? 897  GLU A CA  1 
ATOM   450 C  C   . GLU A 1 61 ? 0.341   -1.136  -7.408  1.00 8.55   ? 897  GLU A C   1 
ATOM   451 O  O   . GLU A 1 61 ? 1.032   -1.366  -6.418  1.00 8.49   ? 897  GLU A O   1 
ATOM   452 C  CB  . GLU A 1 61 ? 1.649   -0.787  -9.476  1.00 9.52   ? 897  GLU A CB  1 
ATOM   453 C  CG  . GLU A 1 61 ? 2.061   0.133   -10.622 1.00 12.77  ? 897  GLU A CG  1 
ATOM   454 C  CD  . GLU A 1 61 ? 3.196   -0.397  -11.465 1.00 15.59  ? 897  GLU A CD  1 
ATOM   455 O  OE1 . GLU A 1 61 ? 3.362   -1.629  -11.559 1.00 17.35  ? 897  GLU A OE1 1 
ATOM   456 O  OE2 . GLU A 1 61 ? 3.913   0.441   -12.059 1.00 17.08  ? 897  GLU A OE2 1 
ATOM   457 N  N   . ILE A 1 62 ? -0.812  -1.746  -7.644  1.00 8.32   ? 898  ILE A N   1 
ATOM   458 C  CA  . ILE A 1 62 ? -1.199  -2.940  -6.896  1.00 8.41   ? 898  ILE A CA  1 
ATOM   459 C  C   . ILE A 1 62 ? -1.568  -3.985  -7.931  1.00 8.98   ? 898  ILE A C   1 
ATOM   460 O  O   . ILE A 1 62 ? -2.352  -3.707  -8.833  1.00 8.75   ? 898  ILE A O   1 
ATOM   461 C  CB  . ILE A 1 62 ? -2.381  -2.715  -5.918  1.00 8.06   ? 898  ILE A CB  1 
ATOM   462 C  CG1 . ILE A 1 62 ? -2.051  -1.593  -4.931  1.00 8.54   ? 898  ILE A CG1 1 
ATOM   463 C  CG2 . ILE A 1 62 ? -2.695  -4.011  -5.148  1.00 7.74   ? 898  ILE A CG2 1 
ATOM   464 C  CD1 . ILE A 1 62 ? -3.106  -1.367  -3.879  1.00 9.00   ? 898  ILE A CD1 1 
ATOM   465 N  N   . ASN A 1 63 ? -0.984  -5.174  -7.803  1.00 9.61   ? 899  ASN A N   1 
ATOM   466 C  CA  . ASN A 1 63 ? -1.265  -6.277  -8.725  1.00 11.00  ? 899  ASN A CA  1 
ATOM   467 C  C   . ASN A 1 63 ? -1.189  -5.865  -10.199 1.00 12.05  ? 899  ASN A C   1 
ATOM   468 O  O   . ASN A 1 63 ? -2.098  -6.144  -10.985 1.00 12.77  ? 899  ASN A O   1 
ATOM   469 C  CB  . ASN A 1 63 ? -2.625  -6.916  -8.395  1.00 10.67  ? 899  ASN A CB  1 
ATOM   470 C  CG  . ASN A 1 63 ? -2.676  -7.522  -6.992  1.00 10.42  ? 899  ASN A CG  1 
ATOM   471 O  OD1 . ASN A 1 63 ? -1.648  -7.834  -6.396  1.00 11.44  ? 899  ASN A OD1 1 
ATOM   472 N  ND2 . ASN A 1 63 ? -3.879  -7.713  -6.477  1.00 11.33  ? 899  ASN A ND2 1 
ATOM   473 N  N   . ASN A 1 64 ? -0.109  -5.179  -10.558 1.00 13.43  ? 900  ASN A N   1 
ATOM   474 C  CA  . ASN A 1 64 ? 0.177   -4.826  -11.967 1.00 14.70  ? 900  ASN A CA  1 
ATOM   475 C  C   . ASN A 1 64 ? -0.721  -3.719  -12.529 1.00 14.52  ? 900  ASN A C   1 
ATOM   476 O  O   . ASN A 1 64 ? -0.752  -3.491  -13.739 1.00 15.51  ? 900  ASN A O   1 
ATOM   477 C  CB  . ASN A 1 64 ? 0.127   -6.076  -12.880 1.00 15.42  ? 900  ASN A CB  1 
ATOM   478 C  CG  . ASN A 1 64 ? 0.999   -7.222  -12.369 1.00 17.76  ? 900  ASN A CG  1 
ATOM   479 O  OD1 . ASN A 1 64 ? 0.490   -8.257  -11.923 1.00 20.35  ? 900  ASN A OD1 1 
ATOM   480 N  ND2 . ASN A 1 64 ? 2.311   -7.032  -12.412 1.00 20.26  ? 900  ASN A ND2 1 
ATOM   481 N  N   . ARG A 1 65 ? -1.455  -3.034  -11.657 1.00 13.62  ? 901  ARG A N   1 
ATOM   482 C  CA  . ARG A 1 65 ? -2.339  -1.959  -12.094 1.00 13.09  ? 901  ARG A CA  1 
ATOM   483 C  C   . ARG A 1 65 ? -1.940  -0.664  -11.425 1.00 11.98  ? 901  ARG A C   1 
ATOM   484 O  O   . ARG A 1 65 ? -1.657  -0.645  -10.221 1.00 11.73  ? 901  ARG A O   1 
ATOM   485 C  CB  . ARG A 1 65 ? -3.783  -2.288  -11.735 1.00 13.19  ? 901  ARG A CB  1 
ATOM   486 C  CG  . ARG A 1 65 ? -4.354  -3.397  -12.579 1.00 15.75  ? 901  ARG A CG  1 
ATOM   487 C  CD  . ARG A 1 65 ? -5.777  -3.669  -12.191 1.00 19.04  ? 901  ARG A CD  1 
ATOM   488 N  NE  . ARG A 1 65 ? -6.375  -4.678  -13.061 1.00 22.02  ? 901  ARG A NE  1 
ATOM   489 C  CZ  . ARG A 1 65 ? -7.151  -4.413  -14.112 1.00 23.09  ? 901  ARG A CZ  1 
ATOM   490 N  NH1 . ARG A 1 65 ? -7.447  -3.156  -14.444 1.00 23.40  ? 901  ARG A NH1 1 
ATOM   491 N  NH2 . ARG A 1 65 ? -7.641  -5.416  -14.835 1.00 23.91  ? 901  ARG A NH2 1 
ATOM   492 N  N   . ALA A 1 66 ? -1.935  0.418   -12.202 1.00 10.89  ? 902  ALA A N   1 
ATOM   493 C  CA  . ALA A 1 66 ? -1.598  1.742   -11.699 1.00 10.56  ? 902  ALA A CA  1 
ATOM   494 C  C   . ALA A 1 66 ? -2.537  2.179   -10.582 1.00 10.70  ? 902  ALA A C   1 
ATOM   495 O  O   . ALA A 1 66 ? -3.739  1.992   -10.670 1.00 9.76   ? 902  ALA A O   1 
ATOM   496 C  CB  . ALA A 1 66 ? -1.629  2.752   -12.835 1.00 10.95  ? 902  ALA A CB  1 
ATOM   497 N  N   . ALA A 1 67 ? -1.973  2.779   -9.540  1.00 11.10  ? 903  ALA A N   1 
ATOM   498 C  CA  . ALA A 1 67 ? -2.745  3.212   -8.381  1.00 11.93  ? 903  ALA A CA  1 
ATOM   499 C  C   . ALA A 1 67 ? -3.872  4.173   -8.742  1.00 12.90  ? 903  ALA A C   1 
ATOM   500 O  O   . ALA A 1 67 ? -4.967  4.090   -8.165  1.00 13.34  ? 903  ALA A O   1 
ATOM   501 C  CB  . ALA A 1 67 ? -1.827  3.838   -7.366  1.00 12.12  ? 903  ALA A CB  1 
ATOM   502 N  N   . ASP A 1 68 ? -3.618  5.079   -9.689  1.00 13.49  ? 904  ASP A N   1 
ATOM   503 C  CA  . ASP A 1 68 ? -4.665  6.026   -10.095 1.00 14.66  ? 904  ASP A CA  1 
ATOM   504 C  C   . ASP A 1 68 ? -5.797  5.371   -10.893 1.00 14.28  ? 904  ASP A C   1 
ATOM   505 O  O   . ASP A 1 68 ? -6.837  5.986   -11.101 1.00 15.61  ? 904  ASP A O   1 
ATOM   506 C  CB  . ASP A 1 68 ? -4.111  7.280   -10.796 1.00 15.84  ? 904  ASP A CB  1 
ATOM   507 C  CG  . ASP A 1 68 ? -3.391  6.977   -12.110 1.00 19.36  ? 904  ASP A CG  1 
ATOM   508 O  OD1 . ASP A 1 68 ? -3.344  5.813   -12.562 1.00 23.01  ? 904  ASP A OD1 1 
ATOM   509 O  OD2 . ASP A 1 68 ? -2.855  7.939   -12.698 1.00 24.38  ? 904  ASP A OD2 1 
ATOM   510 N  N   . ALA A 1 69 ? -5.589  4.124   -11.314 1.00 12.61  ? 905  ALA A N   1 
ATOM   511 C  CA  . ALA A 1 69 ? -6.614  3.351   -12.036 1.00 12.13  ? 905  ALA A CA  1 
ATOM   512 C  C   . ALA A 1 69 ? -7.388  2.419   -11.103 1.00 11.79  ? 905  ALA A C   1 
ATOM   513 O  O   . ALA A 1 69 ? -8.203  1.609   -11.551 1.00 13.11  ? 905  ALA A O   1 
ATOM   514 C  CB  . ALA A 1 69 ? -5.991  2.567   -13.172 1.00 12.32  ? 905  ALA A CB  1 
ATOM   515 N  N   . LEU A 1 70 ? -7.148  2.564   -9.802  1.00 11.10  ? 906  LEU A N   1 
ATOM   516 C  CA  . LEU A 1 70 ? -7.792  1.726   -8.799  1.00 10.58  ? 906  LEU A CA  1 
ATOM   517 C  C   . LEU A 1 70 ? -8.934  2.448   -8.105  1.00 10.31  ? 906  LEU A C   1 
ATOM   518 O  O   . LEU A 1 70 ? -8.759  3.554   -7.576  1.00 12.05  ? 906  LEU A O   1 
ATOM   519 C  CB  . LEU A 1 70 ? -6.777  1.263   -7.745  1.00 10.25  ? 906  LEU A CB  1 
ATOM   520 C  CG  . LEU A 1 70 ? -5.623  0.388   -8.237  1.00 10.75  ? 906  LEU A CG  1 
ATOM   521 C  CD1 . LEU A 1 70 ? -4.605  0.149   -7.135  1.00 11.86  ? 906  LEU A CD1 1 
ATOM   522 C  CD2 . LEU A 1 70 ? -6.158  -0.928  -8.764  1.00 12.84  ? 906  LEU A CD2 1 
ATOM   523 N  N   . ASN A 1 71 ? -10.108 1.830   -8.111  1.00 10.19  ? 907  ASN A N   1 
ATOM   524 C  CA  . ASN A 1 71 ? -11.242 2.355   -7.356  1.00 9.86   ? 907  ASN A CA  1 
ATOM   525 C  C   . ASN A 1 71 ? -11.472 1.527   -6.092  1.00 10.16  ? 907  ASN A C   1 
ATOM   526 O  O   . ASN A 1 71 ? -10.788 0.523   -5.876  1.00 10.51  ? 907  ASN A O   1 
ATOM   527 C  CB  . ASN A 1 71 ? -12.507 2.462   -8.226  1.00 9.83   ? 907  ASN A CB  1 
ATOM   528 C  CG  . ASN A 1 71 ? -12.940 1.132   -8.802  1.00 10.12  ? 907  ASN A CG  1 
ATOM   529 O  OD1 . ASN A 1 71 ? -12.922 0.121   -8.123  1.00 10.57  ? 907  ASN A OD1 1 
ATOM   530 N  ND2 . ASN A 1 71 ? -13.372 1.142   -10.053 1.00 12.14  ? 907  ASN A ND2 1 
ATOM   531 N  N   . SER A 1 72 ? -12.415 1.953   -5.254  1.00 11.02  ? 908  SER A N   1 
ATOM   532 C  CA  . SER A 1 72 ? -12.659 1.288   -3.973  1.00 11.83  ? 908  SER A CA  1 
ATOM   533 C  C   . SER A 1 72 ? -13.100 -0.178  -4.134  1.00 11.49  ? 908  SER A C   1 
ATOM   534 O  O   . SER A 1 72 ? -12.744 -1.029  -3.321  1.00 11.42  ? 908  SER A O   1 
ATOM   535 C  CB  . SER A 1 72 ? -13.686 2.070   -3.146  1.00 12.39  ? 908  SER A CB  1 
ATOM   536 O  OG  . SER A 1 72 ? -14.913 2.130   -3.849  1.00 15.73  ? 908  SER A OG  1 
ATOM   537 N  N   . SER A 1 73 ? -13.856 -0.485  -5.186  1.00 11.50  ? 909  SER A N   1 
ATOM   538 C  CA  . SER A 1 73 ? -14.293 -1.864  -5.400  1.00 11.22  ? 909  SER A CA  1 
ATOM   539 C  C   . SER A 1 73 ? -13.108 -2.753  -5.715  1.00 10.66  ? 909  SER A C   1 
ATOM   540 O  O   . SER A 1 73 ? -13.018 -3.882  -5.222  1.00 10.53  ? 909  SER A O   1 
ATOM   541 C  CB  . SER A 1 73 ? -15.317 -1.957  -6.524  1.00 11.72  ? 909  SER A CB  1 
ATOM   542 O  OG  . SER A 1 73 ? -16.476 -1.224  -6.187  1.00 13.42  ? 909  SER A OG  1 
ATOM   543 N  N   . MET A 1 74 ? -12.196 -2.240  -6.540  1.00 9.98   ? 910  MET A N   1 
ATOM   544 C  CA  . MET A 1 74 ? -10.981 -2.977  -6.893  1.00 9.32   ? 910  MET A CA  1 
ATOM   545 C  C   . MET A 1 74 ? -10.100 -3.175  -5.665  1.00 9.34   ? 910  MET A C   1 
ATOM   546 O  O   . MET A 1 74 ? -9.563  -4.257  -5.446  1.00 9.43   ? 910  MET A O   1 
ATOM   547 C  CB  . MET A 1 74 ? -10.202 -2.249  -7.985  1.00 9.56   ? 910  MET A CB  1 
ATOM   548 C  CG  . MET A 1 74 ? -10.938 -2.168  -9.303  1.00 10.29  ? 910  MET A CG  1 
ATOM   549 S  SD  . MET A 1 74 ? -10.101 -1.020  -10.378 1.00 14.64  ? 910  MET A SD  1 
ATOM   550 C  CE  . MET A 1 74 ? -8.847  -2.074  -11.085 1.00 16.33  ? 910  MET A CE  1 
ATOM   551 N  N   . LEU A 1 75 ? -9.979  -2.133  -4.848  1.00 9.61   ? 911  LEU A N   1 
ATOM   552 C  CA  . LEU A 1 75 ? -9.179  -2.220  -3.629  1.00 9.65   ? 911  LEU A CA  1 
ATOM   553 C  C   . LEU A 1 75 ? -9.727  -3.290  -2.679  1.00 10.05  ? 911  LEU A C   1 
ATOM   554 O  O   . LEU A 1 75 ? -8.962  -4.118  -2.171  1.00 10.22  ? 911  LEU A O   1 
ATOM   555 C  CB  . LEU A 1 75 ? -9.095  -0.857  -2.943  1.00 9.99   ? 911  LEU A CB  1 
ATOM   556 C  CG  . LEU A 1 75 ? -8.234  0.173   -3.685  1.00 10.02  ? 911  LEU A CG  1 
ATOM   557 C  CD1 . LEU A 1 75 ? -8.366  1.542   -3.015  1.00 12.73  ? 911  LEU A CD1 1 
ATOM   558 C  CD2 . LEU A 1 75 ? -6.778  -0.254  -3.759  1.00 11.78  ? 911  LEU A CD2 1 
ATOM   559 N  N   . LYS A 1 76 ? -11.040 -3.292  -2.463  1.00 10.45  ? 912  LYS A N   1 
ATOM   560 C  CA  . LYS A 1 76 ? -11.686 -4.322  -1.631  1.00 10.88  ? 912  LYS A CA  1 
ATOM   561 C  C   . LYS A 1 76 ? -11.411 -5.718  -2.180  1.00 10.66  ? 912  LYS A C   1 
ATOM   562 O  O   . LYS A 1 76 ? -11.048 -6.636  -1.430  1.00 10.96  ? 912  LYS A O   1 
ATOM   563 C  CB  . LYS A 1 76 ? -13.196 -4.110  -1.560  1.00 11.62  ? 912  LYS A CB  1 
ATOM   564 C  CG  . LYS A 1 76 ? -13.603 -2.917  -0.756  1.00 12.95  ? 912  LYS A CG  1 
ATOM   565 C  CD  . LYS A 1 76 ? -15.111 -2.825  -0.717  1.00 16.02  ? 912  LYS A CD  1 
ATOM   566 C  CE  . LYS A 1 76 ? -15.548 -1.398  -0.477  1.00 17.71  ? 912  LYS A CE  1 
ATOM   567 N  NZ  . LYS A 1 76 ? -17.023 -1.317  -0.386  1.00 20.78  ? 912  LYS A NZ  1 
ATOM   568 N  N   . ASP A 1 77 ? -11.607 -5.884  -3.485  1.00 10.24  ? 913  ASP A N   1 
ATOM   569 C  CA  . ASP A 1 77 ? -11.313 -7.151  -4.136  1.00 10.49  ? 913  ASP A CA  1 
ATOM   570 C  C   . ASP A 1 77 ? -9.869  -7.593  -3.894  1.00 9.66   ? 913  ASP A C   1 
ATOM   571 O  O   . ASP A 1 77 ? -9.634  -8.686  -3.388  1.00 9.85   ? 913  ASP A O   1 
ATOM   572 C  CB  . ASP A 1 77 ? -11.593 -7.064  -5.633  1.00 10.90  ? 913  ASP A CB  1 
ATOM   573 C  CG  . ASP A 1 77 ? -11.518 -8.406  -6.308  1.00 13.99  ? 913  ASP A CG  1 
ATOM   574 O  OD1 . ASP A 1 77 ? -12.472 -9.189  -6.155  1.00 17.67  ? 913  ASP A OD1 1 
ATOM   575 O  OD2 . ASP A 1 77 ? -10.509 -8.670  -6.992  1.00 20.59  ? 913  ASP A OD2 1 
ATOM   576 N  N   . PHE A 1 78 ? -8.915  -6.731  -4.236  1.00 8.99   ? 914  PHE A N   1 
ATOM   577 C  CA  . PHE A 1 78 ? -7.501  -7.073  -4.122  1.00 8.29   ? 914  PHE A CA  1 
ATOM   578 C  C   . PHE A 1 78 ? -7.092  -7.329  -2.676  1.00 7.99   ? 914  PHE A C   1 
ATOM   579 O  O   . PHE A 1 78 ? -6.347  -8.274  -2.393  1.00 7.94   ? 914  PHE A O   1 
ATOM   580 C  CB  . PHE A 1 78 ? -6.612  -5.958  -4.687  1.00 8.21   ? 914  PHE A CB  1 
ATOM   581 C  CG  . PHE A 1 78 ? -6.694  -5.768  -6.184  1.00 9.07   ? 914  PHE A CG  1 
ATOM   582 C  CD1 . PHE A 1 78 ? -7.386  -6.654  -7.006  1.00 11.72  ? 914  PHE A CD1 1 
ATOM   583 C  CD2 . PHE A 1 78 ? -6.040  -4.699  -6.771  1.00 10.39  ? 914  PHE A CD2 1 
ATOM   584 C  CE1 . PHE A 1 78 ? -7.438  -6.453  -8.377  1.00 14.38  ? 914  PHE A CE1 1 
ATOM   585 C  CE2 . PHE A 1 78 ? -6.084  -4.499  -8.147  1.00 11.90  ? 914  PHE A CE2 1 
ATOM   586 C  CZ  . PHE A 1 78 ? -6.782  -5.371  -8.947  1.00 14.12  ? 914  PHE A CZ  1 
ATOM   587 N  N   . LEU A 1 79 ? -7.575  -6.496  -1.754  1.00 7.88   ? 915  LEU A N   1 
ATOM   588 C  CA  . LEU A 1 79 ? -7.104  -6.580  -0.373  1.00 7.26   ? 915  LEU A CA  1 
ATOM   589 C  C   . LEU A 1 79 ? -7.662  -7.797  0.359   1.00 7.18   ? 915  LEU A C   1 
ATOM   590 O  O   . LEU A 1 79 ? -7.071  -8.259  1.337   1.00 7.84   ? 915  LEU A O   1 
ATOM   591 C  CB  . LEU A 1 79 ? -7.424  -5.301  0.398   1.00 7.37   ? 915  LEU A CB  1 
ATOM   592 C  CG  . LEU A 1 79 ? -6.666  -4.052  -0.029  1.00 7.75   ? 915  LEU A CG  1 
ATOM   593 C  CD1 . LEU A 1 79 ? -7.253  -2.857  0.711   1.00 8.82   ? 915  LEU A CD1 1 
ATOM   594 C  CD2 . LEU A 1 79 ? -5.168  -4.203  0.267   1.00 9.97   ? 915  LEU A CD2 1 
ATOM   595 N  N   . SER A 1 80 ? -8.758  -8.349  -0.157  1.00 7.29   ? 916  SER A N   1 
ATOM   596 C  CA  . SER A 1 80 ? -9.390  -9.520  0.446   1.00 7.45   ? 916  SER A CA  1 
ATOM   597 C  C   . SER A 1 80 ? -8.691  -10.821 0.056   1.00 7.50   ? 916  SER A C   1 
ATOM   598 O  O   . SER A 1 80 ? -9.004  -11.859 0.607   1.00 7.91   ? 916  SER A O   1 
ATOM   599 C  CB  . SER A 1 80 ? -10.876 -9.601  0.070   1.00 7.92   ? 916  SER A CB  1 
ATOM   600 O  OG  . SER A 1 80 ? -11.041 -10.031 -1.267  1.00 9.02   ? 916  SER A OG  1 
ATOM   601 N  N   . GLN A 1 81 ? -7.756  -10.752 -0.892  1.00 7.26   ? 917  GLN A N   1 
ATOM   602 C  CA  . GLN A 1 81 ? -7.023  -11.945 -1.363  1.00 7.73   ? 917  GLN A CA  1 
ATOM   603 C  C   . GLN A 1 81 ? -5.920  -12.364 -0.398  1.00 7.93   ? 917  GLN A C   1 
ATOM   604 O  O   . GLN A 1 81 ? -5.425  -11.530 0.355   1.00 8.22   ? 917  GLN A O   1 
ATOM   605 C  CB  . GLN A 1 81 ? -6.406  -11.669 -2.726  1.00 8.34   ? 917  GLN A CB  1 
ATOM   606 C  CG  . GLN A 1 81 ? -7.419  -11.392 -3.829  1.00 9.15   ? 917  GLN A CG  1 
ATOM   607 C  CD  . GLN A 1 81 ? -8.008  -12.655 -4.427  1.00 10.87  ? 917  GLN A CD  1 
ATOM   608 O  OE1 . GLN A 1 81 ? -7.864  -13.751 -3.881  1.00 12.36  ? 917  GLN A OE1 1 
ATOM   609 N  NE2 . GLN A 1 81 ? -8.672  -12.503 -5.567  1.00 12.42  ? 917  GLN A NE2 1 
ATOM   610 N  N   . PRO A 1 82 ? -5.520  -13.650 -0.431  1.00 7.69   ? 918  PRO A N   1 
ATOM   611 C  CA  . PRO A 1 82 ? -4.444  -14.144 0.439   1.00 8.21   ? 918  PRO A CA  1 
ATOM   612 C  C   . PRO A 1 82 ? -3.048  -13.875 -0.085  1.00 8.85   ? 918  PRO A C   1 
ATOM   613 O  O   . PRO A 1 82 ? -2.073  -14.182 0.603   1.00 10.50  ? 918  PRO A O   1 
ATOM   614 C  CB  . PRO A 1 82 ? -4.710  -15.647 0.506   1.00 8.06   ? 918  PRO A CB  1 
ATOM   615 C  CG  . PRO A 1 82 ? -5.331  -15.946 -0.793  1.00 7.74   ? 918  PRO A CG  1 
ATOM   616 C  CD  . PRO A 1 82 ? -6.224  -14.765 -1.092  1.00 8.10   ? 918  PRO A CD  1 
ATOM   617 N  N   . SER A 1 83 ? -2.942  -13.307 -1.281  1.00 9.28   ? 919  SER A N   1 
ATOM   618 C  CA  . SER A 1 83 ? -1.667  -12.727 -1.696  1.00 9.79   ? 919  SER A CA  1 
ATOM   619 C  C   . SER A 1 83 ? -1.863  -11.369 -2.355  1.00 9.30   ? 919  SER A C   1 
ATOM   620 O  O   . SER A 1 83 ? -2.931  -11.066 -2.887  1.00 9.56   ? 919  SER A O   1 
ATOM   621 C  CB  . SER A 1 83 ? -0.848  -13.671 -2.563  1.00 10.90  ? 919  SER A CB  1 
ATOM   622 O  OG  . SER A 1 83 ? -1.392  -13.793 -3.845  1.00 13.52  ? 919  SER A OG  1 
ATOM   623 N  N   . LEU A 1 84 ? -0.811  -10.565 -2.310  1.00 8.62   ? 920  LEU A N   1 
ATOM   624 C  CA  . LEU A 1 84 ? -0.895  -9.173  -2.713  1.00 8.22   ? 920  LEU A CA  1 
ATOM   625 C  C   . LEU A 1 84 ? 0.457   -8.739  -3.246  1.00 8.43   ? 920  LEU A C   1 
ATOM   626 O  O   . LEU A 1 84 ? 1.495   -9.050  -2.651  1.00 8.80   ? 920  LEU A O   1 
ATOM   627 C  CB  . LEU A 1 84 ? -1.273  -8.332  -1.493  1.00 8.51   ? 920  LEU A CB  1 
ATOM   628 C  CG  . LEU A 1 84 ? -1.533  -6.844  -1.643  1.00 8.50   ? 920  LEU A CG  1 
ATOM   629 C  CD1 . LEU A 1 84 ? -2.784  -6.547  -2.445  1.00 9.81   ? 920  LEU A CD1 1 
ATOM   630 C  CD2 . LEU A 1 84 ? -1.684  -6.247  -0.240  1.00 9.71   ? 920  LEU A CD2 1 
ATOM   631 N  N   . GLY A 1 85 ? 0.433   -8.039  -4.374  1.00 8.36   ? 921  GLY A N   1 
ATOM   632 C  CA  . GLY A 1 85 ? 1.625   -7.442  -4.964  1.00 8.75   ? 921  GLY A CA  1 
ATOM   633 C  C   . GLY A 1 85 ? 1.518   -5.937  -4.897  1.00 8.58   ? 921  GLY A C   1 
ATOM   634 O  O   . GLY A 1 85 ? 0.494   -5.366  -5.286  1.00 8.82   ? 921  GLY A O   1 
ATOM   635 N  N   . LEU A 1 86 ? 2.575   -5.300  -4.396  1.00 8.66   ? 922  LEU A N   1 
ATOM   636 C  CA  . LEU A 1 86 ? 2.623   -3.842  -4.281  1.00 8.65   ? 922  LEU A CA  1 
ATOM   637 C  C   . LEU A 1 86 ? 3.885   -3.329  -4.935  1.00 8.71   ? 922  LEU A C   1 
ATOM   638 O  O   . LEU A 1 86 ? 4.950   -3.926  -4.787  1.00 9.49   ? 922  LEU A O   1 
ATOM   639 C  CB  . LEU A 1 86 ? 2.640   -3.413  -2.817  1.00 9.13   ? 922  LEU A CB  1 
ATOM   640 C  CG  . LEU A 1 86 ? 1.477   -3.824  -1.919  1.00 9.33   ? 922  LEU A CG  1 
ATOM   641 C  CD1 . LEU A 1 86 ? 1.788   -3.480  -0.470  1.00 11.79  ? 922  LEU A CD1 1 
ATOM   642 C  CD2 . LEU A 1 86 ? 0.182   -3.154  -2.373  1.00 10.94  ? 922  LEU A CD2 1 
ATOM   643 N  N   . LEU A 1 87 ? 3.760   -2.228  -5.664  1.00 8.15   ? 923  LEU A N   1 
ATOM   644 C  CA  . LEU A 1 87 ? 4.933   -1.467  -6.077  1.00 7.74   ? 923  LEU A CA  1 
ATOM   645 C  C   . LEU A 1 87 ? 4.808   -0.114  -5.404  1.00 7.54   ? 923  LEU A C   1 
ATOM   646 O  O   . LEU A 1 87 ? 3.836   0.611   -5.643  1.00 8.18   ? 923  LEU A O   1 
ATOM   647 C  CB  . LEU A 1 87 ? 5.036   -1.331  -7.602  1.00 8.18   ? 923  LEU A CB  1 
ATOM   648 C  CG  . LEU A 1 87 ? 6.209   -0.451  -8.052  1.00 8.70   ? 923  LEU A CG  1 
ATOM   649 C  CD1 . LEU A 1 87 ? 7.499   -1.229  -7.956  1.00 9.54   ? 923  LEU A CD1 1 
ATOM   650 C  CD2 . LEU A 1 87 ? 6.005   0.132   -9.456  1.00 11.65  ? 923  LEU A CD2 1 
ATOM   651 N  N   . VAL A 1 88 ? 5.794   0.224   -4.573  1.00 7.11   ? 924  VAL A N   1 
ATOM   652 C  CA  . VAL A 1 88 ? 5.739   1.475   -3.812  1.00 7.16   ? 924  VAL A CA  1 
ATOM   653 C  C   . VAL A 1 88 ? 6.971   2.323   -4.087  1.00 7.32   ? 924  VAL A C   1 
ATOM   654 O  O   . VAL A 1 88 ? 8.053   1.792   -4.330  1.00 7.50   ? 924  VAL A O   1 
ATOM   655 C  CB  . VAL A 1 88 ? 5.587   1.247   -2.277  1.00 7.56   ? 924  VAL A CB  1 
ATOM   656 C  CG1 . VAL A 1 88 ? 4.329   0.442   -1.960  1.00 8.39   ? 924  VAL A CG1 1 
ATOM   657 C  CG2 . VAL A 1 88 ? 6.818   0.586   -1.678  1.00 8.29   ? 924  VAL A CG2 1 
ATOM   658 N  N   . ARG A 1 89 ? 6.806   3.642   -4.062  1.00 7.37   ? 925  ARG A N   1 
ATOM   659 C  CA  . ARG A 1 89 ? 7.964   4.515   -3.975  1.00 7.94   ? 925  ARG A CA  1 
ATOM   660 C  C   . ARG A 1 89 ? 8.318   4.643   -2.498  1.00 8.17   ? 925  ARG A C   1 
ATOM   661 O  O   . ARG A 1 89 ? 7.466   4.949   -1.671  1.00 7.68   ? 925  ARG A O   1 
ATOM   662 C  CB  . ARG A 1 89 ? 7.701   5.898   -4.565  1.00 8.56   ? 925  ARG A CB  1 
ATOM   663 C  CG  . ARG A 1 89 ? 8.917   6.783   -4.368  1.00 9.81   ? 925  ARG A CG  1 
ATOM   664 C  CD  . ARG A 1 89 ? 8.801   8.136   -4.962  1.00 13.16  ? 925  ARG A CD  1 
ATOM   665 N  NE  . ARG A 1 89 ? 10.022  8.890   -4.687  1.00 13.15  ? 925  ARG A NE  1 
ATOM   666 C  CZ  . ARG A 1 89 ? 10.195  10.172  -4.976  1.00 15.55  ? 925  ARG A CZ  1 
ATOM   667 N  NH1 . ARG A 1 89 ? 11.343  10.756  -4.671  1.00 15.94  ? 925  ARG A NH1 1 
ATOM   668 N  NH2 . ARG A 1 89 ? 9.226   10.861  -5.566  1.00 18.72  ? 925  ARG A NH2 1 
ATOM   669 N  N   . THR A 1 90 ? 9.582   4.412   -2.172  1.00 8.75   ? 926  THR A N   1 
ATOM   670 C  CA  . THR A 1 90 ? 10.023  4.410   -0.788  1.00 10.08  ? 926  THR A CA  1 
ATOM   671 C  C   . THR A 1 90 ? 11.215  5.341   -0.608  1.00 10.88  ? 926  THR A C   1 
ATOM   672 O  O   . THR A 1 90 ? 12.029  5.497   -1.522  1.00 11.06  ? 926  THR A O   1 
ATOM   673 C  CB  . THR A 1 90 ? 10.291  2.962   -0.291  1.00 10.08  ? 926  THR A CB  1 
ATOM   674 O  OG1 . THR A 1 90 ? 10.555  2.976   1.117   1.00 11.64  ? 926  THR A OG1 1 
ATOM   675 C  CG2 . THR A 1 90 ? 11.424  2.304   -1.053  1.00 9.70   ? 926  THR A CG2 1 
ATOM   676 N  N   . TYR A 1 91 ? 11.289  5.983   0.555   1.00 12.07  ? 927  TYR A N   1 
ATOM   677 C  CA  . TYR A 1 91 ? 12.261  7.049   0.797   1.00 13.41  ? 927  TYR A CA  1 
ATOM   678 C  C   . TYR A 1 91 ? 13.308  6.591   1.799   1.00 14.18  ? 927  TYR A C   1 
ATOM   679 O  O   . TYR A 1 91 ? 12.966  5.943   2.782   1.00 14.70  ? 927  TYR A O   1 
ATOM   680 C  CB  . TYR A 1 91 ? 11.546  8.293   1.331   1.00 13.29  ? 927  TYR A CB  1 
ATOM   681 C  CG  . TYR A 1 91 ? 10.593  8.918   0.331   1.00 14.16  ? 927  TYR A CG  1 
ATOM   682 C  CD1 . TYR A 1 91 ? 9.297   8.414   0.147   1.00 14.28  ? 927  TYR A CD1 1 
ATOM   683 C  CD2 . TYR A 1 91 ? 10.988  10.011  -0.429  1.00 15.54  ? 927  TYR A CD2 1 
ATOM   684 C  CE1 . TYR A 1 91 ? 8.433   8.982   -0.787  1.00 15.77  ? 927  TYR A CE1 1 
ATOM   685 C  CE2 . TYR A 1 91 ? 10.136  10.591  -1.352  1.00 16.56  ? 927  TYR A CE2 1 
ATOM   686 C  CZ  . TYR A 1 91 ? 8.862   10.078  -1.525  1.00 16.98  ? 927  TYR A CZ  1 
ATOM   687 O  OH  . TYR A 1 91 ? 8.030   10.666  -2.447  1.00 19.17  ? 927  TYR A OH  1 
ATOM   688 N  N   . PRO A 1 92 ? 14.552  6.904   1.572   1.00 15.23  ? 928  PRO A N   1 
ATOM   689 C  CA  . PRO A 1 92 ? 15.530  6.702   2.625   1.00 16.18  ? 928  PRO A CA  1 
ATOM   690 C  C   . PRO A 1 92 ? 14.996  7.318   3.924   1.00 17.21  ? 928  PRO A C   1 
ATOM   691 O  O   . PRO A 1 92 ? 14.504  8.345   3.846   1.00 17.34  ? 928  PRO A O   1 
ATOM   692 C  CB  . PRO A 1 92 ? 16.774  7.407   2.094   1.00 16.15  ? 928  PRO A CB  1 
ATOM   693 C  CG  . PRO A 1 92 ? 16.583  7.421   0.610   1.00 16.48  ? 928  PRO A CG  1 
ATOM   694 C  CD  . PRO A 1 92 ? 15.131  7.443   0.353   1.00 15.84  ? 928  PRO A CD  1 
ATOM   695 N  N   . GLU A 1 93 ? 15.186  6.697   5.074   1.00 18.77  ? 929  GLU A N   1 
ATOM   696 C  CA  . GLU A 1 93 ? 14.731  7.276   6.342   1.00 20.60  ? 929  GLU A CA  1 
ATOM   697 C  C   . GLU A 1 93 ? 15.480  8.458   6.772   1.00 21.00  ? 929  GLU A C   1 
ATOM   698 O  O   . GLU A 1 93 ? 14.943  9.276   7.456   1.00 21.58  ? 929  GLU A O   1 
ATOM   699 C  CB  . GLU A 1 93 ? 14.811  6.309   7.479   1.00 21.05  ? 929  GLU A CB  1 
ATOM   700 C  CG  . GLU A 1 93 ? 13.586  5.415   7.508   1.00 24.64  ? 929  GLU A CG  1 
ATOM   701 C  CD  . GLU A 1 93 ? 13.579  4.425   8.662   1.00 28.79  ? 929  GLU A CD  1 
ATOM   702 O  OE1 . GLU A 1 93 ? 14.571  4.347   9.405   1.00 30.88  ? 929  GLU A OE1 1 
ATOM   703 O  OE2 . GLU A 1 93 ? 12.542  3.764   8.795   1.00 31.52  ? 929  GLU A OE2 1 
ATOM   704 N  N   . LEU A 1 94 ? 16.726  8.539   6.390   1.00 21.30  ? 930  LEU A N   1 
ATOM   705 C  CA  . LEU A 1 94 ? 17.544  9.631   6.769   1.00 21.85  ? 930  LEU A CA  1 
ATOM   706 C  C   . LEU A 1 94 ? 18.299  10.086  5.557   1.00 22.33  ? 930  LEU A C   1 
ATOM   707 O  O   . LEU A 1 94 ? 18.595  9.272   4.752   1.00 23.21  ? 930  LEU A O   1 
ATOM   708 C  CB  . LEU A 1 94 ? 18.524  9.178   7.854   1.00 20.00  ? 930  LEU A CB  1 
ATOM   709 C  CG  . LEU A 1 94 ? 18.204  9.595   9.274   1.00 20.00  ? 930  LEU A CG  1 
ATOM   710 C  CD1 . LEU A 1 94 ? 19.265  9.347   10.322  1.00 20.00  ? 930  LEU A CD1 1 
ATOM   711 C  CD2 . LEU A 1 94 ? 17.425  10.859  9.526   1.00 20.00  ? 930  LEU A CD2 1 
ATOM   712 N  N   . THR B 2 1  ? -6.355  16.807  3.156   1.00 14.09  ? 1    THR B N   1 
ATOM   713 C  CA  . THR B 2 1  ? -7.419  15.857  3.582   1.00 14.71  ? 1    THR B CA  1 
ATOM   714 C  C   . THR B 2 1  ? -7.218  14.555  2.842   1.00 14.49  ? 1    THR B C   1 
ATOM   715 O  O   . THR B 2 1  ? -6.641  14.530  1.754   1.00 14.69  ? 1    THR B O   1 
ATOM   716 C  CB  . THR B 2 1  ? -8.811  16.424  3.284   1.00 15.02  ? 1    THR B CB  1 
ATOM   717 O  OG1 . THR B 2 1  ? -8.845  16.886  1.927   1.00 16.74  ? 1    THR B OG1 1 
ATOM   718 C  CG2 . THR B 2 1  ? -9.105  17.589  4.216   1.00 15.74  ? 1    THR B CG2 1 
ATOM   719 N  N   . LYS B 2 2  ? -7.673  13.475  3.455   1.00 14.32  ? 2    LYS B N   1 
ATOM   720 C  CA  . LYS B 2 2  ? -7.701  12.182  2.793   1.00 14.64  ? 2    LYS B CA  1 
ATOM   721 C  C   . LYS B 2 2  ? -9.128  11.940  2.343   1.00 15.44  ? 2    LYS B C   1 
ATOM   722 O  O   . LYS B 2 2  ? -10.083 12.324  3.025   1.00 15.85  ? 2    LYS B O   1 
ATOM   723 C  CB  . LYS B 2 2  ? -7.278  11.068  3.740   1.00 14.71  ? 2    LYS B CB  1 
ATOM   724 C  CG  . LYS B 2 2  ? -5.984  11.281  4.501   1.00 14.56  ? 2    LYS B CG  1 
ATOM   725 C  CD  . LYS B 2 2  ? -5.951  10.271  5.639   1.00 14.80  ? 2    LYS B CD  1 
ATOM   726 C  CE  . LYS B 2 2  ? -4.726  10.402  6.482   1.00 15.96  ? 2    LYS B CE  1 
ATOM   727 N  NZ  . LYS B 2 2  ? -4.875  9.557   7.707   1.00 16.10  ? 2    LYS B NZ  1 
ATOM   728 N  N   . GLN B 2 3  ? -9.273  11.320  1.180   1.00 16.20  ? 3    GLN B N   1 
ATOM   729 C  CA  . GLN B 2 3  ? -10.594 10.986  0.669   1.00 17.32  ? 3    GLN B CA  1 
ATOM   730 C  C   . GLN B 2 3  ? -11.158 9.853   1.503   1.00 17.73  ? 3    GLN B C   1 
ATOM   731 O  O   . GLN B 2 3  ? -12.331 9.868   1.906   1.00 18.63  ? 3    GLN B O   1 
ATOM   732 C  CB  . GLN B 2 3  ? -10.507 10.538  -0.785  1.00 18.27  ? 3    GLN B CB  1 
ATOM   733 C  CG  . GLN B 2 3  ? -10.255 11.642  -1.792  1.00 20.23  ? 3    GLN B CG  1 
ATOM   734 C  CD  . GLN B 2 3  ? -10.227 11.120  -3.229  1.00 23.80  ? 3    GLN B CD  1 
ATOM   735 O  OE1 . GLN B 2 3  ? -9.746  10.009  -3.495  1.00 26.07  ? 3    GLN B OE1 1 
ATOM   736 N  NE2 . GLN B 2 3  ? -10.738 11.925  -4.164  1.00 23.98  ? 3    GLN B NE2 1 
ATOM   737 N  N   . GLU B 2 4  ? -10.306 8.873   1.771   1.00 17.59  ? 4    GLU B N   1 
ATOM   738 C  CA  . GLU B 2 4  ? -10.727 7.672   2.466   1.00 16.89  ? 4    GLU B CA  1 
ATOM   739 C  C   . GLU B 2 4  ? -9.536  6.774   2.655   1.00 15.11  ? 4    GLU B C   1 
ATOM   740 O  O   . GLU B 2 4  ? -8.420  7.078   2.221   1.00 14.40  ? 4    GLU B O   1 
ATOM   741 C  CB  . GLU B 2 4  ? -11.786 6.918   1.667   1.00 17.80  ? 4    GLU B CB  1 
ATOM   742 C  CG  . GLU B 2 4  ? -11.265 6.309   0.370   1.00 20.05  ? 4    GLU B CG  1 
ATOM   743 C  CD  . GLU B 2 4  ? -12.397 5.857   -0.522  1.00 22.99  ? 4    GLU B CD  1 
ATOM   744 O  OE1 . GLU B 2 4  ? -12.198 5.834   -1.758  1.00 25.68  ? 4    GLU B OE1 1 
ATOM   745 O  OE2 . GLU B 2 4  ? -13.490 5.547   0.011   1.00 24.27  ? 4    GLU B OE2 1 
ATOM   746 N  N   . GLU B 2 5  ? -9.822  5.626   3.246   1.00 13.75  ? 5    GLU B N   1 
ATOM   747 C  CA  . GLU B 2 5  ? -8.819  4.802   3.834   1.00 11.92  ? 5    GLU B CA  1 
ATOM   748 C  C   . GLU B 2 5  ? -9.330  3.381   3.863   1.00 9.85   ? 5    GLU B C   1 
ATOM   749 O  O   . GLU B 2 5  ? -10.502 3.149   4.148   1.00 8.30   ? 5    GLU B O   1 
ATOM   750 C  CB  . GLU B 2 5  ? -8.653  5.304   5.253   1.00 13.50  ? 5    GLU B CB  1 
ATOM   751 C  CG  . GLU B 2 5  ? -7.407  4.969   5.930   1.00 16.23  ? 5    GLU B CG  1 
ATOM   752 C  CD  . GLU B 2 5  ? -7.225  5.869   7.133   1.00 18.69  ? 5    GLU B CD  1 
ATOM   753 O  OE1 . GLU B 2 5  ? -7.637  5.446   8.230   1.00 20.42  ? 5    GLU B OE1 1 
ATOM   754 O  OE2 . GLU B 2 5  ? -6.721  7.009   6.973   1.00 19.85  ? 5    GLU B OE2 1 
ATOM   755 N  N   . PHE B 2 6  ? -8.442  2.436   3.550   1.00 7.81   ? 6    PHE B N   1 
ATOM   756 C  CA  . PHE B 2 6  ? -8.746  1.010   3.678   1.00 7.84   ? 6    PHE B CA  1 
ATOM   757 C  C   . PHE B 2 6  ? -7.640  0.310   4.428   1.00 7.60   ? 6    PHE B C   1 
ATOM   758 O  O   . PHE B 2 6  ? -6.485  0.710   4.341   1.00 7.87   ? 6    PHE B O   1 
ATOM   759 C  CB  . PHE B 2 6  ? -8.920  0.340   2.303   1.00 8.23   ? 6    PHE B CB  1 
ATOM   760 C  CG  . PHE B 2 6  ? -10.162 0.764   1.569   1.00 9.58   ? 6    PHE B CG  1 
ATOM   761 C  CD1 . PHE B 2 6  ? -11.363 0.072   1.756   1.00 9.96   ? 6    PHE B CD1 1 
ATOM   762 C  CD2 . PHE B 2 6  ? -10.136 1.839   0.689   1.00 11.72  ? 6    PHE B CD2 1 
ATOM   763 C  CE1 . PHE B 2 6  ? -12.525 0.448   1.071   1.00 11.95  ? 6    PHE B CE1 1 
ATOM   764 C  CE2 . PHE B 2 6  ? -11.294 2.235   0.003   1.00 12.18  ? 6    PHE B CE2 1 
ATOM   765 C  CZ  . PHE B 2 6  ? -12.493 1.538   0.202   1.00 13.23  ? 6    PHE B CZ  1 
HETATM 766 N  N   . PTR B 2 7  ? -8.001  -0.759  5.138   1.00 6.62   ? 7    PTR B N   1 
HETATM 767 C  CA  . PTR B 2 7  ? -7.041  -1.597  5.852   1.00 6.05   ? 7    PTR B CA  1 
HETATM 768 C  C   . PTR B 2 7  ? -7.277  -3.059  5.514   1.00 5.83   ? 7    PTR B C   1 
HETATM 769 O  O   . PTR B 2 7  ? -8.411  -3.483  5.265   1.00 5.82   ? 7    PTR B O   1 
HETATM 770 C  CB  . PTR B 2 7  ? -7.127  -1.343  7.368   1.00 6.19   ? 7    PTR B CB  1 
HETATM 771 C  CG  . PTR B 2 7  ? -6.588  -2.458  8.250   1.00 6.55   ? 7    PTR B CG  1 
HETATM 772 C  CD1 . PTR B 2 7  ? -5.382  -2.320  8.937   1.00 7.68   ? 7    PTR B CD1 1 
HETATM 773 C  CD2 . PTR B 2 7  ? -7.314  -3.640  8.436   1.00 7.67   ? 7    PTR B CD2 1 
HETATM 774 C  CE1 . PTR B 2 7  ? -4.900  -3.340  9.757   1.00 8.88   ? 7    PTR B CE1 1 
HETATM 775 C  CE2 . PTR B 2 7  ? -6.833  -4.665  9.243   1.00 8.57   ? 7    PTR B CE2 1 
HETATM 776 C  CZ  . PTR B 2 7  ? -5.633  -4.514  9.917   1.00 9.99   ? 7    PTR B CZ  1 
HETATM 777 O  OH  . PTR B 2 7  ? -5.190  -5.449  10.635  1.00 11.68  ? 7    PTR B OH  1 
HETATM 778 P  P   . PTR B 2 7  ? -5.768  -5.837  12.101  1.00 11.57  ? 7    PTR B P   1 
HETATM 779 O  O1P . PTR B 2 7  ? -7.231  -6.063  11.918  1.00 11.23  ? 7    PTR B O1P 1 
HETATM 780 O  O2P . PTR B 2 7  ? -5.461  -4.688  13.073  1.00 11.97  ? 7    PTR B O2P 1 
HETATM 781 O  O3P . PTR B 2 7  ? -5.151  -7.173  12.490  1.00 13.40  ? 7    PTR B O3P 1 
ATOM   782 N  N   . ALA B 2 8  ? -6.198  -3.828  5.487   1.00 5.84   ? 8    ALA B N   1 
ATOM   783 C  CA  . ALA B 2 8  ? -6.333  -5.279  5.376   1.00 6.18   ? 8    ALA B CA  1 
ATOM   784 C  C   . ALA B 2 8  ? -5.168  -6.003  6.020   1.00 6.46   ? 8    ALA B C   1 
ATOM   785 O  O   . ALA B 2 8  ? -5.108  -7.247  6.002   1.00 6.88   ? 8    ALA B O   1 
ATOM   786 C  CB  . ALA B 2 8  ? -6.509  -5.699  3.916   1.00 6.86   ? 8    ALA B CB  1 
ATOM   787 O  OXT . ALA B 2 8  ? -4.267  -5.345  6.561   1.00 7.55   ? 8    ALA B OXT 1 
HETATM 788 CL CL  . CL  C 3 .  ? -2.326  -0.668  11.200  1.00 11.57  ? 1001 CL  A CL  1 
HETATM 789 C  C1  . ANS D 4 .  ? -4.218  15.912  4.763   1.00 13.87  ? 101  ANS B C1  1 
HETATM 790 C  C2  . ANS D 4 .  ? -4.445  15.219  5.949   1.00 14.57  ? 101  ANS B C2  1 
HETATM 791 C  C3  . ANS D 4 .  ? -3.664  14.123  6.322   1.00 14.97  ? 101  ANS B C3  1 
HETATM 792 C  C4  . ANS D 4 .  ? -2.624  13.659  5.519   1.00 15.37  ? 101  ANS B C4  1 
HETATM 793 C  C4A . ANS D 4 .  ? -2.314  14.279  4.309   1.00 15.05  ? 101  ANS B C4A 1 
HETATM 794 C  C5  . ANS D 4 .  ? -1.198  13.795  3.443   1.00 16.73  ? 101  ANS B C5  1 
HETATM 795 C  C6  . ANS D 4 .  ? -0.954  14.489  2.251   1.00 16.14  ? 101  ANS B C6  1 
HETATM 796 C  C7  . ANS D 4 .  ? -1.733  15.594  1.879   1.00 15.84  ? 101  ANS B C7  1 
HETATM 797 C  C8  . ANS D 4 .  ? -2.798  16.069  2.660   1.00 15.46  ? 101  ANS B C8  1 
HETATM 798 C  C8A . ANS D 4 .  ? -3.116  15.451  3.869   1.00 15.15  ? 101  ANS B C8A 1 
HETATM 799 N  N   . ANS D 4 .  ? -0.426  12.678  3.858   1.00 17.02  ? 101  ANS B N   1 
HETATM 800 C  CM1 . ANS D 4 .  ? 0.940   12.678  3.285   1.00 18.37  ? 101  ANS B CM1 1 
HETATM 801 C  CM2 . ANS D 4 .  ? -1.099  11.396  3.576   1.00 17.78  ? 101  ANS B CM2 1 
HETATM 802 S  S   . ANS D 4 .  ? -5.171  17.164  4.421   1.00 14.31  ? 101  ANS B S   1 
HETATM 803 O  O1S . ANS D 4 .  ? -4.410  18.304  3.878   1.00 14.42  ? 101  ANS B O1S 1 
HETATM 804 O  O2S . ANS D 4 .  ? -5.971  17.509  5.613   1.00 14.14  ? 101  ANS B O2S 1 
HETATM 805 CL CL  . CL  E 3 .  ? -8.063  13.930  6.987   1.00 12.92  ? 102  CL  B CL  1 
HETATM 806 NA NA  . NA  F 5 .  ? -6.390  12.819  8.789   1.00 18.65  ? 103  NA  B NA  1 
HETATM 807 O  O   . HOH G 6 .  ? 4.463   -13.142 3.155   1.00 21.72  ? 1101 HOH A O   1 
HETATM 808 O  O   . HOH G 6 .  ? -7.039  -10.334 3.172   1.00 13.70  ? 1102 HOH A O   1 
HETATM 809 O  O   . HOH G 6 .  ? 0.107   7.031   -5.972  1.00 9.50   ? 1103 HOH A O   1 
HETATM 810 O  O   . HOH G 6 .  ? 2.386   -4.920  9.280   1.00 9.63   ? 1104 HOH A O   1 
HETATM 811 O  O   . HOH G 6 .  ? 12.177  7.365   -3.452  1.00 11.35  ? 1105 HOH A O   1 
HETATM 812 O  O   . HOH G 6 .  ? -7.466  -13.674 2.330   1.00 11.36  ? 1106 HOH A O   1 
HETATM 813 O  O   . HOH G 6 .  ? 14.836  9.395   -9.799  1.00 12.91  ? 1107 HOH A O   1 
HETATM 814 O  O   . HOH G 6 .  ? 9.104   5.759   2.559   1.00 18.28  ? 1108 HOH A O   1 
HETATM 815 O  O   . HOH G 6 .  ? -7.521  -16.416 -4.111  1.00 9.93   ? 1109 HOH A O   1 
HETATM 816 O  O   . HOH G 6 .  ? -4.464  -9.263  -4.150  1.00 11.39  ? 1110 HOH A O   1 
HETATM 817 O  O   . HOH G 6 .  ? 10.815  -2.176  -7.646  1.00 12.93  ? 1111 HOH A O   1 
HETATM 818 O  O   . HOH G 6 .  ? -2.929  0.104   -14.927 1.00 18.68  ? 1112 HOH A O   1 
HETATM 819 O  O   . HOH G 6 .  ? 8.972   -0.050  1.350   1.00 16.07  ? 1113 HOH A O   1 
HETATM 820 O  O   . HOH G 6 .  ? -0.959  7.427   -8.593  1.00 27.32  ? 1114 HOH A O   1 
HETATM 821 O  O   . HOH G 6 .  ? -1.716  13.681  -3.745  1.00 20.25  ? 1115 HOH A O   1 
HETATM 822 O  O   . HOH G 6 .  ? -6.932  -0.768  -13.341 1.00 26.06  ? 1116 HOH A O   1 
HETATM 823 O  O   . HOH G 6 .  ? 8.497   -9.111  -1.190  1.00 19.45  ? 1117 HOH A O   1 
HETATM 824 O  O   . HOH G 6 .  ? -0.230  17.284  -6.351  1.00 20.64  ? 1118 HOH A O   1 
HETATM 825 O  O   . HOH G 6 .  ? 0.118   -9.881  9.821   1.00 19.23  ? 1119 HOH A O   1 
HETATM 826 O  O   . HOH G 6 .  ? -4.532  -11.637 -5.796  1.00 21.18  ? 1120 HOH A O   1 
HETATM 827 O  O   . HOH G 6 .  ? -0.358  10.000  -9.219  1.00 35.82  ? 1121 HOH A O   1 
HETATM 828 O  O   . HOH G 6 .  ? 4.642   11.381  -6.760  1.00 36.97  ? 1122 HOH A O   1 
HETATM 829 O  O   . HOH G 6 .  ? 13.590  9.511   -2.892  1.00 19.71  ? 1123 HOH A O   1 
HETATM 830 O  O   . HOH G 6 .  ? -1.323  -15.690 7.627   1.00 22.34  ? 1124 HOH A O   1 
HETATM 831 O  O   . HOH G 6 .  ? -12.367 -16.432 8.751   1.00 17.73  ? 1125 HOH A O   1 
HETATM 832 O  O   . HOH G 6 .  ? -0.351  14.825  -1.747  1.00 22.40  ? 1126 HOH A O   1 
HETATM 833 O  O   . HOH G 6 .  ? -5.221  -18.744 10.628  1.00 19.43  ? 1127 HOH A O   1 
HETATM 834 O  O   . HOH G 6 .  ? -12.484 16.094  -5.002  1.00 13.88  ? 1128 HOH A O   1 
HETATM 835 O  O   . HOH G 6 .  ? -14.662 -15.737 7.532   1.00 17.62  ? 1129 HOH A O   1 
HETATM 836 O  O   . HOH G 6 .  ? -0.762  5.846   -10.733 1.00 25.17  ? 1130 HOH A O   1 
HETATM 837 O  O   . HOH G 6 .  ? -8.305  -18.004 -1.996  1.00 16.29  ? 1131 HOH A O   1 
HETATM 838 O  O   . HOH G 6 .  ? 6.506   2.446   8.920   1.00 12.64  ? 1132 HOH A O   1 
HETATM 839 O  O   . HOH G 6 .  ? -8.463  -10.250 -7.337  1.00 28.98  ? 1133 HOH A O   1 
HETATM 840 O  O   . HOH G 6 .  ? -1.480  -12.852 8.453   1.00 22.23  ? 1134 HOH A O   1 
HETATM 841 O  O   . HOH G 6 .  ? -4.796  -16.645 -4.197  1.00 14.97  ? 1135 HOH A O   1 
HETATM 842 O  O   . HOH G 6 .  ? -3.895  11.844  -10.645 1.00 19.05  ? 1136 HOH A O   1 
HETATM 843 O  O   . HOH G 6 .  ? 20.037  10.799  2.884   1.00 16.80  ? 1137 HOH A O   1 
HETATM 844 O  O   . HOH G 6 .  ? 0.879   8.395   5.113   1.00 21.87  ? 1138 HOH A O   1 
HETATM 845 O  O   . HOH G 6 .  ? -4.198  -14.059 -4.060  1.00 16.13  ? 1139 HOH A O   1 
HETATM 846 O  O   . HOH G 6 .  ? 6.392   -7.853  12.037  1.00 22.43  ? 1140 HOH A O   1 
HETATM 847 O  O   . HOH G 6 .  ? -17.656 -4.071  -3.892  1.00 26.80  ? 1141 HOH A O   1 
HETATM 848 O  O   . HOH G 6 .  ? -14.611 -13.781 5.391   1.00 18.57  ? 1142 HOH A O   1 
HETATM 849 O  O   . HOH G 6 .  ? -0.897  -20.714 7.773   1.00 51.20  ? 1143 HOH A O   1 
HETATM 850 O  O   . HOH G 6 .  ? 8.621   -2.131  7.491   1.00 19.29  ? 1144 HOH A O   1 
HETATM 851 O  O   . HOH G 6 .  ? -1.445  -8.051  11.119  1.00 19.40  ? 1145 HOH A O   1 
HETATM 852 O  O   . HOH G 6 .  ? 0.345   -7.614  13.598  1.00 160.13 ? 1146 HOH A O   1 
HETATM 853 O  O   . HOH G 6 .  ? 20.568  13.970  1.350   1.00 21.90  ? 1147 HOH A O   1 
HETATM 854 O  O   . HOH G 6 .  ? 10.680  -11.577 1.484   1.00 25.94  ? 1148 HOH A O   1 
HETATM 855 O  O   . HOH G 6 .  ? 7.995   5.186   7.855   1.00 28.20  ? 1149 HOH A O   1 
HETATM 856 O  O   . HOH G 6 .  ? -11.443 -18.213 -0.898  1.00 21.42  ? 1150 HOH A O   1 
HETATM 857 O  O   . HOH G 6 .  ? 14.825  10.989  -1.021  1.00 22.60  ? 1151 HOH A O   1 
HETATM 858 O  O   . HOH G 6 .  ? 12.084  9.272   4.783   1.00 30.81  ? 1152 HOH A O   1 
HETATM 859 O  O   . HOH G 6 .  ? -15.770 1.479   -6.817  1.00 31.60  ? 1153 HOH A O   1 
HETATM 860 O  O   . HOH G 6 .  ? 11.317  4.212   3.987   1.00 36.63  ? 1154 HOH A O   1 
HETATM 861 O  O   . HOH G 6 .  ? 17.872  11.063  0.781   1.00 27.73  ? 1155 HOH A O   1 
HETATM 862 O  O   . HOH G 6 .  ? -2.032  8.679   4.880   1.00 24.09  ? 1156 HOH A O   1 
HETATM 863 O  O   . HOH G 6 .  ? 9.494   13.692  -5.505  1.00 20.45  ? 1157 HOH A O   1 
HETATM 864 O  O   . HOH G 6 .  ? -7.363  17.310  -12.284 1.00 36.53  ? 1158 HOH A O   1 
HETATM 865 O  O   . HOH G 6 .  ? 19.057  15.191  -0.799  1.00 24.99  ? 1159 HOH A O   1 
HETATM 866 O  O   . HOH G 6 .  ? 13.259  -2.039  6.866   1.00 36.78  ? 1160 HOH A O   1 
HETATM 867 O  O   . HOH G 6 .  ? -1.341  -11.352 -6.037  1.00 31.13  ? 1161 HOH A O   1 
HETATM 868 O  O   . HOH G 6 .  ? -12.463 -11.473 11.473  1.00 26.70  ? 1162 HOH A O   1 
HETATM 869 O  O   . HOH G 6 .  ? -10.180 15.040  -1.705  1.00 30.39  ? 1163 HOH A O   1 
HETATM 870 O  O   . HOH G 6 .  ? 0.259   -10.093 -7.369  1.00 36.79  ? 1164 HOH A O   1 
HETATM 871 O  O   . HOH G 6 .  ? 8.222   -5.996  11.701  1.00 23.78  ? 1165 HOH A O   1 
HETATM 872 O  O   . HOH G 6 .  ? -2.148  -17.886 10.440  1.00 46.09  ? 1166 HOH A O   1 
HETATM 873 O  O   . HOH G 6 .  ? 7.047   -1.226  11.273  1.00 27.76  ? 1167 HOH A O   1 
HETATM 874 O  O   . HOH G 6 .  ? -2.096  -8.462  13.850  1.00 23.80  ? 1168 HOH A O   1 
HETATM 875 O  O   . HOH G 6 .  ? 7.046   -0.151  8.781   1.00 28.09  ? 1169 HOH A O   1 
HETATM 876 O  O   . HOH G 6 .  ? -4.913  13.764  -12.271 1.00 32.41  ? 1170 HOH A O   1 
HETATM 877 O  O   . HOH G 6 .  ? -4.827  -6.837  -11.850 1.00 37.95  ? 1171 HOH A O   1 
HETATM 878 O  O   . HOH G 6 .  ? 8.134   7.101   4.448   1.00 32.08  ? 1172 HOH A O   1 
HETATM 879 O  O   . HOH G 6 .  ? -4.445  19.044  -12.144 1.00 39.83  ? 1173 HOH A O   1 
HETATM 880 O  O   . HOH G 6 .  ? 2.782   20.508  -1.912  1.00 35.53  ? 1174 HOH A O   1 
HETATM 881 O  O   . HOH G 6 .  ? 2.330   9.978   -8.433  1.00 32.00  ? 1175 HOH A O   1 
HETATM 882 O  O   . HOH G 6 .  ? -1.642  10.650  -11.594 1.00 27.02  ? 1176 HOH A O   1 
HETATM 883 O  O   . HOH G 6 .  ? -5.707  22.061  -8.996  1.00 32.74  ? 1177 HOH A O   1 
HETATM 884 O  O   . HOH G 6 .  ? 8.737   13.506  -2.771  1.00 32.41  ? 1178 HOH A O   1 
HETATM 885 O  O   . HOH G 6 .  ? -2.016  -21.177 4.931   1.00 32.80  ? 1179 HOH A O   1 
HETATM 886 O  O   . HOH G 6 .  ? 10.895  -6.411  10.750  1.00 27.07  ? 1180 HOH A O   1 
HETATM 887 O  O   . HOH G 6 .  ? -2.049  -13.467 11.493  1.00 35.94  ? 1181 HOH A O   1 
HETATM 888 O  O   . HOH G 6 .  ? 2.812   -10.228 -6.242  1.00 23.06  ? 1182 HOH A O   1 
HETATM 889 O  O   . HOH G 6 .  ? 7.687   10.030  3.695   1.00 32.18  ? 1183 HOH A O   1 
HETATM 890 O  O   . HOH G 6 .  ? -0.135  12.650  -12.899 1.00 28.85  ? 1184 HOH A O   1 
HETATM 891 O  O   . HOH G 6 .  ? -4.640  -9.079  -13.503 1.00 39.67  ? 1185 HOH A O   1 
HETATM 892 O  O   . HOH G 6 .  ? 2.972   21.750  -4.299  1.00 39.52  ? 1186 HOH A O   1 
HETATM 893 O  O   . HOH G 6 .  ? 3.593   12.313  -9.119  1.00 32.60  ? 1187 HOH A O   1 
HETATM 894 O  O   . HOH G 6 .  ? 0.897   20.266  -5.654  1.00 30.67  ? 1188 HOH A O   1 
HETATM 895 O  O   . HOH G 6 .  ? -15.210 -5.341  -4.555  1.00 22.31  ? 1189 HOH A O   1 
HETATM 896 O  O   . HOH H 6 .  ? -7.101  -9.001  5.718   1.00 9.15   ? 201  HOH B O   1 
HETATM 897 O  O   . HOH H 6 .  ? -5.254  17.219  0.548   1.00 15.99  ? 202  HOH B O   1 
HETATM 898 O  O   . HOH H 6 .  ? -15.138 7.469   1.683   1.00 20.00  ? 203  HOH B O   1 
HETATM 899 O  O   . HOH H 6 .  ? -7.921  14.226  -0.555  1.00 27.92  ? 204  HOH B O   1 
HETATM 900 O  O   . HOH H 6 .  ? -10.301 5.022   -3.614  1.00 38.93  ? 205  HOH B O   1 
HETATM 901 O  O   . HOH H 6 .  ? -15.591 4.329   -1.150  1.00 26.98  ? 206  HOH B O   1 
HETATM 902 O  O   . HOH H 6 .  ? -6.751  3.102   10.644  1.00 42.04  ? 207  HOH B O   1 
# 
loop_
_atom_site_anisotrop.id 
_atom_site_anisotrop.type_symbol 
_atom_site_anisotrop.pdbx_label_atom_id 
_atom_site_anisotrop.pdbx_label_alt_id 
_atom_site_anisotrop.pdbx_label_comp_id 
_atom_site_anisotrop.pdbx_label_asym_id 
_atom_site_anisotrop.pdbx_label_seq_id 
_atom_site_anisotrop.pdbx_PDB_ins_code 
_atom_site_anisotrop.U[1][1] 
_atom_site_anisotrop.U[2][2] 
_atom_site_anisotrop.U[3][3] 
_atom_site_anisotrop.U[1][2] 
_atom_site_anisotrop.U[1][3] 
_atom_site_anisotrop.U[2][3] 
_atom_site_anisotrop.pdbx_auth_seq_id 
_atom_site_anisotrop.pdbx_auth_comp_id 
_atom_site_anisotrop.pdbx_auth_asym_id 
_atom_site_anisotrop.pdbx_auth_atom_id 
1   N  N   . GLY A 1  ? 0.1649 0.1712 0.1224 -0.0104 -0.0712 -0.0202 837  GLY A N   
2   C  CA  . GLY A 1  ? 0.1576 0.1426 0.1181 -0.0051 -0.0655 -0.0230 837  GLY A CA  
3   C  C   . GLY A 1  ? 0.1595 0.1384 0.1289 -0.0026 -0.0614 -0.0253 837  GLY A C   
4   O  O   . GLY A 1  ? 0.1637 0.1379 0.1373 0.0018  -0.0544 -0.0266 837  GLY A O   
5   N  N   . ALA A 2  ? 0.1555 0.1295 0.1371 0.0015  -0.0566 -0.0246 838  ALA A N   
6   C  CA  . ALA A 2  ? 0.1531 0.1189 0.1424 0.0008  -0.0471 -0.0247 838  ALA A CA  
7   C  C   . ALA A 2  ? 0.1530 0.1129 0.1467 0.0031  -0.0448 -0.0260 838  ALA A C   
8   O  O   . ALA A 2  ? 0.1472 0.1214 0.1544 0.0044  -0.0452 -0.0225 838  ALA A O   
9   C  CB  . ALA A 2  ? 0.1591 0.1201 0.1465 -0.0019 -0.0429 -0.0263 838  ALA A CB  
10  N  N   . MET A 3  ? 0.1508 0.0974 0.1457 0.0036  -0.0423 -0.0269 839  MET A N   
11  C  CA  . MET A 3  ? 0.1516 0.0980 0.1539 0.0067  -0.0391 -0.0188 839  MET A CA  
12  C  C   . MET A 3  ? 0.1422 0.0868 0.1422 0.0065  -0.0374 -0.0161 839  MET A C   
13  O  O   . MET A 3  ? 0.1408 0.0808 0.1427 0.0021  -0.0382 -0.0126 839  MET A O   
14  C  CB  . MET A 3  ? 0.1671 0.1049 0.1751 0.0088  -0.0323 -0.0185 839  MET A CB  
15  C  CG  . MET A 3  ? 0.2135 0.1446 0.1968 0.0078  -0.0326 -0.0266 839  MET A CG  
16  S  SD  . MET A 3  ? 0.3170 0.1718 0.2606 0.0312  0.0254  -0.0283 839  MET A SD  
17  C  CE  . MET A 3  ? 0.2983 0.1975 0.2526 0.0502  0.0164  -0.0185 839  MET A CE  
18  N  N   . GLY A 4  ? 0.1372 0.0829 0.1309 -0.0007 -0.0344 -0.0101 840  GLY A N   
19  C  CA  . GLY A 4  ? 0.1304 0.0894 0.1205 -0.0124 -0.0346 -0.0061 840  GLY A CA  
20  C  C   . GLY A 4  ? 0.1295 0.0835 0.1085 -0.0155 -0.0310 0.0005  840  GLY A C   
21  O  O   . GLY A 4  ? 0.1383 0.0983 0.1018 -0.0189 -0.0324 0.0032  840  GLY A O   
22  N  N   . LYS A 5  ? 0.1215 0.0772 0.1156 -0.0143 -0.0296 -0.0006 841  LYS A N   
23  C  CA  . LYS A 5  ? 0.1192 0.0742 0.1200 -0.0126 -0.0268 0.0049  841  LYS A CA  
24  C  C   . LYS A 5  ? 0.1128 0.0765 0.1191 -0.0086 -0.0157 -0.0017 841  LYS A C   
25  O  O   . LYS A 5  ? 0.1355 0.0866 0.1270 -0.0083 -0.0039 0.0015  841  LYS A O   
26  C  CB  . LYS A 5  ? 0.1196 0.0915 0.1317 -0.0133 -0.0353 0.0055  841  LYS A CB  
27  C  CG  . LYS A 5  ? 0.1373 0.1049 0.1418 -0.0109 -0.0546 0.0207  841  LYS A CG  
28  C  CD  . LYS A 5  ? 0.1535 0.1543 0.2013 0.0204  -0.0950 0.0273  841  LYS A CD  
29  C  CE  . LYS A 5  ? 0.1969 0.1767 0.2046 0.0111  -0.0944 0.0145  841  LYS A CE  
30  N  NZ  . LYS A 5  ? 0.2093 0.2283 0.2194 0.0338  -0.1110 0.0099  841  LYS A NZ  
31  N  N   . VAL A 6  ? 0.0940 0.0571 0.1081 -0.0125 -0.0154 -0.0047 842  VAL A N   
32  C  CA  . VAL A 6  ? 0.0869 0.0626 0.1000 -0.0176 -0.0089 -0.0118 842  VAL A CA  
33  C  C   . VAL A 6  ? 0.0878 0.0637 0.0925 -0.0172 -0.0054 -0.0196 842  VAL A C   
34  O  O   . VAL A 6  ? 0.1027 0.0800 0.1017 -0.0151 -0.0011 -0.0281 842  VAL A O   
35  C  CB  . VAL A 6  ? 0.0791 0.0653 0.1024 -0.0239 -0.0159 -0.0097 842  VAL A CB  
36  C  CG1 . VAL A 6  ? 0.1266 0.0700 0.1231 -0.0329 -0.0137 -0.0046 842  VAL A CG1 
37  C  CG2 . VAL A 6  ? 0.0764 0.0938 0.1304 -0.0304 -0.0113 -0.0107 842  VAL A CG2 
38  N  N   . THR A 7  ? 0.0841 0.0658 0.0870 -0.0172 -0.0039 -0.0206 843  THR A N   
39  C  CA  . THR A 7  ? 0.0866 0.0689 0.0903 -0.0139 0.0007  -0.0194 843  THR A CA  
40  C  C   . THR A 7  ? 0.0872 0.0657 0.0935 -0.0144 0.0032  -0.0193 843  THR A C   
41  O  O   . THR A 7  ? 0.0883 0.0738 0.0965 -0.0172 0.0088  -0.0189 843  THR A O   
42  C  CB  . THR A 7  ? 0.0842 0.0675 0.0846 -0.0070 0.0016  -0.0250 843  THR A CB  
43  O  OG1 . THR A 7  ? 0.0897 0.0832 0.0941 0.0006  0.0170  -0.0308 843  THR A OG1 
44  C  CG2 . THR A 7  ? 0.1011 0.0797 0.0933 -0.0007 -0.0060 -0.0115 843  THR A CG2 
45  N  N   . HIS A 8  ? 0.0916 0.0710 0.0988 -0.0120 0.0122  -0.0071 844  HIS A N   
46  C  CA  . HIS A 8  ? 0.1083 0.0751 0.1059 -0.0130 0.0148  -0.0048 844  HIS A CA  
47  C  C   . HIS A 8  ? 0.1083 0.0754 0.1174 -0.0129 0.0173  -0.0064 844  HIS A C   
48  O  O   . HIS A 8  ? 0.1103 0.0685 0.1114 -0.0120 0.0204  -0.0162 844  HIS A O   
49  C  CB  . HIS A 8  ? 0.1205 0.0852 0.1080 -0.0116 0.0135  -0.0018 844  HIS A CB  
50  C  CG  . HIS A 8  ? 0.1439 0.1048 0.1126 0.0034  0.0223  0.0065  844  HIS A CG  
51  N  ND1 . HIS A 8  ? 0.2003 0.1501 0.1193 0.0192  0.0253  -0.0137 844  HIS A ND1 
52  C  CD2 . HIS A 8  ? 0.1695 0.1074 0.1265 0.0045  0.0255  -0.0007 844  HIS A CD2 
53  C  CE1 . HIS A 8  ? 0.2064 0.1459 0.1332 0.0192  0.0356  -0.0018 844  HIS A CE1 
54  N  NE2 . HIS A 8  ? 0.2121 0.1396 0.1253 0.0225  0.0265  -0.0032 844  HIS A NE2 
55  N  N   . SER A 9  ? 0.1148 0.0728 0.1156 -0.0166 0.0220  -0.0115 845  SER A N   
56  C  CA  . SER A 9  ? 0.1338 0.0868 0.1374 -0.0132 0.0246  -0.0040 845  SER A CA  
57  C  C   . SER A 9  ? 0.1309 0.0890 0.1439 -0.0111 0.0289  -0.0013 845  SER A C   
58  O  O   . SER A 9  ? 0.1382 0.0895 0.1567 -0.0093 0.0203  0.0039  845  SER A O   
59  C  CB  . SER A 9  ? 0.1471 0.0899 0.1349 -0.0103 0.0291  -0.0033 845  SER A CB  
60  O  OG  . SER A 9  ? 0.1864 0.1194 0.1628 -0.0210 0.0247  0.0051  845  SER A OG  
61  N  N   . ILE A 10 ? 0.1424 0.0986 0.1622 -0.0194 0.0324  0.0144  846  ILE A N   
62  C  CA  . ILE A 10 ? 0.1497 0.1151 0.1686 -0.0150 0.0331  0.0186  846  ILE A CA  
63  C  C   . ILE A 10 ? 0.1397 0.1226 0.1765 -0.0156 0.0315  0.0245  846  ILE A C   
64  O  O   . ILE A 10 ? 0.1509 0.1228 0.1880 -0.0155 0.0258  0.0258  846  ILE A O   
65  C  CB  . ILE A 10 ? 0.1533 0.1170 0.1624 -0.0171 0.0349  0.0183  846  ILE A CB  
66  C  CG1 . ILE A 10 ? 0.1799 0.1110 0.1726 -0.0254 0.0436  0.0174  846  ILE A CG1 
67  C  CG2 . ILE A 10 ? 0.1901 0.1275 0.1789 -0.0190 0.0396  0.0292  846  ILE A CG2 
68  C  CD1 . ILE A 10 ? 0.2245 0.1720 0.1720 -0.0118 0.0565  0.0033  846  ILE A CD1 
69  N  N   . HIS A 11 ? 0.1379 0.1359 0.1968 -0.0149 0.0285  0.0281  847  HIS A N   
70  C  CA  . HIS A 11 ? 0.1431 0.1591 0.2057 -0.0155 0.0259  0.0273  847  HIS A CA  
71  C  C   . HIS A 11 ? 0.1365 0.1637 0.2013 -0.0159 0.0186  0.0364  847  HIS A C   
72  O  O   . HIS A 11 ? 0.1351 0.1780 0.2113 -0.0102 0.0198  0.0437  847  HIS A O   
73  C  CB  . HIS A 11 ? 0.1596 0.1702 0.2185 -0.0151 0.0254  0.0208  847  HIS A CB  
74  C  CG  . HIS A 11 ? 0.1840 0.1860 0.2610 -0.0149 0.0254  0.0189  847  HIS A CG  
75  N  ND1 . HIS A 11 ? 0.2052 0.2096 0.2844 -0.0132 0.0131  -0.0029 847  HIS A ND1 
76  C  CD2 . HIS A 11 ? 0.2114 0.1828 0.2980 -0.0114 0.0228  0.0146  847  HIS A CD2 
77  C  CE1 . HIS A 11 ? 0.2208 0.1968 0.2988 -0.0051 0.0211  0.0129  847  HIS A CE1 
78  N  NE2 . HIS A 11 ? 0.2122 0.1974 0.3119 -0.0068 0.0054  -0.0019 847  HIS A NE2 
79  N  N   . ILE A 12 ? 0.1316 0.1694 0.1884 -0.0202 0.0174  0.0380  848  ILE A N   
80  C  CA  . ILE A 12 ? 0.1352 0.1867 0.1850 -0.0229 0.0120  0.0389  848  ILE A CA  
81  C  C   . ILE A 12 ? 0.1446 0.1946 0.1888 -0.0268 0.0101  0.0425  848  ILE A C   
82  O  O   . ILE A 12 ? 0.1439 0.1955 0.1720 -0.0362 0.0100  0.0482  848  ILE A O   
83  C  CB  . ILE A 12 ? 0.1335 0.1920 0.1835 -0.0198 0.0122  0.0397  848  ILE A CB  
84  C  CG1 . ILE A 12 ? 0.1448 0.2029 0.2015 -0.0186 0.0114  0.0283  848  ILE A CG1 
85  C  CG2 . ILE A 12 ? 0.1233 0.1959 0.1855 -0.0137 0.0075  0.0453  848  ILE A CG2 
86  C  CD1 . ILE A 12 ? 0.1575 0.2212 0.2155 -0.0017 0.0088  0.0232  848  ILE A CD1 
87  N  N   . GLU A 13 ? 0.1591 0.2068 0.1943 -0.0289 0.0086  0.0422  849  GLU A N   
88  C  CA  . GLU A 13 ? 0.1774 0.2199 0.2074 -0.0271 0.0054  0.0409  849  GLU A CA  
89  C  C   . GLU A 13 ? 0.1728 0.2140 0.1968 -0.0306 0.0033  0.0384  849  GLU A C   
90  O  O   . GLU A 13 ? 0.1705 0.2215 0.1904 -0.0313 0.0032  0.0468  849  GLU A O   
91  C  CB  . GLU A 13 ? 0.2047 0.2319 0.2233 -0.0284 0.0129  0.0363  849  GLU A CB  
92  C  CG  . GLU A 13 ? 0.2466 0.2875 0.2704 -0.0163 -0.0106 0.0344  849  GLU A CG  
93  C  CD  . GLU A 13 ? 0.2899 0.3463 0.3235 -0.0001 0.0093  0.0305  849  GLU A CD  
94  O  OE1 . GLU A 13 ? 0.3088 0.3713 0.3877 0.0094  -0.0051 0.0360  849  GLU A OE1 
95  O  OE2 . GLU A 13 ? 0.3353 0.3873 0.3553 0.0185  -0.0112 0.0287  849  GLU A OE2 
96  N  N   . LYS A 14 ? 0.1709 0.2050 0.1918 -0.0308 -0.0021 0.0339  850  LYS A N   
97  C  CA  . LYS A 14 ? 0.1746 0.2053 0.1863 -0.0327 -0.0047 0.0223  850  LYS A CA  
98  C  C   . LYS A 14 ? 0.1751 0.2021 0.1878 -0.0325 -0.0063 0.0182  850  LYS A C   
99  O  O   . LYS A 14 ? 0.1758 0.1983 0.1854 -0.0331 -0.0036 0.0200  850  LYS A O   
100 C  CB  . LYS A 14 ? 0.1777 0.2046 0.1867 -0.0347 -0.0100 0.0221  850  LYS A CB  
101 C  CG  . LYS A 14 ? 0.1918 0.2067 0.1687 -0.0211 -0.0074 0.0090  850  LYS A CG  
102 C  CD  . LYS A 14 ? 0.2241 0.2020 0.1834 -0.0271 -0.0098 -0.0057 850  LYS A CD  
103 C  CE  . LYS A 14 ? 0.2310 0.1991 0.1406 -0.0268 -0.0144 -0.0025 850  LYS A CE  
104 N  NZ  . LYS A 14 ? 0.2255 0.1726 0.1384 -0.0252 -0.0145 -0.0609 850  LYS A NZ  
105 N  N   . SER A 15 ? 0.1780 0.1944 0.1907 -0.0326 -0.0108 0.0162  851  SER A N   
106 C  CA  . SER A 15 ? 0.1802 0.1884 0.1907 -0.0321 -0.0134 0.0036  851  SER A CA  
107 C  C   . SER A 15 ? 0.1779 0.1735 0.1827 -0.0349 -0.0160 -0.0047 851  SER A C   
108 O  O   . SER A 15 ? 0.1743 0.1630 0.1893 -0.0426 -0.0169 -0.0075 851  SER A O   
109 C  CB  . SER A 15 ? 0.1883 0.1943 0.1953 -0.0257 -0.0167 0.0085  851  SER A CB  
110 O  OG  . SER A 15 ? 0.2000 0.2274 0.2258 -0.0101 -0.0230 0.0105  851  SER A OG  
111 N  N   . ASP A 16 ? 0.1746 0.1656 0.1711 -0.0365 -0.0154 -0.0144 852  ASP A N   
112 C  CA  . ASP A 16 ? 0.1805 0.1576 0.1590 -0.0385 -0.0148 -0.0162 852  ASP A CA  
113 C  C   . ASP A 16 ? 0.1829 0.1615 0.1586 -0.0344 -0.0122 -0.0164 852  ASP A C   
114 O  O   . ASP A 16 ? 0.2011 0.1730 0.1635 -0.0408 -0.0075 -0.0192 852  ASP A O   
115 C  CB  . ASP A 16 ? 0.1847 0.1574 0.1583 -0.0417 -0.0190 -0.0182 852  ASP A CB  
116 C  CG  . ASP A 16 ? 0.1862 0.1616 0.1547 -0.0516 -0.0242 -0.0130 852  ASP A CG  
117 O  OD1 . ASP A 16 ? 0.1763 0.1707 0.1394 -0.0570 -0.0420 -0.0174 852  ASP A OD1 
118 O  OD2 . ASP A 16 ? 0.2449 0.1794 0.1658 -0.0620 -0.0345 -0.0130 852  ASP A OD2 
119 N  N   . THR A 17 ? 0.1754 0.1562 0.1549 -0.0278 -0.0082 -0.0184 853  THR A N   
120 C  CA  . THR A 17 ? 0.1644 0.1490 0.1538 -0.0196 -0.0048 -0.0093 853  THR A CA  
121 C  C   . THR A 17 ? 0.1588 0.1479 0.1474 -0.0157 -0.0018 -0.0049 853  THR A C   
122 O  O   . THR A 17 ? 0.1466 0.1420 0.1436 -0.0188 0.0121  -0.0010 853  THR A O   
123 C  CB  . THR A 17 ? 0.1654 0.1495 0.1607 -0.0166 -0.0056 -0.0121 853  THR A CB  
124 O  OG1 . THR A 17 ? 0.1647 0.1665 0.1659 -0.0131 -0.0055 -0.0144 853  THR A OG1 
125 C  CG2 . THR A 17 ? 0.1858 0.1556 0.1746 -0.0036 -0.0020 -0.0098 853  THR A CG2 
126 N  N   . ALA A 18 ? 0.1568 0.1507 0.1513 -0.0057 -0.0037 0.0054  854  ALA A N   
127 C  CA  . ALA A 18 ? 0.1634 0.1511 0.1512 -0.0006 -0.0048 0.0070  854  ALA A CA  
128 C  C   . ALA A 18 ? 0.1629 0.1491 0.1495 -0.0004 -0.0065 0.0128  854  ALA A C   
129 O  O   . ALA A 18 ? 0.1863 0.1479 0.1621 0.0117  -0.0085 0.0132  854  ALA A O   
130 C  CB  . ALA A 18 ? 0.1561 0.1516 0.1547 -0.0013 -0.0030 0.0081  854  ALA A CB  
131 N  N   . ALA A 19 ? 0.1578 0.1482 0.1425 0.0026  -0.0112 0.0133  855  ALA A N   
132 C  CA  . ALA A 19 ? 0.1473 0.1438 0.1311 -0.0058 -0.0136 0.0155  855  ALA A CA  
133 C  C   . ALA A 19 ? 0.1464 0.1382 0.1306 -0.0087 -0.0180 0.0143  855  ALA A C   
134 O  O   . ALA A 19 ? 0.1598 0.1536 0.1311 -0.0159 -0.0193 0.0152  855  ALA A O   
135 C  CB  . ALA A 19 ? 0.1474 0.1452 0.1347 0.0010  -0.0202 0.0223  855  ALA A CB  
136 N  N   . ASP A 20 ? 0.1387 0.1263 0.1333 -0.0142 -0.0155 0.0125  856  ASP A N   
137 C  CA  . ASP A 20 ? 0.1384 0.1207 0.1340 -0.0115 -0.0159 0.0091  856  ASP A CA  
138 C  C   . ASP A 20 ? 0.1332 0.1104 0.1316 -0.0173 -0.0155 0.0037  856  ASP A C   
139 O  O   . ASP A 20 ? 0.1528 0.1155 0.1452 -0.0224 -0.0126 0.0039  856  ASP A O   
140 C  CB  . ASP A 20 ? 0.1431 0.1212 0.1478 -0.0120 -0.0156 0.0100  856  ASP A CB  
141 C  CG  . ASP A 20 ? 0.1476 0.1371 0.1631 -0.0042 -0.0300 0.0166  856  ASP A CG  
142 O  OD1 . ASP A 20 ? 0.1633 0.1740 0.2052 0.0010  -0.0485 0.0393  856  ASP A OD1 
143 O  OD2 . ASP A 20 ? 0.1455 0.1651 0.2000 -0.0037 -0.0388 0.0042  856  ASP A OD2 
144 N  N   . THR A 21 ? 0.1194 0.0987 0.1264 -0.0151 -0.0112 0.0011  857  THR A N   
145 C  CA  . THR A 21 ? 0.1153 0.1008 0.1081 -0.0096 -0.0122 -0.0025 857  THR A CA  
146 C  C   . THR A 21 ? 0.1054 0.0885 0.1065 -0.0125 -0.0163 -0.0095 857  THR A C   
147 O  O   . THR A 21 ? 0.1062 0.1033 0.1153 -0.0092 -0.0138 -0.0034 857  THR A O   
148 C  CB  . THR A 21 ? 0.1153 0.1026 0.1074 -0.0081 -0.0167 -0.0026 857  THR A CB  
149 O  OG1 . THR A 21 ? 0.1406 0.1386 0.0999 -0.0022 -0.0130 -0.0029 857  THR A OG1 
150 C  CG2 . THR A 21 ? 0.1253 0.1193 0.1119 -0.0069 -0.0032 0.0043  857  THR A CG2 
151 N  N   . TYR A 22 ? 0.0914 0.0812 0.1051 -0.0179 -0.0128 -0.0137 858  TYR A N   
152 C  CA  . TYR A 22 ? 0.0846 0.0754 0.1018 -0.0178 -0.0126 -0.0235 858  TYR A CA  
153 C  C   . TYR A 22 ? 0.0814 0.0836 0.1013 -0.0157 -0.0145 -0.0228 858  TYR A C   
154 O  O   . TYR A 22 ? 0.0905 0.0968 0.1313 -0.0209 -0.0239 -0.0265 858  TYR A O   
155 C  CB  . TYR A 22 ? 0.0972 0.0690 0.1007 -0.0115 -0.0082 -0.0288 858  TYR A CB  
156 C  CG  . TYR A 22 ? 0.0880 0.0878 0.0862 -0.0263 -0.0140 -0.0321 858  TYR A CG  
157 C  CD1 . TYR A 22 ? 0.1253 0.0786 0.0984 -0.0073 -0.0142 -0.0412 858  TYR A CD1 
158 C  CD2 . TYR A 22 ? 0.1109 0.0840 0.0927 -0.0298 -0.0237 -0.0377 858  TYR A CD2 
159 C  CE1 . TYR A 22 ? 0.1085 0.1066 0.0877 -0.0184 -0.0106 -0.0471 858  TYR A CE1 
160 C  CE2 . TYR A 22 ? 0.1085 0.0819 0.0909 -0.0195 -0.0122 -0.0436 858  TYR A CE2 
161 C  CZ  . TYR A 22 ? 0.1062 0.0930 0.0940 -0.0244 -0.0117 -0.0481 858  TYR A CZ  
162 O  OH  . TYR A 22 ? 0.1263 0.1045 0.0959 -0.0217 0.0160  -0.0408 858  TYR A OH  
163 N  N   . GLY A 23 ? 0.0889 0.0691 0.0933 -0.0175 -0.0214 -0.0210 859  GLY A N   
164 C  CA  . GLY A 23 ? 0.0863 0.0647 0.0796 -0.0166 -0.0166 -0.0171 859  GLY A CA  
165 C  C   . GLY A 23 ? 0.0908 0.0696 0.0734 -0.0203 -0.0179 -0.0073 859  GLY A C   
166 O  O   . GLY A 23 ? 0.1047 0.0706 0.0703 -0.0282 -0.0181 -0.0172 859  GLY A O   
167 N  N   . PHE A 24 ? 0.0861 0.0628 0.0777 -0.0158 -0.0155 -0.0136 860  PHE A N   
168 C  CA  . PHE A 24 ? 0.0857 0.0686 0.0741 -0.0063 -0.0082 -0.0060 860  PHE A CA  
169 C  C   . PHE A 24 ? 0.0752 0.0660 0.0755 -0.0084 -0.0105 -0.0080 860  PHE A C   
170 O  O   . PHE A 24 ? 0.0789 0.0759 0.0955 -0.0098 -0.0140 -0.0039 860  PHE A O   
171 C  CB  . PHE A 24 ? 0.0925 0.0781 0.0812 -0.0051 -0.0032 -0.0133 860  PHE A CB  
172 C  CG  . PHE A 24 ? 0.0891 0.0762 0.0725 0.0007  -0.0060 -0.0154 860  PHE A CG  
173 C  CD1 . PHE A 24 ? 0.1029 0.0955 0.0743 0.0085  0.0119  -0.0333 860  PHE A CD1 
174 C  CD2 . PHE A 24 ? 0.0981 0.1033 0.0603 0.0115  0.0082  -0.0180 860  PHE A CD2 
175 C  CE1 . PHE A 24 ? 0.1269 0.1218 0.0793 0.0095  0.0010  -0.0435 860  PHE A CE1 
176 C  CE2 . PHE A 24 ? 0.1091 0.1020 0.0843 0.0276  -0.0016 -0.0480 860  PHE A CE2 
177 C  CZ  . PHE A 24 ? 0.1286 0.1022 0.0940 0.0168  -0.0095 -0.0460 860  PHE A CZ  
178 N  N   . SER A 25 ? 0.0796 0.0670 0.0799 -0.0014 -0.0039 -0.0022 861  SER A N   
179 C  CA  . SER A 25 ? 0.0901 0.0698 0.0861 -0.0017 -0.0058 0.0010  861  SER A CA  
180 C  C   . SER A 25 ? 0.0825 0.0717 0.0850 0.0031  -0.0050 0.0001  861  SER A C   
181 O  O   . SER A 25 ? 0.0855 0.0692 0.0934 -0.0021 -0.0036 -0.0018 861  SER A O   
182 C  CB  . SER A 25 ? 0.1127 0.0913 0.0974 -0.0048 -0.0074 -0.0044 861  SER A CB  
183 O  OG  . SER A 25 ? 0.1257 0.0926 0.0946 -0.0243 0.0110  0.0072  861  SER A OG  
184 N  N   . LEU A 26 ? 0.0916 0.0746 0.0879 0.0071  -0.0073 0.0063  862  LEU A N   
185 C  CA  . LEU A 26 ? 0.0950 0.0839 0.0977 0.0121  -0.0028 0.0121  862  LEU A CA  
186 C  C   . LEU A 26 ? 0.0958 0.0898 0.1033 0.0126  -0.0036 0.0150  862  LEU A C   
187 O  O   . LEU A 26 ? 0.0970 0.0878 0.0999 0.0097  0.0013  0.0190  862  LEU A O   
188 C  CB  . LEU A 26 ? 0.1030 0.0970 0.1021 0.0092  -0.0068 0.0136  862  LEU A CB  
189 C  CG  . LEU A 26 ? 0.1300 0.1342 0.1179 0.0092  -0.0171 0.0104  862  LEU A CG  
190 C  CD1 . LEU A 26 ? 0.1631 0.1709 0.1534 0.0361  -0.0122 0.0136  862  LEU A CD1 
191 C  CD2 . LEU A 26 ? 0.1795 0.1218 0.1472 0.0099  -0.0163 -0.0056 862  LEU A CD2 
192 N  N   . SER A 27 ? 0.1064 0.0956 0.1209 0.0146  0.0042  0.0208  863  SER A N   
193 C  CA  . SER A 27 ? 0.1159 0.1069 0.1462 0.0156  0.0072  0.0143  863  SER A CA  
194 C  C   . SER A 27 ? 0.1237 0.1058 0.1416 0.0154  0.0064  0.0168  863  SER A C   
195 O  O   . SER A 27 ? 0.1317 0.1211 0.1446 0.0212  0.0081  0.0300  863  SER A O   
196 C  CB  . SER A 27 ? 0.1262 0.1162 0.1560 0.0166  0.0116  0.0060  863  SER A CB  
197 O  OG  . SER A 27 ? 0.1520 0.1590 0.2119 0.0117  0.0144  -0.0020 863  SER A OG  
198 N  N   . SER A 28 ? 0.1415 0.1072 0.1437 0.0131  0.0058  0.0202  864  SER A N   
199 C  CA  . SER A 28 ? 0.1691 0.1175 0.1483 0.0170  0.0031  0.0167  864  SER A CA  
200 C  C   . SER A 28 ? 0.1762 0.1157 0.1439 0.0136  0.0036  0.0230  864  SER A C   
201 O  O   . SER A 28 ? 0.1928 0.1190 0.1483 0.0165  0.0077  0.0190  864  SER A O   
202 C  CB  . SER A 28 ? 0.1813 0.1284 0.1605 0.0131  0.0006  0.0205  864  SER A CB  
203 O  OG  . SER A 28 ? 0.2113 0.1558 0.1815 0.0304  0.0005  0.0173  864  SER A OG  
204 N  N   . VAL A 29 ? 0.1758 0.1141 0.1460 0.0053  0.0003  0.0196  865  VAL A N   
205 C  CA  . VAL A 29 ? 0.1836 0.1194 0.1407 -0.0004 0.0041  0.0248  865  VAL A CA  
206 C  C   . VAL A 29 ? 0.1804 0.1146 0.1437 -0.0064 0.0070  0.0261  865  VAL A C   
207 O  O   . VAL A 29 ? 0.1824 0.1047 0.1392 0.0046  0.0103  0.0295  865  VAL A O   
208 C  CB  . VAL A 29 ? 0.1881 0.1242 0.1493 -0.0107 0.0015  0.0222  865  VAL A CB  
209 C  CG1 . VAL A 29 ? 0.2058 0.1274 0.1631 0.0002  0.0014  0.0199  865  VAL A CG1 
210 C  CG2 . VAL A 29 ? 0.2011 0.1479 0.1529 -0.0064 -0.0031 0.0269  865  VAL A CG2 
211 N  N   . GLU A 30 ? 0.1755 0.1234 0.1397 -0.0092 0.0092  0.0274  866  GLU A N   
212 C  CA  . GLU A 30 ? 0.1817 0.1261 0.1508 -0.0189 0.0038  0.0268  866  GLU A CA  
213 C  C   . GLU A 30 ? 0.1789 0.1279 0.1520 -0.0255 0.0063  0.0182  866  GLU A C   
214 O  O   . GLU A 30 ? 0.1770 0.1267 0.1576 -0.0297 -0.0012 0.0104  866  GLU A O   
215 C  CB  . GLU A 30 ? 0.1837 0.1420 0.1592 -0.0172 0.0035  0.0321  866  GLU A CB  
216 C  CG  . GLU A 30 ? 0.2167 0.1760 0.1714 -0.0131 -0.0036 0.0503  866  GLU A CG  
217 C  CD  . GLU A 30 ? 0.2393 0.2479 0.2040 -0.0116 -0.0254 0.0727  866  GLU A CD  
218 O  OE1 . GLU A 30 ? 0.2349 0.2800 0.2452 -0.0017 -0.0196 0.0490  866  GLU A OE1 
219 O  OE2 . GLU A 30 ? 0.2643 0.2386 0.2424 -0.0228 -0.0330 0.0987  866  GLU A OE2 
220 N  N   . GLU A 31 ? 0.1856 0.1290 0.1577 -0.0309 0.0048  0.0130  867  GLU A N   
221 C  CA  . GLU A 31 ? 0.1988 0.1355 0.1697 -0.0337 0.0046  0.0064  867  GLU A CA  
222 C  C   . GLU A 31 ? 0.1907 0.1305 0.1661 -0.0291 0.0027  0.0061  867  GLU A C   
223 O  O   . GLU A 31 ? 0.1855 0.1247 0.1609 -0.0335 0.0066  -0.0036 867  GLU A O   
224 C  CB  . GLU A 31 ? 0.2130 0.1398 0.1819 -0.0367 -0.0042 0.0116  867  GLU A CB  
225 C  CG  . GLU A 31 ? 0.2647 0.1919 0.2369 -0.0501 -0.0138 -0.0084 867  GLU A CG  
226 C  CD  . GLU A 31 ? 0.3043 0.2703 0.2889 -0.0643 -0.0426 -0.0157 867  GLU A CD  
227 O  OE1 . GLU A 31 ? 0.3478 0.2934 0.3155 -0.0589 -0.0437 -0.0129 867  GLU A OE1 
228 O  OE2 . GLU A 31 ? 0.3478 0.3068 0.3451 -0.0825 -0.0324 -0.0074 867  GLU A OE2 
229 N  N   . ASP A 32 ? 0.1895 0.1310 0.1644 -0.0256 0.0033  0.0010  868  ASP A N   
230 C  CA  . ASP A 32 ? 0.1873 0.1286 0.1656 -0.0168 -0.0001 0.0036  868  ASP A CA  
231 C  C   . ASP A 32 ? 0.1868 0.1345 0.1634 -0.0132 0.0008  0.0026  868  ASP A C   
232 O  O   . ASP A 32 ? 0.2003 0.1542 0.1776 -0.0133 0.0059  0.0030  868  ASP A O   
233 C  CB  . ASP A 32 ? 0.1879 0.1310 0.1752 -0.0128 -0.0042 -0.0003 868  ASP A CB  
234 C  CG  . ASP A 32 ? 0.1935 0.1298 0.1754 -0.0052 -0.0107 0.0020  868  ASP A CG  
235 O  OD1 . ASP A 32 ? 0.1910 0.1272 0.1694 0.0105  -0.0152 0.0079  868  ASP A OD1 
236 O  OD2 . ASP A 32 ? 0.2142 0.1550 0.2084 -0.0075 -0.0351 -0.0030 868  ASP A OD2 
237 N  N   . GLY A 33 ? 0.1862 0.1272 0.1601 -0.0076 0.0020  0.0046  869  GLY A N   
238 C  CA  . GLY A 33 ? 0.1788 0.1208 0.1479 -0.0014 -0.0066 0.0018  869  GLY A CA  
239 C  C   . GLY A 33 ? 0.1851 0.1183 0.1417 0.0016  -0.0052 0.0038  869  GLY A C   
240 O  O   . GLY A 33 ? 0.2018 0.1240 0.1498 0.0026  -0.0105 -0.0020 869  GLY A O   
241 N  N   . ILE A 34 ? 0.1864 0.1089 0.1398 0.0070  -0.0035 0.0078  870  ILE A N   
242 C  CA  . ILE A 34 ? 0.1865 0.1061 0.1334 0.0058  -0.0024 0.0119  870  ILE A CA  
243 C  C   . ILE A 34 ? 0.1833 0.1013 0.1188 0.0061  -0.0112 0.0100  870  ILE A C   
244 O  O   . ILE A 34 ? 0.1939 0.1064 0.1211 0.0118  -0.0055 0.0059  870  ILE A O   
245 C  CB  . ILE A 34 ? 0.1852 0.1115 0.1363 0.0054  -0.0007 0.0152  870  ILE A CB  
246 C  CG1 . ILE A 34 ? 0.2007 0.1322 0.1602 0.0013  0.0033  0.0261  870  ILE A CG1 
247 C  CG2 . ILE A 34 ? 0.1936 0.1115 0.1452 0.0011  0.0099  0.0195  870  ILE A CG2 
248 C  CD1 . ILE A 34 ? 0.2148 0.1562 0.2272 -0.0122 0.0216  0.0272  870  ILE A CD1 
249 N  N   . ARG A 35 ? 0.1775 0.0958 0.1193 0.0075  -0.0163 0.0131  871  ARG A N   
250 C  CA  . ARG A 35 ? 0.1710 0.1097 0.1117 0.0095  -0.0199 0.0116  871  ARG A CA  
251 C  C   . ARG A 35 ? 0.1590 0.1089 0.1066 0.0126  -0.0155 0.0050  871  ARG A C   
252 O  O   . ARG A 35 ? 0.1734 0.1282 0.1104 0.0144  -0.0144 0.0007  871  ARG A O   
253 C  CB  . ARG A 35 ? 0.1757 0.1277 0.1323 0.0042  -0.0244 0.0143  871  ARG A CB  
254 C  CG  . ARG A 35 ? 0.1885 0.1613 0.1570 -0.0124 -0.0297 0.0244  871  ARG A CG  
255 C  CD  . ARG A 35 ? 0.2135 0.2370 0.2291 -0.0367 -0.0405 0.0253  871  ARG A CD  
256 N  NE  . ARG A 35 ? 0.2561 0.2471 0.2706 -0.0492 -0.0399 0.0233  871  ARG A NE  
257 C  CZ  . ARG A 35 ? 0.2613 0.2499 0.2715 -0.0472 -0.0420 0.0232  871  ARG A CZ  
258 N  NH1 . ARG A 35 ? 0.2633 0.2238 0.2672 -0.0468 -0.0389 0.0176  871  ARG A NH1 
259 N  NH2 . ARG A 35 ? 0.2929 0.2759 0.2855 -0.0581 -0.0416 0.0299  871  ARG A NH2 
260 N  N   . ARG A 36 ? 0.1475 0.0914 0.0981 0.0119  -0.0159 0.0044  872  ARG A N   
261 C  CA  . ARG A 36 ? 0.1410 0.0855 0.0996 0.0067  -0.0097 0.0086  872  ARG A CA  
262 C  C   . ARG A 36 ? 0.1376 0.0783 0.0959 0.0057  -0.0088 0.0028  872  ARG A C   
263 O  O   . ARG A 36 ? 0.1432 0.0800 0.1123 0.0078  -0.0007 0.0166  872  ARG A O   
264 C  CB  . ARG A 36 ? 0.1413 0.0901 0.1009 0.0037  -0.0087 0.0113  872  ARG A CB  
265 C  CG  . ARG A 36 ? 0.1672 0.1047 0.1002 -0.0066 -0.0088 0.0276  872  ARG A CG  
266 C  CD  . ARG A 36 ? 0.1800 0.1317 0.1443 -0.0247 -0.0182 0.0368  872  ARG A CD  
267 N  NE  . ARG A 36 ? 0.2038 0.1395 0.1521 -0.0147 -0.0105 0.0658  872  ARG A NE  
268 C  CZ  . ARG A 36 ? 0.2299 0.1623 0.1713 -0.0150 0.0046  0.0679  872  ARG A CZ  
269 N  NH1 . ARG A 36 ? 0.2128 0.1694 0.1769 -0.0079 -0.0024 0.0658  872  ARG A NH1 
270 N  NH2 . ARG A 36 ? 0.2308 0.1857 0.1688 -0.0293 0.0095  0.0762  872  ARG A NH2 
271 N  N   . LEU A 37 ? 0.1241 0.0803 0.0939 0.0062  -0.0116 -0.0005 873  LEU A N   
272 C  CA  . LEU A 37 ? 0.1171 0.0759 0.0963 0.0015  -0.0137 -0.0101 873  LEU A CA  
273 C  C   . LEU A 37 ? 0.1135 0.0757 0.0955 -0.0012 -0.0119 -0.0109 873  LEU A C   
274 O  O   . LEU A 37 ? 0.1203 0.0812 0.1015 0.0174  -0.0136 -0.0181 873  LEU A O   
275 C  CB  . LEU A 37 ? 0.1183 0.0878 0.1008 -0.0003 -0.0151 -0.0230 873  LEU A CB  
276 C  CG  . LEU A 37 ? 0.1272 0.1280 0.1377 0.0033  -0.0247 -0.0254 873  LEU A CG  
277 C  CD1 . LEU A 37 ? 0.1574 0.1340 0.1729 -0.0163 -0.0164 -0.0410 873  LEU A CD1 
278 C  CD2 . LEU A 37 ? 0.1501 0.1688 0.1657 -0.0041 -0.0026 -0.0450 873  LEU A CD2 
279 N  N   . TYR A 38 ? 0.1140 0.0752 0.0988 -0.0099 -0.0116 -0.0018 874  TYR A N   
280 C  CA  . TYR A 38 ? 0.1112 0.0800 0.0952 -0.0159 -0.0083 -0.0043 874  TYR A CA  
281 C  C   . TYR A 38 ? 0.0980 0.0834 0.0988 -0.0158 -0.0051 -0.0011 874  TYR A C   
282 O  O   . TYR A 38 ? 0.0838 0.0995 0.0978 -0.0115 -0.0032 -0.0006 874  TYR A O   
283 C  CB  . TYR A 38 ? 0.1274 0.0769 0.1139 -0.0161 -0.0022 -0.0010 874  TYR A CB  
284 C  CG  . TYR A 38 ? 0.1750 0.0809 0.1093 -0.0323 -0.0067 0.0014  874  TYR A CG  
285 C  CD1 . TYR A 38 ? 0.2048 0.0965 0.1299 -0.0656 0.0024  0.0023  874  TYR A CD1 
286 C  CD2 . TYR A 38 ? 0.2171 0.0967 0.1447 -0.0383 -0.0255 0.0205  874  TYR A CD2 
287 C  CE1 . TYR A 38 ? 0.2469 0.0976 0.1278 -0.0876 0.0131  0.0036  874  TYR A CE1 
288 C  CE2 . TYR A 38 ? 0.2420 0.1119 0.1579 -0.0772 -0.0164 0.0175  874  TYR A CE2 
289 C  CZ  . TYR A 38 ? 0.2566 0.1160 0.1440 -0.0875 0.0022  0.0198  874  TYR A CZ  
290 O  OH  . TYR A 38 ? 0.3393 0.1468 0.1649 -0.1156 0.0015  0.0278  874  TYR A OH  
291 N  N   . VAL A 39 ? 0.0856 0.0789 0.0968 -0.0151 -0.0017 0.0020  875  VAL A N   
292 C  CA  . VAL A 39 ? 0.0836 0.0829 0.0913 -0.0160 -0.0059 -0.0004 875  VAL A CA  
293 C  C   . VAL A 39 ? 0.0875 0.0775 0.0969 -0.0183 -0.0072 -0.0027 875  VAL A C   
294 O  O   . VAL A 39 ? 0.0918 0.0966 0.1040 -0.0359 -0.0065 -0.0025 875  VAL A O   
295 C  CB  . VAL A 39 ? 0.0824 0.0756 0.0959 -0.0128 -0.0006 -0.0029 875  VAL A CB  
296 C  CG1 . VAL A 39 ? 0.0814 0.0972 0.0882 -0.0126 -0.0136 0.0010  875  VAL A CG1 
297 C  CG2 . VAL A 39 ? 0.1005 0.1046 0.0877 -0.0094 0.0029  -0.0041 875  VAL A CG2 
298 N  N   . ASN A 40 ? 0.0912 0.0722 0.0938 -0.0169 -0.0052 0.0008  876  ASN A N   
299 C  CA  . ASN A 40 ? 0.1016 0.0809 0.1006 -0.0092 -0.0107 -0.0050 876  ASN A CA  
300 C  C   . ASN A 40 ? 0.1064 0.0794 0.0985 -0.0072 -0.0116 -0.0061 876  ASN A C   
301 O  O   . ASN A 40 ? 0.1259 0.0858 0.1099 -0.0033 -0.0296 -0.0043 876  ASN A O   
302 C  CB  . ASN A 40 ? 0.0977 0.0829 0.0977 -0.0077 -0.0054 -0.0038 876  ASN A CB  
303 C  CG  . ASN A 40 ? 0.1309 0.1061 0.1260 -0.0014 0.0016  -0.0062 876  ASN A CG  
304 O  OD1 . ASN A 40 ? 0.1463 0.1152 0.1478 -0.0193 0.0145  0.0006  876  ASN A OD1 
305 N  ND2 . ASN A 40 ? 0.1174 0.1584 0.1286 0.0020  0.0108  0.0069  876  ASN A ND2 
306 N  N   . SER A 41 ? 0.1098 0.0853 0.0922 -0.0109 -0.0150 -0.0032 877  SER A N   
307 C  CA  . SER A 41 ? 0.1131 0.0848 0.0966 -0.0095 -0.0103 -0.0033 877  SER A CA  
308 C  C   . SER A 41 ? 0.1119 0.0760 0.0871 -0.0088 -0.0107 -0.0056 877  SER A C   
309 O  O   . SER A 41 ? 0.1026 0.0614 0.0883 0.0004  -0.0081 -0.0129 877  SER A O   
310 C  CB  . SER A 41 ? 0.1300 0.0935 0.0976 -0.0143 -0.0107 -0.0053 877  SER A CB  
311 O  OG  . SER A 41 ? 0.1197 0.1487 0.1304 -0.0191 -0.0038 0.0173  877  SER A OG  
312 N  N   . VAL A 42 ? 0.1082 0.0724 0.0922 -0.0091 -0.0049 -0.0043 878  VAL A N   
313 C  CA  . VAL A 42 ? 0.1254 0.0749 0.0954 -0.0140 -0.0027 -0.0026 878  VAL A CA  
314 C  C   . VAL A 42 ? 0.1355 0.0797 0.1002 -0.0201 -0.0053 0.0011  878  VAL A C   
315 O  O   . VAL A 42 ? 0.1566 0.0900 0.1093 -0.0316 -0.0064 0.0009  878  VAL A O   
316 C  CB  . VAL A 42 ? 0.1252 0.0719 0.0983 -0.0179 0.0012  0.0018  878  VAL A CB  
317 C  CG1 . VAL A 42 ? 0.1355 0.0831 0.1162 -0.0021 0.0054  -0.0077 878  VAL A CG1 
318 C  CG2 . VAL A 42 ? 0.1405 0.1004 0.1036 -0.0129 -0.0052 -0.0043 878  VAL A CG2 
319 N  N   . LYS A 43 ? 0.1546 0.0970 0.1062 -0.0216 -0.0052 0.0078  879  LYS A N   
320 C  CA  . LYS A 43 ? 0.1691 0.1150 0.1140 -0.0248 -0.0069 0.0099  879  LYS A CA  
321 C  C   . LYS A 43 ? 0.1736 0.1310 0.1261 -0.0274 -0.0148 0.0137  879  LYS A C   
322 O  O   . LYS A 43 ? 0.1694 0.1300 0.1254 -0.0196 -0.0209 0.0185  879  LYS A O   
323 C  CB  . LYS A 43 ? 0.1720 0.1117 0.1073 -0.0288 -0.0093 0.0127  879  LYS A CB  
324 C  CG  . LYS A 43 ? 0.2044 0.1332 0.1419 -0.0365 0.0061  0.0125  879  LYS A CG  
325 C  CD  . LYS A 43 ? 0.2269 0.1357 0.1768 -0.0559 0.0042  0.0036  879  LYS A CD  
326 C  CE  . LYS A 43 ? 0.2362 0.1668 0.2153 -0.0548 0.0247  0.0090  879  LYS A CE  
327 N  NZ  . LYS A 43 ? 0.2455 0.1893 0.2501 -0.0678 0.0021  0.0014  879  LYS A NZ  
328 N  N   . GLU A 44 ? 0.1966 0.1604 0.1460 -0.0255 -0.0171 0.0159  880  GLU A N   
329 C  CA  . GLU A 44 ? 0.2150 0.1883 0.1783 -0.0236 -0.0198 0.0168  880  GLU A CA  
330 C  C   . GLU A 44 ? 0.2164 0.1910 0.1791 -0.0212 -0.0200 0.0145  880  GLU A C   
331 O  O   . GLU A 44 ? 0.2266 0.2053 0.2109 -0.0180 -0.0210 0.0213  880  GLU A O   
332 C  CB  . GLU A 44 ? 0.2294 0.2077 0.1838 -0.0245 -0.0249 0.0138  880  GLU A CB  
333 C  CG  . GLU A 44 ? 0.2820 0.2722 0.2404 -0.0263 -0.0035 0.0198  880  GLU A CG  
334 C  CD  . GLU A 44 ? 0.3459 0.3332 0.2842 -0.0300 -0.0210 0.0113  880  GLU A CD  
335 O  OE1 . GLU A 44 ? 0.3740 0.3427 0.3389 -0.0172 -0.0162 -0.0013 880  GLU A OE1 
336 O  OE2 . GLU A 44 ? 0.3826 0.3833 0.3172 -0.0193 -0.0085 0.0350  880  GLU A OE2 
337 N  N   . THR A 45 ? 0.2180 0.1759 0.1613 -0.0232 -0.0222 0.0165  881  THR A N   
338 C  CA  . THR A 45 ? 0.2166 0.1740 0.1542 -0.0250 -0.0151 0.0130  881  THR A CA  
339 C  C   . THR A 45 ? 0.2070 0.1620 0.1583 -0.0243 -0.0150 0.0135  881  THR A C   
340 O  O   . THR A 45 ? 0.2156 0.1565 0.1624 -0.0262 -0.0126 0.0171  881  THR A O   
341 C  CB  . THR A 45 ? 0.2160 0.1813 0.1576 -0.0258 -0.0142 0.0131  881  THR A CB  
342 O  OG1 . THR A 45 ? 0.2368 0.1939 0.1533 -0.0236 0.0054  0.0203  881  THR A OG1 
343 C  CG2 . THR A 45 ? 0.2363 0.1867 0.1632 -0.0315 -0.0188 -0.0038 881  THR A CG2 
344 N  N   . GLY A 46 ? 0.1854 0.1503 0.1442 -0.0240 -0.0081 0.0133  882  GLY A N   
345 C  CA  . GLY A 46 ? 0.1646 0.1453 0.1419 -0.0199 -0.0063 0.0138  882  GLY A CA  
346 C  C   . GLY A 46 ? 0.1544 0.1421 0.1463 -0.0197 -0.0055 0.0130  882  GLY A C   
347 O  O   . GLY A 46 ? 0.1457 0.1412 0.1416 -0.0253 0.0004  0.0096  882  GLY A O   
348 N  N   . LEU A 47 ? 0.1447 0.1280 0.1452 -0.0180 -0.0097 0.0182  883  LEU A N   
349 C  CA  . LEU A 47 ? 0.1363 0.1296 0.1555 -0.0074 -0.0096 0.0083  883  LEU A CA  
350 C  C   . LEU A 47 ? 0.1253 0.1249 0.1465 0.0018  -0.0032 0.0114  883  LEU A C   
351 O  O   . LEU A 47 ? 0.1265 0.1345 0.1695 0.0102  0.0032  0.0048  883  LEU A O   
352 C  CB  . LEU A 47 ? 0.1522 0.1419 0.1729 -0.0135 -0.0155 0.0100  883  LEU A CB  
353 C  CG  . LEU A 47 ? 0.1765 0.1613 0.2110 -0.0053 -0.0216 0.0030  883  LEU A CG  
354 C  CD1 . LEU A 47 ? 0.2092 0.1636 0.2165 -0.0079 -0.0383 -0.0169 883  LEU A CD1 
355 C  CD2 . LEU A 47 ? 0.1927 0.2108 0.2497 0.0151  -0.0382 -0.0053 883  LEU A CD2 
356 N  N   . ALA A 48 ? 0.1132 0.1254 0.1337 0.0054  0.0014  0.0071  884  ALA A N   
357 C  CA  . ALA A 48 ? 0.1139 0.1240 0.1244 0.0089  -0.0072 0.0121  884  ALA A CA  
358 C  C   . ALA A 48 ? 0.1137 0.1287 0.1307 0.0102  -0.0039 0.0152  884  ALA A C   
359 O  O   . ALA A 48 ? 0.1097 0.1316 0.1280 0.0154  -0.0018 0.0176  884  ALA A O   
360 C  CB  . ALA A 48 ? 0.1106 0.1224 0.1255 0.0105  -0.0037 0.0147  884  ALA A CB  
361 N  N   . SER A 49 ? 0.1093 0.1380 0.1289 0.0145  -0.0132 0.0210  885  SER A N   
362 C  CA  . SER A 49 ? 0.1079 0.1416 0.1346 0.0126  -0.0120 0.0157  885  SER A CA  
363 C  C   . SER A 49 ? 0.1117 0.1438 0.1375 0.0219  -0.0137 0.0256  885  SER A C   
364 O  O   . SER A 49 ? 0.1123 0.1338 0.1350 0.0330  -0.0110 0.0282  885  SER A O   
365 C  CB  . SER A 49 ? 0.1061 0.1524 0.1406 0.0057  -0.0162 0.0174  885  SER A CB  
366 O  OG  . SER A 49 ? 0.1044 0.2189 0.1559 -0.0124 -0.0200 0.0122  885  SER A OG  
367 N  N   . LYS A 50 ? 0.1266 0.1495 0.1521 0.0295  -0.0072 0.0284  886  LYS A N   
368 C  CA  . LYS A 50 ? 0.1406 0.1708 0.1705 0.0349  0.0064  0.0249  886  LYS A CA  
369 C  C   . LYS A 50 ? 0.1360 0.1706 0.1694 0.0408  0.0043  0.0220  886  LYS A C   
370 O  O   . LYS A 50 ? 0.1339 0.1820 0.1828 0.0400  0.0047  0.0258  886  LYS A O   
371 C  CB  . LYS A 50 ? 0.1564 0.1750 0.1760 0.0333  0.0055  0.0317  886  LYS A CB  
372 C  CG  . LYS A 50 ? 0.2139 0.2420 0.2131 0.0303  0.0255  0.0203  886  LYS A CG  
373 C  CD  . LYS A 50 ? 0.3000 0.2636 0.2783 0.0207  0.0223  0.0306  886  LYS A CD  
374 C  CE  . LYS A 50 ? 0.3249 0.3011 0.2855 0.0108  0.0370  0.0238  886  LYS A CE  
375 N  NZ  . LYS A 50 ? 0.4004 0.3564 0.3362 0.0068  0.0354  0.0062  886  LYS A NZ  
376 N  N   . LYS A 51 ? 0.1421 0.1591 0.1688 0.0419  0.0081  0.0189  887  LYS A N   
377 C  CA  . LYS A 51 ? 0.1428 0.1602 0.1713 0.0396  0.0123  0.0128  887  LYS A CA  
378 C  C   . LYS A 51 ? 0.1406 0.1624 0.1629 0.0350  0.0129  0.0114  887  LYS A C   
379 O  O   . LYS A 51 ? 0.1555 0.1706 0.1683 0.0339  0.0180  0.0128  887  LYS A O   
380 C  CB  . LYS A 51 ? 0.1509 0.1697 0.1792 0.0351  0.0115  0.0101  887  LYS A CB  
381 C  CG  . LYS A 51 ? 0.1534 0.1768 0.2059 0.0333  0.0243  -0.0020 887  LYS A CG  
382 C  CD  . LYS A 51 ? 0.1786 0.2156 0.2718 0.0346  0.0412  -0.0258 887  LYS A CD  
383 C  CE  . LYS A 51 ? 0.2130 0.2539 0.3239 0.0201  0.0412  -0.0407 887  LYS A CE  
384 N  NZ  . LYS A 51 ? 0.2401 0.2856 0.3460 0.0293  0.0525  -0.0580 887  LYS A NZ  
385 N  N   . GLY A 52 ? 0.1290 0.1499 0.1543 0.0305  0.0111  0.0117  888  GLY A N   
386 C  CA  . GLY A 52 ? 0.1154 0.1373 0.1381 0.0286  0.0049  0.0162  888  GLY A CA  
387 C  C   . GLY A 52 ? 0.1085 0.1369 0.1336 0.0222  0.0052  0.0146  888  GLY A C   
388 O  O   . GLY A 52 ? 0.1180 0.1479 0.1391 0.0224  0.0034  0.0269  888  GLY A O   
389 N  N   . LEU A 53 ? 0.1001 0.1268 0.1161 0.0186  0.0053  0.0092  889  LEU A N   
390 C  CA  . LEU A 53 ? 0.0959 0.1294 0.1172 0.0151  0.0022  0.0014  889  LEU A CA  
391 C  C   . LEU A 53 ? 0.1016 0.1282 0.1152 0.0119  0.0039  -0.0007 889  LEU A C   
392 O  O   . LEU A 53 ? 0.1077 0.1304 0.1120 0.0130  -0.0017 0.0016  889  LEU A O   
393 C  CB  . LEU A 53 ? 0.0897 0.1217 0.1149 0.0192  0.0078  0.0014  889  LEU A CB  
394 C  CG  . LEU A 53 ? 0.0927 0.1296 0.0940 0.0163  0.0081  0.0103  889  LEU A CG  
395 C  CD1 . LEU A 53 ? 0.1169 0.1613 0.0974 0.0012  0.0182  -0.0010 889  LEU A CD1 
396 C  CD2 . LEU A 53 ? 0.0856 0.1194 0.1357 0.0159  0.0192  -0.0097 889  LEU A CD2 
397 N  N   . LYS A 54 ? 0.0981 0.1202 0.1139 0.0127  -0.0042 -0.0083 890  LYS A N   
398 C  CA  . LYS A 54 ? 0.0998 0.1246 0.1143 0.0050  -0.0037 -0.0151 890  LYS A CA  
399 C  C   . LYS A 54 ? 0.1066 0.1152 0.1071 0.0027  -0.0098 -0.0178 890  LYS A C   
400 O  O   . LYS A 54 ? 0.1094 0.1202 0.1031 0.0025  -0.0156 -0.0169 890  LYS A O   
401 C  CB  . LYS A 54 ? 0.1072 0.1250 0.1190 -0.0010 -0.0081 -0.0166 890  LYS A CB  
402 C  CG  . LYS A 54 ? 0.1221 0.1602 0.1721 0.0142  -0.0018 -0.0132 890  LYS A CG  
403 C  CD  . LYS A 54 ? 0.1590 0.2364 0.1873 0.0251  -0.0021 0.0011  890  LYS A CD  
404 C  CE  . LYS A 54 ? 0.1729 0.2808 0.2405 0.0376  -0.0024 0.0110  890  LYS A CE  
405 N  NZ  . LYS A 54 ? 0.2175 0.2984 0.2572 0.0319  -0.0183 0.0202  890  LYS A NZ  
406 N  N   . ALA A 55 ? 0.1093 0.1145 0.1079 -0.0074 -0.0090 -0.0254 891  ALA A N   
407 C  CA  . ALA A 55 ? 0.1180 0.1181 0.1057 -0.0091 -0.0032 -0.0274 891  ALA A CA  
408 C  C   . ALA A 55 ? 0.1189 0.1194 0.1112 -0.0175 0.0001  -0.0287 891  ALA A C   
409 O  O   . ALA A 55 ? 0.1266 0.1269 0.1286 -0.0209 -0.0044 -0.0288 891  ALA A O   
410 C  CB  . ALA A 55 ? 0.1332 0.1248 0.1063 -0.0100 0.0008  -0.0324 891  ALA A CB  
411 N  N   . GLY A 56 ? 0.1130 0.1092 0.1070 -0.0230 0.0025  -0.0215 892  GLY A N   
412 C  CA  . GLY A 56 ? 0.1207 0.1158 0.1086 -0.0188 0.0057  -0.0203 892  GLY A CA  
413 C  C   . GLY A 56 ? 0.1165 0.1171 0.1078 -0.0190 0.0071  -0.0109 892  GLY A C   
414 O  O   . GLY A 56 ? 0.1378 0.1375 0.1181 -0.0234 0.0099  -0.0090 892  GLY A O   
415 N  N   . ASP A 57 ? 0.1029 0.1177 0.1072 -0.0130 0.0080  -0.0152 893  ASP A N   
416 C  CA  . ASP A 57 ? 0.0885 0.1113 0.0915 -0.0127 -0.0012 -0.0116 893  ASP A CA  
417 C  C   . ASP A 57 ? 0.0854 0.1008 0.0955 -0.0050 0.0020  -0.0109 893  ASP A C   
418 O  O   . ASP A 57 ? 0.0895 0.0984 0.0996 -0.0046 0.0039  -0.0131 893  ASP A O   
419 C  CB  . ASP A 57 ? 0.0949 0.1187 0.1014 -0.0068 -0.0019 0.0002  893  ASP A CB  
420 C  CG  . ASP A 57 ? 0.1118 0.1314 0.1142 -0.0028 -0.0037 0.0049  893  ASP A CG  
421 O  OD1 . ASP A 57 ? 0.1230 0.1724 0.1104 -0.0014 -0.0076 0.0169  893  ASP A OD1 
422 O  OD2 . ASP A 57 ? 0.1463 0.1309 0.1178 -0.0009 -0.0091 0.0030  893  ASP A OD2 
423 N  N   . GLU A 58 ? 0.0768 0.1011 0.0899 -0.0055 -0.0007 -0.0126 894  GLU A N   
424 C  CA  . GLU A 58 ? 0.0802 0.1003 0.0821 -0.0103 -0.0035 -0.0149 894  GLU A CA  
425 C  C   . GLU A 58 ? 0.0741 0.0959 0.0896 -0.0110 0.0049  -0.0146 894  GLU A C   
426 O  O   . GLU A 58 ? 0.0686 0.1053 0.0960 -0.0163 0.0126  -0.0164 894  GLU A O   
427 C  CB  . GLU A 58 ? 0.0897 0.1015 0.0802 -0.0119 -0.0038 -0.0192 894  GLU A CB  
428 C  CG  . GLU A 58 ? 0.1018 0.1226 0.1169 -0.0113 -0.0173 -0.0065 894  GLU A CG  
429 C  CD  . GLU A 58 ? 0.1508 0.1471 0.1524 -0.0197 -0.0208 0.0073  894  GLU A CD  
430 O  OE1 . GLU A 58 ? 0.1757 0.1763 0.2189 -0.0238 -0.0199 0.0061  894  GLU A OE1 
431 O  OE2 . GLU A 58 ? 0.1538 0.1585 0.1462 -0.0180 -0.0287 0.0101  894  GLU A OE2 
432 N  N   . ILE A 59 ? 0.0707 0.0910 0.0851 -0.0132 0.0068  -0.0150 895  ILE A N   
433 C  CA  . ILE A 59 ? 0.0730 0.0993 0.0968 -0.0118 0.0080  -0.0139 895  ILE A CA  
434 C  C   . ILE A 59 ? 0.0778 0.0999 0.0977 -0.0044 0.0013  -0.0075 895  ILE A C   
435 O  O   . ILE A 59 ? 0.0999 0.0990 0.1057 0.0018  -0.0052 -0.0079 895  ILE A O   
436 C  CB  . ILE A 59 ? 0.0693 0.0875 0.1028 -0.0110 0.0091  -0.0109 895  ILE A CB  
437 C  CG1 . ILE A 59 ? 0.0832 0.1191 0.1164 -0.0145 0.0289  -0.0096 895  ILE A CG1 
438 C  CG2 . ILE A 59 ? 0.0777 0.1288 0.1113 -0.0169 0.0106  -0.0229 895  ILE A CG2 
439 C  CD1 . ILE A 59 ? 0.0984 0.1663 0.1573 -0.0164 0.0410  0.0165  895  ILE A CD1 
440 N  N   . LEU A 60 ? 0.0943 0.1018 0.0966 -0.0068 -0.0034 -0.0037 896  LEU A N   
441 C  CA  . LEU A 60 ? 0.0930 0.1119 0.1005 -0.0089 0.0032  0.0024  896  LEU A CA  
442 C  C   . LEU A 60 ? 0.1070 0.1115 0.1016 -0.0066 -0.0005 0.0040  896  LEU A C   
443 O  O   . LEU A 60 ? 0.1093 0.1373 0.1094 -0.0105 -0.0048 0.0010  896  LEU A O   
444 C  CB  . LEU A 60 ? 0.0929 0.1148 0.1029 -0.0118 0.0002  0.0007  896  LEU A CB  
445 C  CG  . LEU A 60 ? 0.0811 0.1123 0.1233 -0.0084 0.0048  -0.0032 896  LEU A CG  
446 C  CD1 . LEU A 60 ? 0.1026 0.1796 0.1400 -0.0132 0.0229  0.0005  896  LEU A CD1 
447 C  CD2 . LEU A 60 ? 0.1054 0.1201 0.1589 -0.0076 0.0188  -0.0051 896  LEU A CD2 
448 N  N   . GLU A 61 ? 0.1169 0.1117 0.1037 -0.0133 0.0017  0.0059  897  GLU A N   
449 C  CA  . GLU A 61 ? 0.1260 0.1044 0.1084 -0.0159 0.0039  0.0112  897  GLU A CA  
450 C  C   . GLU A 61 ? 0.1194 0.0981 0.1074 -0.0184 0.0015  0.0077  897  GLU A C   
451 O  O   . GLU A 61 ? 0.1110 0.0988 0.1127 -0.0263 -0.0082 0.0174  897  GLU A O   
452 C  CB  . GLU A 61 ? 0.1341 0.1133 0.1142 -0.0146 0.0060  0.0071  897  GLU A CB  
453 C  CG  . GLU A 61 ? 0.1869 0.1492 0.1490 -0.0068 0.0306  0.0202  897  GLU A CG  
454 C  CD  . GLU A 61 ? 0.2218 0.1749 0.1954 0.0049  0.0414  0.0127  897  GLU A CD  
455 O  OE1 . GLU A 61 ? 0.2674 0.1799 0.2117 0.0162  0.0254  0.0028  897  GLU A OE1 
456 O  OE2 . GLU A 61 ? 0.2360 0.1965 0.2163 0.0003  0.0580  0.0295  897  GLU A OE2 
457 N  N   . ILE A 62 ? 0.1173 0.0907 0.1080 -0.0162 0.0001  0.0008  898  ILE A N   
458 C  CA  . ILE A 62 ? 0.1233 0.0866 0.1094 -0.0122 0.0022  -0.0118 898  ILE A CA  
459 C  C   . ILE A 62 ? 0.1363 0.0995 0.1052 -0.0100 -0.0027 -0.0161 898  ILE A C   
460 O  O   . ILE A 62 ? 0.1309 0.1008 0.1007 -0.0073 -0.0083 -0.0248 898  ILE A O   
461 C  CB  . ILE A 62 ? 0.1238 0.0762 0.1062 -0.0151 0.0051  -0.0107 898  ILE A CB  
462 C  CG1 . ILE A 62 ? 0.1220 0.0926 0.1098 -0.0138 -0.0040 -0.0247 898  ILE A CG1 
463 C  CG2 . ILE A 62 ? 0.0982 0.0814 0.1147 -0.0073 -0.0024 -0.0033 898  ILE A CG2 
464 C  CD1 . ILE A 62 ? 0.1407 0.0774 0.1236 0.0027  0.0056  -0.0309 898  ILE A CD1 
465 N  N   . ASN A 63 ? 0.1495 0.1058 0.1098 -0.0023 -0.0081 -0.0188 899  ASN A N   
466 C  CA  . ASN A 63 ? 0.1800 0.1147 0.1229 0.0043  -0.0058 -0.0220 899  ASN A CA  
467 C  C   . ASN A 63 ? 0.1929 0.1325 0.1323 0.0123  -0.0078 -0.0167 899  ASN A C   
468 O  O   . ASN A 63 ? 0.2124 0.1418 0.1307 0.0121  -0.0094 -0.0221 899  ASN A O   
469 C  CB  . ASN A 63 ? 0.1710 0.1130 0.1212 0.0018  -0.0163 -0.0256 899  ASN A CB  
470 C  CG  . ASN A 63 ? 0.1797 0.0884 0.1276 -0.0081 -0.0145 -0.0294 899  ASN A CG  
471 O  OD1 . ASN A 63 ? 0.1669 0.1244 0.1432 -0.0242 -0.0119 0.0152  899  ASN A OD1 
472 N  ND2 . ASN A 63 ? 0.2044 0.0892 0.1368 0.0024  0.0026  -0.0489 899  ASN A ND2 
473 N  N   . ASN A 64 ? 0.2150 0.1531 0.1419 0.0141  0.0017  -0.0060 900  ASN A N   
474 C  CA  . ASN A 64 ? 0.2285 0.1767 0.1531 0.0146  0.0000  0.0034  900  ASN A CA  
475 C  C   . ASN A 64 ? 0.2204 0.1798 0.1514 0.0117  -0.0021 0.0055  900  ASN A C   
476 O  O   . ASN A 64 ? 0.2343 0.1970 0.1576 0.0157  -0.0058 0.0142  900  ASN A O   
477 C  CB  . ASN A 64 ? 0.2391 0.1876 0.1592 0.0170  0.0047  0.0013  900  ASN A CB  
478 C  CG  . ASN A 64 ? 0.2736 0.2097 0.1915 0.0198  0.0022  0.0024  900  ASN A CG  
479 O  OD1 . ASN A 64 ? 0.3315 0.2112 0.2304 0.0071  -0.0018 -0.0171 900  ASN A OD1 
480 N  ND2 . ASN A 64 ? 0.2809 0.2571 0.2316 0.0257  0.0116  -0.0028 900  ASN A ND2 
481 N  N   . ARG A 65 ? 0.2008 0.1649 0.1517 0.0066  -0.0096 0.0085  901  ARG A N   
482 C  CA  . ARG A 65 ? 0.1819 0.1620 0.1532 -0.0022 -0.0134 0.0058  901  ARG A CA  
483 C  C   . ARG A 65 ? 0.1633 0.1513 0.1404 -0.0019 -0.0149 0.0093  901  ARG A C   
484 O  O   . ARG A 65 ? 0.1660 0.1431 0.1363 -0.0003 -0.0249 0.0188  901  ARG A O   
485 C  CB  . ARG A 65 ? 0.1820 0.1661 0.1530 -0.0059 -0.0204 0.0022  901  ARG A CB  
486 C  CG  . ARG A 65 ? 0.2159 0.1832 0.1991 -0.0279 -0.0097 -0.0174 901  ARG A CG  
487 C  CD  . ARG A 65 ? 0.2364 0.2443 0.2427 -0.0401 0.0078  -0.0318 901  ARG A CD  
488 N  NE  . ARG A 65 ? 0.2962 0.2866 0.2537 -0.0585 -0.0066 -0.0519 901  ARG A NE  
489 C  CZ  . ARG A 65 ? 0.3178 0.3040 0.2553 -0.0613 -0.0099 -0.0537 901  ARG A CZ  
490 N  NH1 . ARG A 65 ? 0.3228 0.3093 0.2570 -0.0670 -0.0045 -0.0539 901  ARG A NH1 
491 N  NH2 . ARG A 65 ? 0.3310 0.3023 0.2751 -0.0686 0.0054  -0.0601 901  ARG A NH2 
492 N  N   . ALA A 66 ? 0.1286 0.1460 0.1389 -0.0005 -0.0146 0.0126  902  ALA A N   
493 C  CA  . ALA A 66 ? 0.1155 0.1455 0.1400 -0.0041 -0.0128 0.0131  902  ALA A CA  
494 C  C   . ALA A 66 ? 0.1089 0.1503 0.1471 -0.0087 -0.0148 0.0120  902  ALA A C   
495 O  O   . ALA A 66 ? 0.0830 0.1513 0.1365 0.0007  -0.0163 0.0102  902  ALA A O   
496 C  CB  . ALA A 66 ? 0.1275 0.1460 0.1423 -0.0032 -0.0185 0.0199  902  ALA A CB  
497 N  N   . ALA A 67 ? 0.1099 0.1530 0.1586 -0.0101 -0.0132 0.0041  903  ALA A N   
498 C  CA  . ALA A 67 ? 0.1139 0.1607 0.1787 -0.0072 -0.0145 -0.0030 903  ALA A CA  
499 C  C   . ALA A 67 ? 0.1217 0.1691 0.1991 -0.0071 -0.0126 -0.0061 903  ALA A C   
500 O  O   . ALA A 67 ? 0.1187 0.1752 0.2128 -0.0082 -0.0104 -0.0147 903  ALA A O   
501 C  CB  . ALA A 67 ? 0.1063 0.1721 0.1819 -0.0129 -0.0160 -0.0032 903  ALA A CB  
502 N  N   . ASP A 68 ? 0.1338 0.1666 0.2121 -0.0050 -0.0159 -0.0050 904  ASP A N   
503 C  CA  . ASP A 68 ? 0.1448 0.1819 0.2303 -0.0025 -0.0162 0.0018  904  ASP A CA  
504 C  C   . ASP A 68 ? 0.1417 0.1796 0.2212 0.0021  -0.0216 0.0033  904  ASP A C   
505 O  O   . ASP A 68 ? 0.1517 0.1910 0.2503 0.0124  -0.0190 0.0063  904  ASP A O   
506 C  CB  . ASP A 68 ? 0.1645 0.1942 0.2432 -0.0025 -0.0120 0.0069  904  ASP A CB  
507 C  CG  . ASP A 68 ? 0.2270 0.2285 0.2800 -0.0063 0.0135  0.0106  904  ASP A CG  
508 O  OD1 . ASP A 68 ? 0.3029 0.2368 0.3346 -0.0085 0.0116  0.0201  904  ASP A OD1 
509 O  OD2 . ASP A 68 ? 0.3004 0.2890 0.3368 -0.0202 0.0350  0.0388  904  ASP A OD2 
510 N  N   . ALA A 69 ? 0.1243 0.1591 0.1958 -0.0010 -0.0203 0.0060  905  ALA A N   
511 C  CA  . ALA A 69 ? 0.1263 0.1549 0.1796 0.0000  -0.0223 0.0076  905  ALA A CA  
512 C  C   . ALA A 69 ? 0.1269 0.1510 0.1697 -0.0002 -0.0225 0.0052  905  ALA A C   
513 O  O   . ALA A 69 ? 0.1525 0.1610 0.1842 -0.0099 -0.0116 0.0134  905  ALA A O   
514 C  CB  . ALA A 69 ? 0.1307 0.1563 0.1809 -0.0045 -0.0252 0.0032  905  ALA A CB  
515 N  N   . LEU A 70 ? 0.1265 0.1410 0.1540 0.0025  -0.0232 0.0077  906  LEU A N   
516 C  CA  . LEU A 70 ? 0.1140 0.1421 0.1456 -0.0008 -0.0242 0.0030  906  LEU A CA  
517 C  C   . LEU A 70 ? 0.1134 0.1360 0.1419 0.0007  -0.0247 0.0003  906  LEU A C   
518 O  O   . LEU A 70 ? 0.1274 0.1565 0.1737 -0.0075 -0.0204 -0.0091 906  LEU A O   
519 C  CB  . LEU A 70 ? 0.1139 0.1351 0.1403 0.0087  -0.0250 0.0096  906  LEU A CB  
520 C  CG  . LEU A 70 ? 0.1205 0.1467 0.1409 0.0102  -0.0208 0.0039  906  LEU A CG  
521 C  CD1 . LEU A 70 ? 0.1519 0.1532 0.1456 0.0203  -0.0329 0.0156  906  LEU A CD1 
522 C  CD2 . LEU A 70 ? 0.1600 0.1415 0.1862 0.0208  -0.0227 -0.0147 906  LEU A CD2 
523 N  N   . ASN A 71 ? 0.1216 0.1336 0.1320 -0.0028 -0.0287 0.0010  907  ASN A N   
524 C  CA  . ASN A 71 ? 0.1148 0.1394 0.1204 -0.0014 -0.0295 0.0057  907  ASN A CA  
525 C  C   . ASN A 71 ? 0.1227 0.1451 0.1182 0.0003  -0.0270 0.0038  907  ASN A C   
526 O  O   . ASN A 71 ? 0.1254 0.1554 0.1182 0.0015  -0.0312 0.0056  907  ASN A O   
527 C  CB  . ASN A 71 ? 0.1194 0.1365 0.1176 -0.0054 -0.0293 0.0051  907  ASN A CB  
528 C  CG  . ASN A 71 ? 0.1201 0.1452 0.1191 -0.0110 -0.0315 0.0090  907  ASN A CG  
529 O  OD1 . ASN A 71 ? 0.1280 0.1434 0.1301 -0.0012 -0.0329 0.0203  907  ASN A OD1 
530 N  ND2 . ASN A 71 ? 0.1511 0.1898 0.1201 -0.0282 -0.0423 0.0051  907  ASN A ND2 
531 N  N   . SER A 72 ? 0.1286 0.1642 0.1260 0.0013  -0.0262 0.0054  908  SER A N   
532 C  CA  . SER A 72 ? 0.1409 0.1818 0.1266 0.0089  -0.0220 0.0049  908  SER A CA  
533 C  C   . SER A 72 ? 0.1332 0.1805 0.1227 0.0051  -0.0225 0.0053  908  SER A C   
534 O  O   . SER A 72 ? 0.1361 0.1801 0.1174 0.0051  -0.0199 0.0064  908  SER A O   
535 C  CB  . SER A 72 ? 0.1521 0.1907 0.1277 0.0143  -0.0208 0.0079  908  SER A CB  
536 O  OG  . SER A 72 ? 0.1885 0.2305 0.1786 0.0039  -0.0268 -0.0012 908  SER A OG  
537 N  N   . SER A 73 ? 0.1328 0.1779 0.1260 0.0044  -0.0212 0.0027  909  SER A N   
538 C  CA  . SER A 73 ? 0.1247 0.1764 0.1251 0.0000  -0.0195 0.0022  909  SER A CA  
539 C  C   . SER A 73 ? 0.1209 0.1623 0.1217 -0.0064 -0.0150 0.0032  909  SER A C   
540 O  O   . SER A 73 ? 0.1180 0.1637 0.1184 -0.0070 -0.0197 0.0090  909  SER A O   
541 C  CB  . SER A 73 ? 0.1302 0.1895 0.1256 0.0062  -0.0217 0.0035  909  SER A CB  
542 O  OG  . SER A 73 ? 0.1350 0.2170 0.1576 0.0199  -0.0270 -0.0101 909  SER A OG  
543 N  N   . MET A 74 ? 0.1186 0.1457 0.1146 -0.0134 -0.0081 -0.0004 910  MET A N   
544 C  CA  . MET A 74 ? 0.1210 0.1297 0.1033 -0.0144 -0.0029 -0.0046 910  MET A CA  
545 C  C   . MET A 74 ? 0.1201 0.1301 0.1044 -0.0122 -0.0058 -0.0095 910  MET A C   
546 O  O   . MET A 74 ? 0.1231 0.1312 0.1040 -0.0146 -0.0005 -0.0095 910  MET A O   
547 C  CB  . MET A 74 ? 0.1235 0.1268 0.1127 -0.0201 -0.0043 -0.0043 910  MET A CB  
548 C  CG  . MET A 74 ? 0.1561 0.1331 0.1017 -0.0432 0.0089  -0.0111 910  MET A CG  
549 S  SD  . MET A 74 ? 0.2304 0.1751 0.1507 -0.0570 0.0420  0.0069  910  MET A SD  
550 C  CE  . MET A 74 ? 0.2077 0.2200 0.1925 -0.0493 0.0421  0.0029  910  MET A CE  
551 N  N   . LEU A 75 ? 0.1249 0.1366 0.1034 -0.0068 -0.0147 -0.0138 911  LEU A N   
552 C  CA  . LEU A 75 ? 0.1286 0.1383 0.0995 -0.0023 -0.0162 -0.0207 911  LEU A CA  
553 C  C   . LEU A 75 ? 0.1339 0.1445 0.1035 -0.0028 -0.0193 -0.0189 911  LEU A C   
554 O  O   . LEU A 75 ? 0.1304 0.1413 0.1165 0.0000  -0.0205 -0.0211 911  LEU A O   
555 C  CB  . LEU A 75 ? 0.1334 0.1351 0.1110 -0.0055 -0.0192 -0.0206 911  LEU A CB  
556 C  CG  . LEU A 75 ? 0.1334 0.1386 0.1086 -0.0058 -0.0090 -0.0354 911  LEU A CG  
557 C  CD1 . LEU A 75 ? 0.1683 0.1446 0.1708 0.0078  -0.0044 -0.0470 911  LEU A CD1 
558 C  CD2 . LEU A 75 ? 0.1374 0.1727 0.1372 -0.0035 -0.0048 -0.0454 911  LEU A CD2 
559 N  N   . LYS A 76 ? 0.1392 0.1545 0.1034 -0.0020 -0.0160 -0.0149 912  LYS A N   
560 C  CA  . LYS A 76 ? 0.1361 0.1661 0.1109 -0.0004 -0.0149 -0.0071 912  LYS A CA  
561 C  C   . LYS A 76 ? 0.1404 0.1604 0.1040 -0.0017 -0.0136 -0.0036 912  LYS A C   
562 O  O   . LYS A 76 ? 0.1482 0.1647 0.1035 0.0069  -0.0157 -0.0008 912  LYS A O   
563 C  CB  . LYS A 76 ? 0.1409 0.1806 0.1200 0.0047  -0.0097 -0.0065 912  LYS A CB  
564 C  CG  . LYS A 76 ? 0.1474 0.2119 0.1325 0.0142  -0.0127 -0.0183 912  LYS A CG  
565 C  CD  . LYS A 76 ? 0.1541 0.2641 0.1906 0.0340  -0.0050 -0.0121 912  LYS A CD  
566 C  CE  . LYS A 76 ? 0.2119 0.2663 0.1946 0.0236  -0.0159 -0.0105 912  LYS A CE  
567 N  NZ  . LYS A 76 ? 0.2161 0.3356 0.2376 0.0238  -0.0148 0.0006  912  LYS A NZ  
568 N  N   . ASP A 77 ? 0.1351 0.1509 0.1029 -0.0109 -0.0182 -0.0035 913  ASP A N   
569 C  CA  . ASP A 77 ? 0.1412 0.1490 0.1080 -0.0198 -0.0166 -0.0036 913  ASP A CA  
570 C  C   . ASP A 77 ? 0.1345 0.1350 0.0972 -0.0266 -0.0146 -0.0045 913  ASP A C   
571 O  O   . ASP A 77 ? 0.1368 0.1404 0.0969 -0.0318 -0.0137 0.0013  913  ASP A O   
572 C  CB  . ASP A 77 ? 0.1502 0.1506 0.1131 -0.0205 -0.0180 -0.0011 913  ASP A CB  
573 C  CG  . ASP A 77 ? 0.1917 0.1817 0.1583 -0.0214 -0.0136 -0.0065 913  ASP A CG  
574 O  OD1 . ASP A 77 ? 0.2436 0.2276 0.1999 -0.0422 -0.0393 0.0173  913  ASP A OD1 
575 O  OD2 . ASP A 77 ? 0.2655 0.2519 0.2646 -0.0073 0.0175  -0.0275 913  ASP A OD2 
576 N  N   . PHE A 78 ? 0.1268 0.1285 0.0861 -0.0311 -0.0099 -0.0084 914  PHE A N   
577 C  CA  . PHE A 78 ? 0.1214 0.1101 0.0836 -0.0348 -0.0077 -0.0096 914  PHE A CA  
578 C  C   . PHE A 78 ? 0.1236 0.1004 0.0795 -0.0315 -0.0058 -0.0149 914  PHE A C   
579 O  O   . PHE A 78 ? 0.1193 0.1027 0.0794 -0.0248 -0.0085 -0.0135 914  PHE A O   
580 C  CB  . PHE A 78 ? 0.1257 0.1077 0.0786 -0.0399 -0.0022 -0.0048 914  PHE A CB  
581 C  CG  . PHE A 78 ? 0.1320 0.1283 0.0842 -0.0474 -0.0063 -0.0164 914  PHE A CG  
582 C  CD1 . PHE A 78 ? 0.2114 0.1619 0.0719 -0.0762 -0.0127 -0.0160 914  PHE A CD1 
583 C  CD2 . PHE A 78 ? 0.1701 0.1467 0.0777 -0.0491 0.0020  0.0028  914  PHE A CD2 
584 C  CE1 . PHE A 78 ? 0.2641 0.1825 0.0994 -0.0954 -0.0035 0.0132  914  PHE A CE1 
585 C  CE2 . PHE A 78 ? 0.2065 0.1680 0.0776 -0.0620 -0.0042 -0.0090 914  PHE A CE2 
586 C  CZ  . PHE A 78 ? 0.2436 0.1752 0.1176 -0.0959 -0.0023 0.0056  914  PHE A CZ  
587 N  N   . LEU A 79 ? 0.1266 0.0929 0.0799 -0.0327 -0.0059 -0.0129 915  LEU A N   
588 C  CA  . LEU A 79 ? 0.1175 0.0799 0.0782 -0.0377 -0.0121 -0.0165 915  LEU A CA  
589 C  C   . LEU A 79 ? 0.1171 0.0811 0.0745 -0.0405 -0.0103 -0.0157 915  LEU A C   
590 O  O   . LEU A 79 ? 0.1173 0.0956 0.0850 -0.0500 -0.0243 -0.0145 915  LEU A O   
591 C  CB  . LEU A 79 ? 0.1224 0.0777 0.0798 -0.0384 -0.0047 -0.0178 915  LEU A CB  
592 C  CG  . LEU A 79 ? 0.0998 0.0780 0.1167 -0.0428 -0.0144 -0.0309 915  LEU A CG  
593 C  CD1 . LEU A 79 ? 0.1407 0.0940 0.1002 -0.0325 -0.0139 -0.0472 915  LEU A CD1 
594 C  CD2 . LEU A 79 ? 0.0975 0.1053 0.1759 -0.0364 -0.0148 -0.0243 915  LEU A CD2 
595 N  N   . SER A 80 ? 0.1134 0.0802 0.0833 -0.0350 -0.0050 -0.0193 916  SER A N   
596 C  CA  . SER A 80 ? 0.1149 0.0805 0.0874 -0.0351 0.0001  -0.0267 916  SER A CA  
597 C  C   . SER A 80 ? 0.1189 0.0814 0.0846 -0.0329 0.0007  -0.0302 916  SER A C   
598 O  O   . SER A 80 ? 0.1271 0.0861 0.0870 -0.0379 -0.0005 -0.0347 916  SER A O   
599 C  CB  . SER A 80 ? 0.1180 0.0946 0.0881 -0.0343 -0.0001 -0.0319 916  SER A CB  
600 O  OG  . SER A 80 ? 0.1396 0.0967 0.1063 -0.0339 -0.0080 -0.0357 916  SER A OG  
601 N  N   . GLN A 81 ? 0.1134 0.0752 0.0869 -0.0307 0.0052  -0.0330 917  GLN A N   
602 C  CA  . GLN A 81 ? 0.1183 0.0884 0.0869 -0.0299 -0.0042 -0.0359 917  GLN A CA  
603 C  C   . GLN A 81 ? 0.1193 0.0907 0.0911 -0.0352 -0.0051 -0.0310 917  GLN A C   
604 O  O   . GLN A 81 ? 0.1288 0.0946 0.0887 -0.0425 -0.0095 -0.0415 917  GLN A O   
605 C  CB  . GLN A 81 ? 0.1265 0.0939 0.0963 -0.0289 0.0016  -0.0305 917  GLN A CB  
606 C  CG  . GLN A 81 ? 0.1231 0.1176 0.1067 -0.0352 -0.0117 -0.0453 917  GLN A CG  
607 C  CD  . GLN A 81 ? 0.1367 0.1440 0.1321 -0.0371 -0.0070 -0.0561 917  GLN A CD  
608 O  OE1 . GLN A 81 ? 0.1512 0.1686 0.1496 -0.0257 -0.0148 -0.0466 917  GLN A OE1 
609 N  NE2 . GLN A 81 ? 0.1337 0.1894 0.1489 -0.0210 -0.0147 -0.0475 917  GLN A NE2 
610 N  N   . PRO A 82 ? 0.1128 0.0887 0.0903 -0.0340 -0.0128 -0.0289 918  PRO A N   
611 C  CA  . PRO A 82 ? 0.1120 0.0890 0.1109 -0.0292 -0.0087 -0.0162 918  PRO A CA  
612 C  C   . PRO A 82 ? 0.1182 0.0960 0.1220 -0.0261 -0.0070 -0.0111 918  PRO A C   
613 O  O   . PRO A 82 ? 0.1255 0.1253 0.1480 -0.0293 -0.0050 -0.0004 918  PRO A O   
614 C  CB  . PRO A 82 ? 0.1105 0.0820 0.1137 -0.0290 -0.0116 -0.0224 918  PRO A CB  
615 C  CG  . PRO A 82 ? 0.1042 0.0973 0.0924 -0.0255 -0.0129 -0.0213 918  PRO A CG  
616 C  CD  . PRO A 82 ? 0.1270 0.0785 0.1020 -0.0375 -0.0130 -0.0300 918  PRO A CD  
617 N  N   . SER A 83 ? 0.1259 0.0937 0.1327 -0.0248 0.0042  -0.0130 919  SER A N   
618 C  CA  . SER A 83 ? 0.1448 0.0863 0.1408 -0.0231 0.0052  -0.0102 919  SER A CA  
619 C  C   . SER A 83 ? 0.1358 0.0825 0.1349 -0.0200 0.0077  -0.0114 919  SER A C   
620 O  O   . SER A 83 ? 0.1405 0.0844 0.1382 -0.0159 0.0118  -0.0124 919  SER A O   
621 C  CB  . SER A 83 ? 0.1581 0.1057 0.1500 -0.0191 0.0076  -0.0037 919  SER A CB  
622 O  OG  . SER A 83 ? 0.2131 0.1339 0.1666 -0.0209 -0.0218 -0.0234 919  SER A OG  
623 N  N   . LEU A 84 ? 0.1279 0.0731 0.1263 -0.0213 0.0124  -0.0128 920  LEU A N   
624 C  CA  . LEU A 84 ? 0.1222 0.0706 0.1193 -0.0231 0.0145  -0.0206 920  LEU A CA  
625 C  C   . LEU A 84 ? 0.1221 0.0739 0.1240 -0.0259 0.0140  -0.0153 920  LEU A C   
626 O  O   . LEU A 84 ? 0.1189 0.0867 0.1288 -0.0206 0.0190  -0.0030 920  LEU A O   
627 C  CB  . LEU A 84 ? 0.1202 0.0867 0.1160 -0.0194 0.0172  -0.0265 920  LEU A CB  
628 C  CG  . LEU A 84 ? 0.1292 0.0865 0.1071 -0.0237 0.0150  -0.0329 920  LEU A CG  
629 C  CD1 . LEU A 84 ? 0.1435 0.1307 0.0984 -0.0361 0.0006  -0.0264 920  LEU A CD1 
630 C  CD2 . LEU A 84 ? 0.1464 0.1115 0.1106 -0.0089 0.0089  -0.0686 920  LEU A CD2 
631 N  N   . GLY A 85 ? 0.1195 0.0758 0.1221 -0.0318 0.0158  -0.0137 921  GLY A N   
632 C  CA  . GLY A 85 ? 0.1289 0.0746 0.1290 -0.0329 0.0180  -0.0097 921  GLY A CA  
633 C  C   . GLY A 85 ? 0.1204 0.0753 0.1303 -0.0311 0.0151  -0.0048 921  GLY A C   
634 O  O   . GLY A 85 ? 0.1285 0.0735 0.1328 -0.0268 0.0118  -0.0027 921  GLY A O   
635 N  N   . LEU A 86 ? 0.1196 0.0768 0.1326 -0.0329 0.0143  -0.0031 922  LEU A N   
636 C  CA  . LEU A 86 ? 0.1105 0.0861 0.1318 -0.0333 0.0145  -0.0003 922  LEU A CA  
637 C  C   . LEU A 86 ? 0.1091 0.0883 0.1333 -0.0307 0.0144  0.0000  922  LEU A C   
638 O  O   . LEU A 86 ? 0.1031 0.1001 0.1572 -0.0317 0.0277  0.0080  922  LEU A O   
639 C  CB  . LEU A 86 ? 0.1152 0.0984 0.1330 -0.0341 0.0161  -0.0026 922  LEU A CB  
640 C  CG  . LEU A 86 ? 0.1049 0.1263 0.1233 -0.0357 0.0128  -0.0065 922  LEU A CG  
641 C  CD1 . LEU A 86 ? 0.1367 0.1800 0.1312 -0.0234 0.0027  -0.0185 922  LEU A CD1 
642 C  CD2 . LEU A 86 ? 0.1242 0.1461 0.1451 -0.0280 -0.0026 -0.0061 922  LEU A CD2 
643 N  N   . LEU A 87 ? 0.1061 0.0786 0.1248 -0.0306 0.0145  -0.0060 923  LEU A N   
644 C  CA  . LEU A 87 ? 0.0993 0.0815 0.1131 -0.0248 0.0106  -0.0051 923  LEU A CA  
645 C  C   . LEU A 87 ? 0.0939 0.0790 0.1135 -0.0197 0.0086  -0.0046 923  LEU A C   
646 O  O   . LEU A 87 ? 0.1025 0.0859 0.1221 -0.0202 0.0103  0.0005  923  LEU A O   
647 C  CB  . LEU A 87 ? 0.1028 0.0867 0.1211 -0.0231 0.0111  -0.0064 923  LEU A CB  
648 C  CG  . LEU A 87 ? 0.1046 0.1196 0.1062 -0.0254 0.0123  0.0003  923  LEU A CG  
649 C  CD1 . LEU A 87 ? 0.1204 0.1179 0.1240 -0.0176 0.0097  -0.0060 923  LEU A CD1 
650 C  CD2 . LEU A 87 ? 0.1404 0.1713 0.1308 -0.0269 0.0197  0.0161  923  LEU A CD2 
651 N  N   . VAL A 88 ? 0.0916 0.0725 0.1059 -0.0206 0.0112  -0.0099 924  VAL A N   
652 C  CA  . VAL A 88 ? 0.0895 0.0755 0.1069 -0.0222 0.0113  -0.0037 924  VAL A CA  
653 C  C   . VAL A 88 ? 0.0853 0.0802 0.1125 -0.0230 0.0095  -0.0118 924  VAL A C   
654 O  O   . VAL A 88 ? 0.0900 0.0768 0.1181 -0.0241 0.0047  -0.0134 924  VAL A O   
655 C  CB  . VAL A 88 ? 0.0863 0.0911 0.1095 -0.0218 0.0105  0.0013  924  VAL A CB  
656 C  CG1 . VAL A 88 ? 0.0846 0.1117 0.1223 -0.0224 0.0146  0.0091  924  VAL A CG1 
657 C  CG2 . VAL A 88 ? 0.1179 0.0849 0.1118 -0.0143 0.0017  0.0239  924  VAL A CG2 
658 N  N   . ARG A 89 ? 0.0885 0.0801 0.1112 -0.0211 0.0092  -0.0111 925  ARG A N   
659 C  CA  . ARG A 89 ? 0.0975 0.0897 0.1142 -0.0230 0.0039  -0.0160 925  ARG A CA  
660 C  C   . ARG A 89 ? 0.1000 0.0999 0.1104 -0.0217 0.0026  -0.0221 925  ARG A C   
661 O  O   . ARG A 89 ? 0.0889 0.0938 0.1090 -0.0177 0.0003  -0.0306 925  ARG A O   
662 C  CB  . ARG A 89 ? 0.1048 0.0944 0.1260 -0.0235 0.0049  -0.0118 925  ARG A CB  
663 C  CG  . ARG A 89 ? 0.1116 0.0943 0.1667 -0.0249 0.0111  -0.0190 925  ARG A CG  
664 C  CD  . ARG A 89 ? 0.1665 0.1309 0.2023 -0.0329 0.0092  0.0071  925  ARG A CD  
665 N  NE  . ARG A 89 ? 0.1495 0.1025 0.2477 -0.0352 0.0345  0.0157  925  ARG A NE  
666 C  CZ  . ARG A 89 ? 0.2023 0.1252 0.2631 -0.0098 0.0350  0.0191  925  ARG A CZ  
667 N  NH1 . ARG A 89 ? 0.1974 0.1504 0.2575 -0.0136 0.0391  0.0209  925  ARG A NH1 
668 N  NH2 . ARG A 89 ? 0.2301 0.1900 0.2910 0.0091  0.0243  0.0256  925  ARG A NH2 
669 N  N   . THR A 90 ? 0.1126 0.1113 0.1082 -0.0114 -0.0006 -0.0227 926  THR A N   
670 C  CA  . THR A 90 ? 0.1355 0.1341 0.1134 -0.0142 -0.0006 -0.0239 926  THR A CA  
671 C  C   . THR A 90 ? 0.1449 0.1459 0.1222 -0.0146 -0.0055 -0.0201 926  THR A C   
672 O  O   . THR A 90 ? 0.1526 0.1496 0.1181 -0.0262 -0.0008 -0.0207 926  THR A O   
673 C  CB  . THR A 90 ? 0.1316 0.1407 0.1107 -0.0104 -0.0027 -0.0199 926  THR A CB  
674 O  OG1 . THR A 90 ? 0.1561 0.1688 0.1174 -0.0048 -0.0045 -0.0375 926  THR A OG1 
675 C  CG2 . THR A 90 ? 0.1158 0.1402 0.1125 -0.0194 -0.0113 -0.0341 926  THR A CG2 
676 N  N   . TYR A 91 ? 0.1660 0.1518 0.1406 -0.0198 -0.0129 -0.0203 927  TYR A N   
677 C  CA  . TYR A 91 ? 0.1797 0.1728 0.1566 -0.0184 -0.0204 -0.0186 927  TYR A CA  
678 C  C   . TYR A 91 ? 0.1918 0.1804 0.1663 -0.0190 -0.0231 -0.0158 927  TYR A C   
679 O  O   . TYR A 91 ? 0.1958 0.1852 0.1776 -0.0268 -0.0279 -0.0125 927  TYR A O   
680 C  CB  . TYR A 91 ? 0.1857 0.1708 0.1484 -0.0162 -0.0252 -0.0191 927  TYR A CB  
681 C  CG  . TYR A 91 ? 0.1986 0.1890 0.1500 -0.0099 -0.0274 -0.0181 927  TYR A CG  
682 C  CD1 . TYR A 91 ? 0.2049 0.1976 0.1398 -0.0031 -0.0333 -0.0197 927  TYR A CD1 
683 C  CD2 . TYR A 91 ? 0.2253 0.2025 0.1624 -0.0106 -0.0295 -0.0110 927  TYR A CD2 
684 C  CE1 . TYR A 91 ? 0.2234 0.2184 0.1571 -0.0037 -0.0416 -0.0051 927  TYR A CE1 
685 C  CE2 . TYR A 91 ? 0.2265 0.2355 0.1669 -0.0151 -0.0444 -0.0071 927  TYR A CE2 
686 C  CZ  . TYR A 91 ? 0.2252 0.2456 0.1741 -0.0171 -0.0348 0.0045  927  TYR A CZ  
687 O  OH  . TYR A 91 ? 0.2509 0.2774 0.2001 -0.0073 -0.0417 0.0102  927  TYR A OH  
688 N  N   . PRO A 92 ? 0.2037 0.1939 0.1807 -0.0126 -0.0147 -0.0121 928  PRO A N   
689 C  CA  . PRO A 92 ? 0.2123 0.2104 0.1918 -0.0111 -0.0165 -0.0118 928  PRO A CA  
690 C  C   . PRO A 92 ? 0.2263 0.2228 0.2047 -0.0038 -0.0104 -0.0119 928  PRO A C   
691 O  O   . PRO A 92 ? 0.2304 0.2338 0.1943 0.0041  -0.0193 -0.0077 928  PRO A O   
692 C  CB  . PRO A 92 ? 0.2118 0.2091 0.1926 -0.0093 -0.0107 -0.0128 928  PRO A CB  
693 C  CG  . PRO A 92 ? 0.2101 0.2183 0.1975 -0.0118 -0.0121 -0.0099 928  PRO A CG  
694 C  CD  . PRO A 92 ? 0.2109 0.2046 0.1861 -0.0172 -0.0175 -0.0097 928  PRO A CD  
695 N  N   . GLU A 93 ? 0.2459 0.2414 0.2256 0.0001  -0.0114 -0.0111 929  GLU A N   
696 C  CA  . GLU A 93 ? 0.2618 0.2663 0.2543 0.0023  -0.0012 -0.0106 929  GLU A CA  
697 C  C   . GLU A 93 ? 0.2657 0.2736 0.2584 0.0031  -0.0027 -0.0142 929  GLU A C   
698 O  O   . GLU A 93 ? 0.2714 0.2839 0.2646 0.0037  -0.0027 -0.0225 929  GLU A O   
704 N  N   . LEU A 94 ? 0.2679 0.2821 0.2591 0.0027  -0.0002 -0.0134 930  LEU A N   
705 C  CA  . LEU A 94 ? 0.2777 0.2866 0.2659 -0.0003 0.0024  -0.0122 930  LEU A CA  
706 C  C   . LEU A 94 ? 0.2825 0.2975 0.2682 0.0008  0.0037  -0.0170 930  LEU A C   
707 O  O   . LEU A 94 ? 0.2913 0.3173 0.2733 0.0024  0.0079  -0.0231 930  LEU A O   
712 N  N   . THR B 1  ? 0.1768 0.1548 0.2035 -0.0163 -0.0230 -0.0127 1    THR B N   
713 C  CA  . THR B 1  ? 0.1745 0.1698 0.2146 -0.0127 -0.0206 -0.0139 1    THR B CA  
714 C  C   . THR B 1  ? 0.1707 0.1714 0.2081 -0.0125 -0.0178 -0.0159 1    THR B C   
715 O  O   . THR B 1  ? 0.1727 0.1776 0.2076 -0.0109 -0.0126 -0.0178 1    THR B O   
716 C  CB  . THR B 1  ? 0.1841 0.1731 0.2132 -0.0075 -0.0237 -0.0133 1    THR B CB  
717 O  OG1 . THR B 1  ? 0.2104 0.1950 0.2306 -0.0135 -0.0319 -0.0047 1    THR B OG1 
718 C  CG2 . THR B 1  ? 0.1944 0.1767 0.2266 0.0022  -0.0257 -0.0169 1    THR B CG2 
719 N  N   . LYS B 2  ? 0.1659 0.1674 0.2108 -0.0156 -0.0156 -0.0170 2    LYS B N   
720 C  CA  . LYS B 2  ? 0.1654 0.1756 0.2150 -0.0159 -0.0148 -0.0179 2    LYS B CA  
721 C  C   . LYS B 2  ? 0.1645 0.1861 0.2360 -0.0176 -0.0130 -0.0144 2    LYS B C   
722 O  O   . LYS B 2  ? 0.1696 0.1991 0.2335 -0.0201 -0.0126 -0.0163 2    LYS B O   
723 C  CB  . LYS B 2  ? 0.1670 0.1761 0.2157 -0.0167 -0.0125 -0.0151 2    LYS B CB  
724 C  CG  . LYS B 2  ? 0.1874 0.1800 0.1857 -0.0111 -0.0161 -0.0044 2    LYS B CG  
725 C  CD  . LYS B 2  ? 0.2132 0.1858 0.1632 0.0091  -0.0044 -0.0036 2    LYS B CD  
726 C  CE  . LYS B 2  ? 0.2312 0.2056 0.1694 0.0138  -0.0107 0.0035  2    LYS B CE  
727 N  NZ  . LYS B 2  ? 0.2431 0.2331 0.1353 0.0393  -0.0089 0.0041  2    LYS B NZ  
728 N  N   . GLN B 3  ? 0.1670 0.1937 0.2546 -0.0174 -0.0153 -0.0149 3    GLN B N   
729 C  CA  . GLN B 3  ? 0.1669 0.2041 0.2869 -0.0181 -0.0139 0.0003  3    GLN B CA  
730 C  C   . GLN B 3  ? 0.1736 0.1987 0.3011 -0.0115 -0.0141 0.0061  3    GLN B C   
731 O  O   . GLN B 3  ? 0.1743 0.2141 0.3191 -0.0193 -0.0116 0.0166  3    GLN B O   
732 C  CB  . GLN B 3  ? 0.1838 0.2165 0.2937 -0.0141 -0.0164 -0.0086 3    GLN B CB  
733 C  CG  . GLN B 3  ? 0.1995 0.2398 0.3293 -0.0228 -0.0119 0.0048  3    GLN B CG  
734 C  CD  . GLN B 3  ? 0.2605 0.2884 0.3550 -0.0068 -0.0146 -0.0082 3    GLN B CD  
735 O  OE1 . GLN B 3  ? 0.2961 0.3088 0.3857 0.0136  -0.0118 -0.0073 3    GLN B OE1 
736 N  NE2 . GLN B 3  ? 0.2370 0.2963 0.3776 -0.0164 -0.0228 -0.0010 3    GLN B NE2 
737 N  N   . GLU B 4  ? 0.1749 0.1905 0.3027 -0.0167 -0.0159 0.0155  4    GLU B N   
738 C  CA  . GLU B 4  ? 0.1756 0.1764 0.2897 -0.0112 -0.0138 0.0103  4    GLU B CA  
739 C  C   . GLU B 4  ? 0.1583 0.1515 0.2642 -0.0127 -0.0111 0.0113  4    GLU B C   
740 O  O   . GLU B 4  ? 0.1465 0.1377 0.2628 -0.0081 -0.0058 0.0066  4    GLU B O   
741 C  CB  . GLU B 4  ? 0.1883 0.1926 0.2952 -0.0118 -0.0198 0.0078  4    GLU B CB  
742 C  CG  . GLU B 4  ? 0.2391 0.2221 0.3004 -0.0081 -0.0096 0.0052  4    GLU B CG  
743 C  CD  . GLU B 4  ? 0.2722 0.2811 0.3202 -0.0123 -0.0188 0.0089  4    GLU B CD  
744 O  OE1 . GLU B 4  ? 0.3261 0.3249 0.3244 0.0050  0.0006  -0.0111 4    GLU B OE1 
745 O  OE2 . GLU B 4  ? 0.3151 0.2781 0.3289 -0.0150 0.0132  0.0302  4    GLU B OE2 
746 N  N   . GLU B 5  ? 0.1448 0.1366 0.2409 -0.0142 -0.0023 0.0074  5    GLU B N   
747 C  CA  . GLU B 5  ? 0.1414 0.1257 0.1857 -0.0153 -0.0073 0.0030  5    GLU B CA  
748 C  C   . GLU B 5  ? 0.1193 0.1005 0.1542 -0.0089 -0.0056 0.0002  5    GLU B C   
749 O  O   . GLU B 5  ? 0.1050 0.0818 0.1284 0.0024  -0.0072 -0.0024 5    GLU B O   
750 C  CB  . GLU B 5  ? 0.1630 0.1524 0.1973 -0.0268 0.0008  -0.0048 5    GLU B CB  
751 C  CG  . GLU B 5  ? 0.1990 0.2028 0.2148 -0.0039 -0.0021 0.0002  5    GLU B CG  
752 C  CD  . GLU B 5  ? 0.2409 0.2414 0.2278 -0.0381 -0.0223 -0.0176 5    GLU B CD  
753 O  OE1 . GLU B 5  ? 0.2520 0.2883 0.2356 -0.0626 -0.0071 -0.0139 5    GLU B OE1 
754 O  OE2 . GLU B 5  ? 0.2635 0.2307 0.2597 0.0092  -0.0014 0.0198  5    GLU B OE2 
755 N  N   . PHE B 6  ? 0.1009 0.0779 0.1177 -0.0038 -0.0079 0.0029  6    PHE B N   
756 C  CA  . PHE B 6  ? 0.1170 0.0802 0.1005 0.0018  -0.0169 -0.0040 6    PHE B CA  
757 C  C   . PHE B 6  ? 0.1093 0.0791 0.1004 -0.0006 -0.0133 -0.0003 6    PHE B C   
758 O  O   . PHE B 6  ? 0.1083 0.0888 0.1019 -0.0060 -0.0137 0.0123  6    PHE B O   
759 C  CB  . PHE B 6  ? 0.1222 0.0914 0.0989 0.0062  -0.0185 -0.0103 6    PHE B CB  
760 C  CG  . PHE B 6  ? 0.1320 0.1224 0.1096 0.0131  -0.0195 -0.0129 6    PHE B CG  
761 C  CD1 . PHE B 6  ? 0.1352 0.1344 0.1089 -0.0024 -0.0417 -0.0188 6    PHE B CD1 
762 C  CD2 . PHE B 6  ? 0.1791 0.1557 0.1100 0.0131  -0.0264 -0.0135 6    PHE B CD2 
763 C  CE1 . PHE B 6  ? 0.1574 0.1585 0.1380 0.0067  -0.0417 -0.0199 6    PHE B CE1 
764 C  CE2 . PHE B 6  ? 0.1614 0.1653 0.1359 0.0217  -0.0278 -0.0238 6    PHE B CE2 
765 C  CZ  . PHE B 6  ? 0.1901 0.1763 0.1361 0.0051  -0.0312 -0.0088 6    PHE B CZ  
766 N  N   . PTR B 7  ? 0.1011 0.0686 0.0816 0.0047  -0.0104 0.0039  7    PTR B N   
767 C  CA  . PTR B 7  ? 0.1028 0.0595 0.0673 0.0051  -0.0102 -0.0048 7    PTR B CA  
768 C  C   . PTR B 7  ? 0.0926 0.0588 0.0699 0.0029  -0.0103 -0.0045 7    PTR B C   
769 O  O   . PTR B 7  ? 0.0849 0.0709 0.0653 0.0011  0.0026  -0.0021 7    PTR B O   
770 C  CB  . PTR B 7  ? 0.1174 0.0591 0.0586 0.0085  -0.0121 -0.0039 7    PTR B CB  
771 C  CG  . PTR B 7  ? 0.1163 0.0668 0.0656 0.0186  -0.0158 0.0012  7    PTR B CG  
772 C  CD1 . PTR B 7  ? 0.1300 0.0944 0.0671 0.0155  -0.0089 -0.0120 7    PTR B CD1 
773 C  CD2 . PTR B 7  ? 0.1524 0.0620 0.0767 0.0192  -0.0133 0.0145  7    PTR B CD2 
774 C  CE1 . PTR B 7  ? 0.1505 0.0943 0.0926 0.0150  -0.0137 0.0174  7    PTR B CE1 
775 C  CE2 . PTR B 7  ? 0.1581 0.0905 0.0769 0.0277  -0.0056 0.0310  7    PTR B CE2 
776 C  CZ  . PTR B 7  ? 0.1659 0.1157 0.0979 0.0072  -0.0136 0.0219  7    PTR B CZ  
777 O  OH  . PTR B 7  ? 0.1936 0.1377 0.1123 0.0129  -0.0193 0.0203  7    PTR B OH  
778 P  P   . PTR B 7  ? 0.1839 0.1403 0.1150 0.0033  -0.0254 0.0039  7    PTR B P   
779 O  O1P . PTR B 7  ? 0.1832 0.1401 0.1031 -0.0015 -0.0217 -0.0041 7    PTR B O1P 
780 O  O2P . PTR B 7  ? 0.1965 0.1631 0.0951 0.0163  -0.0403 0.0057  7    PTR B O2P 
781 O  O3P . PTR B 7  ? 0.2134 0.1660 0.1294 0.0097  -0.0259 0.0349  7    PTR B O3P 
782 N  N   . ALA B 8  ? 0.0826 0.0586 0.0806 0.0031  -0.0146 -0.0087 8    ALA B N   
783 C  CA  . ALA B 8  ? 0.0870 0.0602 0.0876 0.0058  -0.0124 -0.0138 8    ALA B CA  
784 C  C   . ALA B 8  ? 0.0889 0.0657 0.0906 0.0045  -0.0140 -0.0149 8    ALA B C   
785 O  O   . ALA B 8  ? 0.0966 0.0713 0.0932 0.0089  -0.0028 -0.0034 8    ALA B O   
786 C  CB  . ALA B 8  ? 0.0870 0.0869 0.0867 0.0027  -0.0214 -0.0134 8    ALA B CB  
787 O  OXT . ALA B 8  ? 0.0973 0.0868 0.1028 0.0107  -0.0103 -0.0147 8    ALA B OXT 
788 CL CL  . CL  C .  ? 0.0791 0.0729 0.2875 -0.0082 -0.0343 0.0433  1001 CL  A CL  
789 C  C1  . ANS D .  ? 0.2036 0.1419 0.1811 -0.0593 -0.0515 -0.0221 101  ANS B C1  
790 C  C2  . ANS D .  ? 0.2066 0.1545 0.1924 -0.0781 -0.0498 -0.0250 101  ANS B C2  
791 C  C3  . ANS D .  ? 0.2124 0.1531 0.2033 -0.0631 -0.0401 -0.0379 101  ANS B C3  
792 C  C4  . ANS D .  ? 0.2100 0.1730 0.2010 -0.0644 -0.0366 -0.0356 101  ANS B C4  
793 C  C4A . ANS D .  ? 0.2065 0.1804 0.1847 -0.0551 -0.0408 -0.0422 101  ANS B C4A 
794 C  C5  . ANS D .  ? 0.2204 0.2215 0.1934 -0.0470 -0.0361 -0.0347 101  ANS B C5  
795 C  C6  . ANS D .  ? 0.2096 0.2104 0.1931 -0.0526 -0.0202 -0.0330 101  ANS B C6  
796 C  C7  . ANS D .  ? 0.2209 0.1919 0.1888 -0.0561 -0.0157 -0.0468 101  ANS B C7  
797 C  C8  . ANS D .  ? 0.2224 0.1879 0.1771 -0.0554 -0.0244 -0.0410 101  ANS B C8  
798 C  C8A . ANS D .  ? 0.2162 0.1685 0.1907 -0.0679 -0.0431 -0.0335 101  ANS B C8A 
799 N  N   . ANS D .  ? 0.2188 0.2239 0.2039 -0.0435 -0.0303 -0.0359 101  ANS B N   
800 C  CM1 . ANS D .  ? 0.2269 0.2515 0.2193 -0.0455 -0.0239 -0.0313 101  ANS B CM1 
801 C  CM2 . ANS D .  ? 0.2256 0.2329 0.2170 -0.0425 -0.0316 -0.0355 101  ANS B CM2 
802 S  S   . ANS D .  ? 0.2029 0.1613 0.1794 -0.0493 -0.0486 0.0006  101  ANS B S   
803 O  O1S . ANS D .  ? 0.1991 0.1350 0.2139 -0.0630 -0.0609 -0.0107 101  ANS B O1S 
804 O  O2S . ANS D .  ? 0.2035 0.1731 0.1605 -0.0474 -0.0434 0.0056  101  ANS B O2S 
805 CL CL  . CL  E .  ? 0.2590 0.1218 0.1101 -0.0391 0.0865  -0.0320 102  CL  B CL  
806 NA NA  . NA  F .  ? 0.2323 0.2349 0.2414 -0.0334 0.0769  -0.0514 103  NA  B NA  
# 
